data_3E9H
#
_entry.id   3E9H
#
_cell.length_a   79.636
_cell.length_b   83.209
_cell.length_c   150.815
_cell.angle_alpha   90.00
_cell.angle_beta   89.95
_cell.angle_gamma   90.00
#
_symmetry.space_group_name_H-M   'P 1 21 1'
#
loop_
_entity.id
_entity.type
_entity.pdbx_description
1 polymer 'Lysyl-tRNA synthetase'
2 non-polymer 'MAGNESIUM ION'
3 non-polymer "5'-O-[(L-LYSYLAMINO)SULFONYL]ADENOSINE"
4 water water
#
_entity_poly.entity_id   1
_entity_poly.type   'polypeptide(L)'
_entity_poly.pdbx_seq_one_letter_code
;SHEELNDQLRVRREKLKKIEELGVDPFGKRFERTHKAEELFELYGDLSKEELEEQQIEVAVAGRIMTKRGMGKAGFAHIQ
DVTGQIQIYVRQDDVGEQQYELFKISDLGDIVGVRGTMFKTKVGELSIKVSSYEFLTKALRPLPEKYHGLKDIEQRYRQR
YLDLIMNPESKKTFITRSLIIQSMRRYLDSHGYLEVETPMMHAVAGGAAARPFITHHNALDMTLYMRIAIELHLKRLIVG
GLEKVYEIGRVFRNEGISTRHNPEFTMLELYEAYADFRDIMKLTENLIAHIATEVLGTTKIQYGEHLVDLTPEWRRLHMV
DAIKEYVGVDFWRQMSDEEARELAKEHGVEVAPHMTFGHIVNEFFEQKVEDKLIQPTFIYGHPVEISPLAKKNPDDPRFT
DRFELFIVGREHANAFTELNDPIDQRQRFEEQLKEREQGNDEAHEMDEDFLEALEYGMPPTGGLGIGVDRLVMLLTNSPS
IRDVLLFPQMRHK
;
_entity_poly.pdbx_strand_id   A,B,C,D
#
loop_
_chem_comp.id
_chem_comp.type
_chem_comp.name
_chem_comp.formula
KAA non-polymer 5'-O-[(L-LYSYLAMINO)SULFONYL]ADENOSINE 'C16 H26 N8 O7 S'
MG non-polymer 'MAGNESIUM ION' 'Mg 2'
#
# COMPACT_ATOMS: atom_id res chain seq x y z
N GLU A 4 13.22 20.42 -7.75
CA GLU A 4 13.90 20.28 -6.43
C GLU A 4 13.28 19.10 -5.61
N LEU A 5 14.03 18.70 -4.58
CA LEU A 5 13.71 17.60 -3.66
C LEU A 5 14.49 16.28 -4.01
N ASN A 6 14.24 15.69 -5.18
CA ASN A 6 14.95 14.46 -5.59
C ASN A 6 16.46 14.74 -5.78
N ASP A 7 16.91 15.98 -5.58
CA ASP A 7 18.33 16.36 -5.68
C ASP A 7 19.13 15.50 -4.68
N GLN A 8 18.45 14.95 -3.68
CA GLN A 8 19.12 14.07 -2.76
C GLN A 8 19.59 12.79 -3.49
N LEU A 9 19.22 12.63 -4.78
CA LEU A 9 19.71 11.50 -5.58
C LEU A 9 21.21 11.70 -5.73
N ARG A 10 21.64 12.98 -5.73
CA ARG A 10 23.03 13.27 -5.83
C ARG A 10 23.64 12.86 -4.50
N VAL A 11 22.94 13.13 -3.39
CA VAL A 11 23.46 12.74 -2.09
C VAL A 11 23.75 11.25 -2.00
N ARG A 12 22.84 10.40 -2.49
CA ARG A 12 23.07 8.95 -2.43
C ARG A 12 24.24 8.53 -3.32
N ARG A 13 24.30 9.15 -4.50
CA ARG A 13 25.35 8.89 -5.49
C ARG A 13 26.66 9.22 -4.84
N GLU A 14 26.68 10.31 -4.06
CA GLU A 14 27.89 10.72 -3.35
C GLU A 14 28.30 9.63 -2.35
N LYS A 15 27.33 9.23 -1.51
CA LYS A 15 27.60 8.23 -0.47
C LYS A 15 28.16 6.93 -1.04
N LEU A 16 28.08 6.75 -2.34
CA LEU A 16 28.59 5.55 -2.95
C LEU A 16 30.13 5.61 -3.05
N LYS A 17 30.68 6.63 -3.69
CA LYS A 17 32.14 6.70 -3.74
C LYS A 17 32.75 6.75 -2.31
N LYS A 18 32.12 7.43 -1.36
CA LYS A 18 32.67 7.46 -0.01
C LYS A 18 32.79 6.06 0.53
N ILE A 19 31.87 5.18 0.14
CA ILE A 19 31.94 3.84 0.67
C ILE A 19 33.12 3.09 0.08
N GLU A 20 33.43 3.40 -1.17
CA GLU A 20 34.57 2.76 -1.77
C GLU A 20 35.83 3.26 -1.07
N GLU A 21 35.83 4.55 -0.73
CA GLU A 21 36.97 5.15 -0.05
C GLU A 21 37.14 4.44 1.30
N LEU A 22 36.05 3.97 1.87
CA LEU A 22 36.22 3.28 3.14
C LEU A 22 36.82 1.93 2.84
N GLY A 23 36.91 1.62 1.54
CA GLY A 23 37.45 0.37 1.04
C GLY A 23 36.46 -0.80 1.02
N VAL A 24 35.18 -0.44 0.88
CA VAL A 24 34.12 -1.43 0.89
C VAL A 24 33.51 -1.55 -0.46
N ASP A 25 33.10 -2.76 -0.82
CA ASP A 25 32.44 -2.95 -2.10
C ASP A 25 31.00 -2.43 -1.80
N PRO A 26 30.58 -1.29 -2.43
CA PRO A 26 29.24 -0.80 -2.16
C PRO A 26 28.11 -1.73 -2.67
N PHE A 27 28.43 -2.82 -3.37
CA PHE A 27 27.35 -3.74 -3.82
C PHE A 27 27.43 -5.17 -3.30
N GLY A 28 28.30 -5.34 -2.30
CA GLY A 28 28.43 -6.58 -1.57
C GLY A 28 29.00 -7.85 -2.15
N LYS A 29 29.19 -8.79 -1.23
CA LYS A 29 29.72 -10.12 -1.45
C LYS A 29 28.67 -11.07 -0.81
N ARG A 30 28.83 -12.39 -0.94
CA ARG A 30 27.88 -13.31 -0.28
C ARG A 30 27.87 -13.00 1.24
N PHE A 31 26.78 -13.31 1.92
CA PHE A 31 26.73 -13.08 3.36
C PHE A 31 25.97 -14.22 3.98
N GLU A 32 26.58 -15.00 4.87
CA GLU A 32 25.83 -16.15 5.42
C GLU A 32 25.03 -15.67 6.63
N ARG A 33 23.83 -16.20 6.79
CA ARG A 33 22.94 -15.86 7.87
C ARG A 33 22.64 -17.09 8.68
N THR A 34 22.25 -16.90 9.95
CA THR A 34 21.84 -18.02 10.81
C THR A 34 20.28 -18.01 10.94
N HIS A 35 19.68 -16.82 10.80
CA HIS A 35 18.23 -16.68 10.99
C HIS A 35 17.47 -15.62 10.21
N LYS A 36 16.16 -15.84 10.19
CA LYS A 36 15.15 -14.93 9.63
C LYS A 36 14.69 -14.16 10.85
N ALA A 37 14.35 -12.88 10.63
CA ALA A 37 13.86 -12.03 11.72
C ALA A 37 12.75 -12.68 12.58
N GLU A 38 11.74 -13.25 11.95
CA GLU A 38 10.60 -13.84 12.66
C GLU A 38 11.03 -15.04 13.50
N GLU A 39 12.08 -15.72 13.08
CA GLU A 39 12.56 -16.85 13.86
C GLU A 39 13.15 -16.38 15.19
N LEU A 40 13.91 -15.30 15.16
CA LEU A 40 14.54 -14.75 16.35
C LEU A 40 13.42 -14.37 17.34
N PHE A 41 12.34 -13.82 16.83
CA PHE A 41 11.26 -13.48 17.76
C PHE A 41 10.66 -14.74 18.34
N GLU A 42 10.40 -15.70 17.46
CA GLU A 42 9.74 -16.92 17.89
C GLU A 42 10.59 -17.79 18.85
N LEU A 43 11.89 -17.67 18.73
CA LEU A 43 12.79 -18.41 19.58
C LEU A 43 13.17 -17.69 20.86
N TYR A 44 13.38 -16.37 20.75
CA TYR A 44 13.88 -15.62 21.87
C TYR A 44 13.05 -14.50 22.43
N GLY A 45 11.89 -14.25 21.82
CA GLY A 45 11.03 -13.17 22.26
C GLY A 45 10.68 -13.09 23.74
N ASP A 46 10.60 -14.24 24.41
CA ASP A 46 10.23 -14.31 25.84
C ASP A 46 11.37 -14.37 26.83
N LEU A 47 12.62 -14.29 26.38
CA LEU A 47 13.72 -14.31 27.34
C LEU A 47 13.94 -12.84 27.80
N SER A 48 14.19 -12.62 29.09
CA SER A 48 14.38 -11.25 29.56
C SER A 48 15.71 -10.69 29.13
N LYS A 49 15.94 -9.42 29.42
CA LYS A 49 17.19 -8.78 29.09
C LYS A 49 18.32 -9.57 29.77
N GLU A 50 18.04 -10.01 30.99
CA GLU A 50 19.06 -10.71 31.73
C GLU A 50 19.32 -12.13 31.23
N GLU A 51 18.27 -12.92 30.94
CA GLU A 51 18.50 -14.27 30.42
C GLU A 51 19.30 -14.24 29.11
N LEU A 52 19.12 -13.16 28.33
CA LEU A 52 19.79 -13.00 27.05
C LEU A 52 21.26 -12.67 27.20
N GLU A 53 21.63 -11.71 28.06
CA GLU A 53 23.05 -11.42 28.20
C GLU A 53 23.70 -12.69 28.78
N GLU A 54 22.88 -13.45 29.48
CA GLU A 54 23.26 -14.69 30.11
C GLU A 54 23.60 -15.79 29.11
N GLN A 55 22.76 -15.93 28.07
CA GLN A 55 22.95 -16.95 27.04
C GLN A 55 23.82 -16.59 25.84
N GLN A 56 24.14 -15.31 25.69
CA GLN A 56 24.98 -14.88 24.59
C GLN A 56 24.74 -15.62 23.25
N ILE A 57 23.50 -15.55 22.76
CA ILE A 57 23.14 -16.19 21.49
C ILE A 57 23.73 -15.41 20.29
N GLU A 58 24.61 -16.04 19.50
CA GLU A 58 25.24 -15.35 18.32
C GLU A 58 24.36 -15.62 17.12
N VAL A 59 24.11 -14.62 16.28
CA VAL A 59 23.22 -14.84 15.13
C VAL A 59 23.76 -13.95 14.06
N ALA A 60 23.34 -14.19 12.83
CA ALA A 60 23.76 -13.35 11.69
C ALA A 60 22.52 -13.18 10.83
N VAL A 61 22.21 -11.94 10.51
CA VAL A 61 21.03 -11.67 9.73
C VAL A 61 21.35 -10.58 8.69
N ALA A 62 20.48 -10.43 7.69
CA ALA A 62 20.68 -9.38 6.70
C ALA A 62 19.33 -8.84 6.33
N GLY A 63 19.31 -7.57 5.88
CA GLY A 63 18.06 -6.92 5.53
C GLY A 63 18.17 -5.47 5.08
N ARG A 64 17.05 -4.90 4.67
CA ARG A 64 17.03 -3.54 4.17
C ARG A 64 16.75 -2.59 5.34
N ILE A 65 17.52 -1.50 5.40
CA ILE A 65 17.35 -0.55 6.50
C ILE A 65 16.05 0.19 6.26
N MET A 66 15.08 0.02 7.16
CA MET A 66 13.77 0.68 7.06
C MET A 66 13.68 1.96 7.96
N THR A 67 14.39 1.97 9.10
CA THR A 67 14.41 3.15 10.00
C THR A 67 15.73 3.12 10.66
N LYS A 68 16.16 4.29 11.09
CA LYS A 68 17.46 4.43 11.69
C LYS A 68 17.45 5.64 12.64
N ARG A 69 18.12 5.51 13.79
CA ARG A 69 18.24 6.67 14.69
C ARG A 69 19.61 6.63 15.35
N GLY A 70 20.59 7.27 14.73
CA GLY A 70 21.93 7.26 15.29
C GLY A 70 22.20 8.33 16.32
N MET A 71 23.21 9.14 16.00
CA MET A 71 23.66 10.24 16.87
C MET A 71 24.37 9.69 18.12
N GLY A 72 25.55 10.27 18.33
CA GLY A 72 26.39 9.86 19.42
C GLY A 72 27.24 8.80 18.77
N LYS A 73 27.85 7.93 19.58
CA LYS A 73 28.69 6.86 19.09
C LYS A 73 28.00 5.50 19.20
N ALA A 74 26.68 5.53 19.05
CA ALA A 74 25.85 4.35 19.09
C ALA A 74 24.56 4.75 18.37
N GLY A 75 23.98 3.82 17.63
CA GLY A 75 22.73 4.11 16.95
C GLY A 75 21.86 2.86 16.82
N PHE A 76 20.61 3.00 16.35
CA PHE A 76 19.81 1.83 16.11
C PHE A 76 19.31 1.84 14.70
N ALA A 77 18.80 0.69 14.27
CA ALA A 77 18.20 0.60 12.96
C ALA A 77 17.32 -0.60 12.90
N HIS A 78 16.27 -0.50 12.11
CA HIS A 78 15.39 -1.68 11.93
C HIS A 78 15.65 -2.16 10.54
N ILE A 79 15.98 -3.43 10.49
CA ILE A 79 16.35 -4.11 9.28
C ILE A 79 15.28 -5.11 8.96
N GLN A 80 14.97 -5.18 7.67
CA GLN A 80 13.89 -6.00 7.22
C GLN A 80 14.30 -7.10 6.26
N ASP A 81 13.93 -8.34 6.59
CA ASP A 81 14.21 -9.46 5.71
C ASP A 81 12.84 -9.92 5.21
N VAL A 82 12.76 -10.98 4.40
CA VAL A 82 11.46 -11.36 3.89
C VAL A 82 10.42 -11.72 4.96
N THR A 83 10.89 -11.91 6.20
CA THR A 83 10.00 -12.28 7.29
C THR A 83 9.62 -11.18 8.20
N GLY A 84 10.23 -10.03 8.11
CA GLY A 84 9.82 -8.99 9.04
C GLY A 84 11.05 -8.16 9.40
N GLN A 85 10.90 -7.30 10.39
CA GLN A 85 12.02 -6.46 10.79
C GLN A 85 12.63 -6.89 12.12
N ILE A 86 13.88 -6.52 12.36
CA ILE A 86 14.53 -6.79 13.65
C ILE A 86 15.40 -5.54 13.89
N GLN A 87 15.41 -5.05 15.14
CA GLN A 87 16.23 -3.86 15.46
C GLN A 87 17.72 -4.21 15.73
N ILE A 88 18.65 -3.45 15.19
CA ILE A 88 20.05 -3.73 15.48
C ILE A 88 20.60 -2.52 16.31
N TYR A 89 21.49 -2.82 17.25
CA TYR A 89 22.07 -1.80 18.09
C TYR A 89 23.50 -1.78 17.67
N VAL A 90 24.02 -0.64 17.23
CA VAL A 90 25.41 -0.55 16.76
C VAL A 90 26.19 0.52 17.51
N ARG A 91 27.19 0.14 18.32
CA ARG A 91 28.03 1.09 19.11
C ARG A 91 29.45 1.03 18.63
N GLN A 92 30.06 2.19 18.45
CA GLN A 92 31.41 2.26 17.93
C GLN A 92 32.46 1.53 18.76
N ASP A 93 32.20 1.38 20.07
CA ASP A 93 33.07 0.68 20.99
C ASP A 93 33.06 -0.81 20.77
N ASP A 94 32.06 -1.31 20.07
CA ASP A 94 31.95 -2.74 19.79
C ASP A 94 32.51 -3.04 18.41
N VAL A 95 32.03 -2.30 17.41
CA VAL A 95 32.45 -2.58 16.06
C VAL A 95 33.67 -1.82 15.59
N GLY A 96 34.12 -0.85 16.39
CA GLY A 96 35.31 -0.09 16.05
C GLY A 96 35.06 1.04 15.07
N GLU A 97 35.98 2.01 15.10
CA GLU A 97 35.88 3.19 14.23
C GLU A 97 35.47 2.97 12.79
N GLN A 98 36.12 2.04 12.13
CA GLN A 98 35.85 1.83 10.73
C GLN A 98 34.44 1.37 10.37
N GLN A 99 33.99 0.30 11.02
CA GLN A 99 32.65 -0.21 10.77
C GLN A 99 31.61 0.81 11.24
N TYR A 100 31.87 1.51 12.36
CA TYR A 100 30.88 2.51 12.77
C TYR A 100 30.64 3.60 11.62
N GLU A 101 31.71 4.06 10.97
CA GLU A 101 31.61 5.05 9.90
C GLU A 101 30.72 4.47 8.79
N LEU A 102 30.85 3.17 8.61
CA LEU A 102 30.03 2.52 7.61
C LEU A 102 28.56 2.60 8.06
N PHE A 103 28.30 2.33 9.34
CA PHE A 103 26.94 2.38 9.88
C PHE A 103 26.43 3.80 9.71
N LYS A 104 27.24 4.79 10.13
CA LYS A 104 26.82 6.17 10.07
C LYS A 104 26.50 6.62 8.66
N ILE A 105 27.34 6.21 7.71
CA ILE A 105 27.05 6.63 6.37
C ILE A 105 25.87 5.86 5.76
N SER A 106 25.53 4.71 6.34
CA SER A 106 24.37 3.92 5.85
C SER A 106 23.02 4.70 5.84
N ASP A 107 22.27 4.49 4.76
CA ASP A 107 20.96 5.15 4.54
C ASP A 107 19.77 4.22 4.41
N LEU A 108 18.56 4.79 4.63
CA LEU A 108 17.33 4.02 4.51
C LEU A 108 17.32 3.49 3.06
N GLY A 109 16.93 2.22 2.93
CA GLY A 109 16.92 1.61 1.59
C GLY A 109 18.16 0.77 1.44
N ASP A 110 19.29 1.19 2.00
CA ASP A 110 20.51 0.37 1.92
C ASP A 110 20.32 -1.05 2.60
N ILE A 111 21.07 -2.02 2.13
CA ILE A 111 20.98 -3.38 2.65
C ILE A 111 22.30 -3.71 3.30
N VAL A 112 22.22 -4.27 4.48
CA VAL A 112 23.38 -4.64 5.27
C VAL A 112 23.19 -6.03 5.93
N GLY A 113 24.30 -6.56 6.44
CA GLY A 113 24.24 -7.81 7.14
C GLY A 113 24.99 -7.56 8.43
N VAL A 114 24.58 -8.22 9.51
CA VAL A 114 25.27 -8.10 10.78
C VAL A 114 25.39 -9.47 11.47
N ARG A 115 26.40 -9.62 12.32
CA ARG A 115 26.60 -10.78 13.19
C ARG A 115 26.55 -10.07 14.56
N GLY A 116 26.05 -10.76 15.56
CA GLY A 116 25.97 -10.14 16.88
C GLY A 116 25.17 -11.00 17.85
N THR A 117 24.93 -10.52 19.06
CA THR A 117 24.20 -11.37 20.02
C THR A 117 22.76 -10.88 20.30
N MET A 118 21.84 -11.81 20.58
CA MET A 118 20.49 -11.37 20.87
C MET A 118 20.58 -10.56 22.17
N PHE A 119 19.79 -9.49 22.22
CA PHE A 119 19.80 -8.59 23.37
C PHE A 119 18.42 -7.85 23.44
N LYS A 120 18.12 -7.26 24.61
CA LYS A 120 16.91 -6.46 24.81
C LYS A 120 17.33 -5.11 25.44
N THR A 121 16.78 -4.04 24.88
CA THR A 121 17.07 -2.71 25.38
C THR A 121 16.28 -2.59 26.68
N LYS A 122 16.44 -1.46 27.35
CA LYS A 122 15.75 -1.18 28.58
C LYS A 122 14.24 -1.01 28.19
N VAL A 123 13.96 -0.54 26.97
CA VAL A 123 12.55 -0.46 26.59
C VAL A 123 11.96 -1.89 26.36
N GLY A 124 12.81 -2.90 26.16
CA GLY A 124 12.28 -4.26 26.01
C GLY A 124 12.14 -4.86 24.62
N GLU A 125 12.58 -4.13 23.61
CA GLU A 125 12.49 -4.60 22.26
C GLU A 125 13.62 -5.57 21.89
N LEU A 126 13.29 -6.81 21.53
CA LEU A 126 14.33 -7.76 21.12
C LEU A 126 15.16 -7.15 19.98
N SER A 127 16.48 -7.23 20.13
CA SER A 127 17.40 -6.67 19.18
C SER A 127 18.68 -7.54 19.03
N ILE A 128 19.60 -7.07 18.19
CA ILE A 128 20.84 -7.71 17.97
C ILE A 128 21.90 -6.68 18.31
N LYS A 129 22.73 -7.01 19.31
CA LYS A 129 23.82 -6.12 19.72
C LYS A 129 24.93 -6.49 18.71
N VAL A 130 25.19 -5.62 17.75
CA VAL A 130 26.16 -5.94 16.71
C VAL A 130 27.67 -6.04 17.05
N SER A 131 28.34 -7.08 16.54
CA SER A 131 29.81 -7.26 16.70
C SER A 131 30.45 -6.98 15.31
N SER A 132 29.74 -7.37 14.23
CA SER A 132 30.25 -7.01 12.91
C SER A 132 29.14 -6.49 12.01
N TYR A 133 29.43 -5.33 11.40
CA TYR A 133 28.54 -4.61 10.51
C TYR A 133 29.08 -4.71 9.09
N GLU A 134 28.29 -5.25 8.18
CA GLU A 134 28.68 -5.44 6.79
C GLU A 134 27.77 -4.73 5.83
N PHE A 135 28.31 -3.85 5.02
CA PHE A 135 27.50 -3.12 4.06
C PHE A 135 27.25 -4.07 2.89
N LEU A 136 26.02 -4.26 2.45
CA LEU A 136 25.78 -5.20 1.35
C LEU A 136 25.36 -4.60 0.03
N THR A 137 24.60 -3.50 0.07
CA THR A 137 24.17 -2.88 -1.18
C THR A 137 23.64 -1.49 -0.92
N LYS A 138 24.04 -0.57 -1.80
CA LYS A 138 23.64 0.83 -1.73
C LYS A 138 22.40 1.06 -2.54
N ALA A 139 21.35 1.59 -1.93
CA ALA A 139 20.14 1.94 -2.66
C ALA A 139 20.37 3.37 -3.23
N LEU A 140 20.35 3.53 -4.56
CA LEU A 140 20.56 4.84 -5.17
C LEU A 140 19.31 5.73 -5.11
N ARG A 141 18.15 5.15 -4.81
CA ARG A 141 16.89 5.93 -4.67
C ARG A 141 16.28 5.52 -3.36
N PRO A 142 15.61 6.46 -2.71
CA PRO A 142 14.99 6.12 -1.44
C PRO A 142 13.67 5.46 -1.72
N LEU A 143 13.22 4.68 -0.75
CA LEU A 143 11.93 4.03 -0.92
C LEU A 143 10.87 5.13 -0.93
N PRO A 144 9.92 5.09 -1.86
CA PRO A 144 8.88 6.14 -1.94
C PRO A 144 8.13 6.35 -0.62
N GLU A 145 7.28 7.39 -0.56
CA GLU A 145 6.50 7.65 0.65
C GLU A 145 5.26 6.75 0.80
N LYS A 146 5.33 5.92 1.84
CA LYS A 146 4.34 4.91 2.26
C LYS A 146 2.85 5.27 2.07
N ASP A 152 0.27 4.99 -5.08
CA ASP A 152 -0.91 4.76 -5.91
C ASP A 152 -0.89 3.31 -6.39
N ILE A 153 -1.98 2.92 -7.04
CA ILE A 153 -2.09 1.55 -7.52
C ILE A 153 -1.29 1.40 -8.82
N GLU A 154 -0.96 2.54 -9.41
CA GLU A 154 -0.15 2.60 -10.62
C GLU A 154 1.22 1.94 -10.25
N GLN A 155 1.85 2.50 -9.22
CA GLN A 155 3.15 2.10 -8.72
C GLN A 155 3.12 0.67 -8.14
N ARG A 156 2.11 0.34 -7.34
CA ARG A 156 2.07 -1.02 -6.81
C ARG A 156 2.09 -2.05 -7.98
N TYR A 157 1.43 -1.75 -9.10
CA TYR A 157 1.40 -2.65 -10.27
C TYR A 157 2.57 -2.44 -11.24
N ARG A 158 3.01 -1.20 -11.41
CA ARG A 158 4.13 -0.93 -12.33
C ARG A 158 5.48 -1.17 -11.62
N GLN A 159 5.51 -1.06 -10.30
CA GLN A 159 6.74 -1.32 -9.56
C GLN A 159 6.38 -2.27 -8.39
N ARG A 160 6.03 -3.52 -8.76
CA ARG A 160 5.60 -4.48 -7.77
C ARG A 160 6.61 -4.55 -6.68
N TYR A 161 7.89 -4.42 -7.02
CA TYR A 161 8.95 -4.56 -6.00
C TYR A 161 8.77 -3.63 -4.80
N LEU A 162 8.37 -2.38 -5.01
CA LEU A 162 8.16 -1.45 -3.90
C LEU A 162 6.96 -1.93 -3.06
N ASP A 163 5.95 -2.45 -3.72
CA ASP A 163 4.76 -2.95 -3.07
C ASP A 163 5.18 -4.13 -2.19
N LEU A 164 6.05 -4.99 -2.70
CA LEU A 164 6.44 -6.16 -1.93
C LEU A 164 7.26 -5.85 -0.68
N ILE A 165 8.00 -4.74 -0.73
CA ILE A 165 8.82 -4.33 0.41
C ILE A 165 7.96 -3.64 1.44
N MET A 166 7.06 -2.81 0.97
CA MET A 166 6.23 -2.03 1.90
C MET A 166 4.89 -2.52 2.33
N ASN A 167 4.31 -3.53 1.67
CA ASN A 167 2.97 -4.00 1.99
C ASN A 167 2.86 -5.52 2.21
N PRO A 168 3.04 -5.93 3.48
CA PRO A 168 2.98 -7.32 3.93
C PRO A 168 1.76 -8.02 3.39
N GLU A 169 0.59 -7.38 3.42
CA GLU A 169 -0.61 -8.04 2.90
C GLU A 169 -0.47 -8.48 1.43
N SER A 170 0.32 -7.73 0.65
CA SER A 170 0.48 -8.04 -0.76
C SER A 170 1.45 -9.18 -0.90
N LYS A 171 2.51 -9.17 -0.13
CA LYS A 171 3.43 -10.27 -0.25
C LYS A 171 2.78 -11.62 0.17
N LYS A 172 1.91 -11.61 1.18
CA LYS A 172 1.26 -12.86 1.59
C LYS A 172 0.37 -13.45 0.47
N THR A 173 -0.39 -12.58 -0.20
CA THR A 173 -1.22 -13.04 -1.33
C THR A 173 -0.32 -13.85 -2.29
N PHE A 174 0.91 -13.38 -2.54
CA PHE A 174 1.73 -14.11 -3.48
C PHE A 174 2.28 -15.40 -2.95
N ILE A 175 2.55 -15.41 -1.65
CA ILE A 175 2.97 -16.65 -1.03
C ILE A 175 1.80 -17.64 -1.07
N THR A 176 0.57 -17.22 -0.76
CA THR A 176 -0.59 -18.11 -0.78
C THR A 176 -0.86 -18.63 -2.21
N ARG A 177 -0.72 -17.75 -3.21
CA ARG A 177 -0.87 -18.20 -4.56
C ARG A 177 0.05 -19.43 -4.78
N SER A 178 1.31 -19.36 -4.35
CA SER A 178 2.25 -20.48 -4.49
C SER A 178 1.72 -21.73 -3.82
N LEU A 179 1.22 -21.54 -2.61
CA LEU A 179 0.67 -22.66 -1.81
C LEU A 179 -0.53 -23.27 -2.56
N ILE A 180 -1.35 -22.43 -3.18
CA ILE A 180 -2.52 -22.93 -3.89
C ILE A 180 -2.11 -23.80 -5.07
N ILE A 181 -1.25 -23.31 -5.95
CA ILE A 181 -0.84 -24.14 -7.07
C ILE A 181 -0.10 -25.39 -6.57
N GLN A 182 0.73 -25.23 -5.55
CA GLN A 182 1.42 -26.38 -5.00
C GLN A 182 0.35 -27.43 -4.51
N SER A 183 -0.67 -26.95 -3.81
CA SER A 183 -1.70 -27.82 -3.29
C SER A 183 -2.40 -28.54 -4.45
N MET A 184 -2.64 -27.82 -5.53
CA MET A 184 -3.29 -28.36 -6.71
C MET A 184 -2.52 -29.50 -7.38
N ARG A 185 -1.22 -29.34 -7.54
CA ARG A 185 -0.42 -30.39 -8.19
C ARG A 185 -0.38 -31.60 -7.25
N ARG A 186 -0.30 -31.34 -5.97
CA ARG A 186 -0.26 -32.45 -5.04
C ARG A 186 -1.51 -33.35 -5.10
N TYR A 187 -2.70 -32.77 -5.18
CA TYR A 187 -3.91 -33.53 -5.28
C TYR A 187 -3.97 -34.28 -6.62
N LEU A 188 -3.64 -33.58 -7.66
CA LEU A 188 -3.72 -34.09 -8.99
C LEU A 188 -2.70 -35.17 -9.17
N ASP A 189 -1.50 -34.97 -8.67
CA ASP A 189 -0.46 -36.01 -8.75
C ASP A 189 -0.88 -37.23 -7.90
N SER A 190 -1.37 -36.99 -6.67
CA SER A 190 -1.71 -38.14 -5.86
C SER A 190 -2.94 -38.93 -6.38
N HIS A 191 -3.70 -38.34 -7.28
CA HIS A 191 -4.84 -39.01 -7.88
C HIS A 191 -4.53 -39.56 -9.28
N GLY A 192 -3.23 -39.65 -9.57
CA GLY A 192 -2.80 -40.27 -10.81
C GLY A 192 -2.86 -39.52 -12.10
N TYR A 193 -2.96 -38.19 -12.01
CA TYR A 193 -2.96 -37.44 -13.26
C TYR A 193 -1.49 -37.12 -13.56
N LEU A 194 -1.09 -37.39 -14.79
CA LEU A 194 0.28 -37.14 -15.21
C LEU A 194 0.55 -35.63 -15.59
N GLU A 195 1.50 -34.96 -14.92
CA GLU A 195 1.79 -33.57 -15.33
C GLU A 195 2.56 -33.53 -16.67
N VAL A 196 2.06 -32.78 -17.62
CA VAL A 196 2.72 -32.67 -18.94
C VAL A 196 2.88 -31.24 -19.44
N GLU A 197 3.72 -31.11 -20.46
CA GLU A 197 3.90 -29.81 -21.11
C GLU A 197 3.61 -29.94 -22.58
N THR A 198 2.69 -29.13 -23.08
CA THR A 198 2.39 -29.19 -24.51
C THR A 198 2.74 -27.79 -25.11
N PRO A 199 2.79 -27.68 -26.44
CA PRO A 199 3.14 -26.45 -27.15
C PRO A 199 2.30 -25.25 -26.81
N MET A 200 2.97 -24.11 -26.68
CA MET A 200 2.29 -22.84 -26.47
C MET A 200 2.30 -22.09 -27.82
N MET A 201 2.92 -22.68 -28.83
CA MET A 201 2.97 -21.98 -30.14
C MET A 201 2.28 -22.95 -31.09
N HIS A 202 1.16 -22.52 -31.64
CA HIS A 202 0.35 -23.37 -32.51
C HIS A 202 0.19 -22.98 -33.95
N ALA A 203 0.06 -23.99 -34.81
CA ALA A 203 -0.09 -23.79 -36.24
C ALA A 203 -1.44 -23.17 -36.44
N VAL A 204 -2.43 -23.61 -35.65
CA VAL A 204 -3.81 -23.13 -35.69
C VAL A 204 -4.21 -22.89 -34.27
N ALA A 205 -4.70 -21.69 -33.96
CA ALA A 205 -5.14 -21.38 -32.60
C ALA A 205 -6.50 -21.98 -32.25
N GLY A 206 -6.56 -23.14 -31.60
CA GLY A 206 -7.87 -23.69 -31.28
C GLY A 206 -8.01 -24.14 -29.85
N GLY A 207 -9.19 -24.63 -29.49
CA GLY A 207 -9.44 -25.14 -28.16
C GLY A 207 -10.32 -24.22 -27.34
N ALA A 208 -10.72 -23.12 -27.93
CA ALA A 208 -11.57 -22.16 -27.25
C ALA A 208 -12.01 -21.15 -28.29
N ALA A 209 -12.93 -20.25 -27.91
CA ALA A 209 -13.40 -19.20 -28.81
C ALA A 209 -12.71 -17.90 -28.40
N ALA A 210 -11.54 -17.56 -28.94
CA ALA A 210 -10.84 -16.32 -28.51
C ALA A 210 -9.95 -15.76 -29.61
N ARG A 211 -9.55 -14.50 -29.52
CA ARG A 211 -8.63 -13.88 -30.49
C ARG A 211 -7.21 -14.21 -30.03
N PRO A 212 -6.39 -14.74 -30.95
CA PRO A 212 -5.01 -15.09 -30.58
C PRO A 212 -3.97 -13.99 -30.85
N PHE A 213 -2.77 -14.14 -30.26
CA PHE A 213 -1.65 -13.23 -30.56
C PHE A 213 -0.99 -13.97 -31.70
N ILE A 214 -0.56 -13.21 -32.71
CA ILE A 214 0.08 -13.81 -33.88
C ILE A 214 1.55 -13.47 -33.85
N THR A 215 2.39 -14.42 -34.24
CA THR A 215 3.83 -14.16 -34.27
C THR A 215 4.41 -14.90 -35.46
N HIS A 216 5.72 -14.79 -35.66
CA HIS A 216 6.37 -15.37 -36.85
C HIS A 216 7.69 -16.03 -36.55
N HIS A 217 7.89 -17.22 -37.12
CA HIS A 217 9.17 -17.90 -36.89
C HIS A 217 10.08 -17.51 -38.09
N ASN A 218 11.17 -16.81 -37.84
CA ASN A 218 12.01 -16.33 -38.97
C ASN A 218 12.57 -17.49 -39.77
N ALA A 219 13.20 -18.43 -39.09
CA ALA A 219 13.80 -19.55 -39.79
C ALA A 219 12.83 -20.40 -40.60
N LEU A 220 11.75 -20.87 -39.99
CA LEU A 220 10.82 -21.73 -40.73
C LEU A 220 9.91 -20.82 -41.58
N ASP A 221 10.03 -19.51 -41.38
CA ASP A 221 9.15 -18.61 -42.14
C ASP A 221 7.72 -19.17 -42.06
N MET A 222 7.17 -19.22 -40.85
CA MET A 222 5.81 -19.73 -40.60
C MET A 222 5.11 -18.81 -39.66
N THR A 223 3.81 -18.71 -39.81
CA THR A 223 3.03 -17.90 -38.89
C THR A 223 2.63 -18.80 -37.71
N LEU A 224 2.82 -18.34 -36.49
CA LEU A 224 2.44 -19.18 -35.34
C LEU A 224 1.49 -18.42 -34.47
N TYR A 225 0.61 -19.11 -33.75
CA TYR A 225 -0.30 -18.39 -32.84
C TYR A 225 0.02 -18.83 -31.44
N MET A 226 0.06 -17.90 -30.50
CA MET A 226 0.33 -18.27 -29.11
C MET A 226 -0.94 -18.98 -28.72
N ARG A 227 -0.84 -20.05 -27.94
CA ARG A 227 -2.07 -20.84 -27.63
C ARG A 227 -3.17 -20.08 -26.85
N ILE A 228 -4.44 -20.29 -27.25
CA ILE A 228 -5.54 -19.65 -26.57
C ILE A 228 -6.18 -20.68 -25.63
N ALA A 229 -5.61 -21.88 -25.65
CA ALA A 229 -6.12 -22.99 -24.86
C ALA A 229 -5.16 -24.13 -24.96
N ILE A 230 -5.20 -25.04 -23.98
CA ILE A 230 -4.29 -26.23 -23.95
C ILE A 230 -5.01 -27.52 -24.45
N GLU A 231 -6.32 -27.41 -24.60
CA GLU A 231 -7.18 -28.54 -24.97
C GLU A 231 -6.84 -29.47 -26.12
N LEU A 232 -6.56 -28.95 -27.31
CA LEU A 232 -6.35 -29.87 -28.43
C LEU A 232 -5.11 -30.73 -28.33
N HIS A 233 -4.03 -30.21 -27.75
CA HIS A 233 -2.86 -31.08 -27.62
C HIS A 233 -3.09 -32.08 -26.49
N LEU A 234 -3.81 -31.70 -25.42
CA LEU A 234 -4.04 -32.69 -24.38
C LEU A 234 -4.96 -33.85 -24.91
N LYS A 235 -5.86 -33.55 -25.85
CA LYS A 235 -6.72 -34.59 -26.40
C LYS A 235 -5.85 -35.56 -27.21
N ARG A 236 -4.87 -35.02 -27.91
CA ARG A 236 -3.94 -35.90 -28.64
C ARG A 236 -3.24 -36.85 -27.62
N LEU A 237 -2.96 -36.39 -26.39
CA LEU A 237 -2.38 -37.28 -25.39
C LEU A 237 -3.41 -38.33 -24.87
N ILE A 238 -4.71 -38.01 -24.96
CA ILE A 238 -5.73 -38.99 -24.54
C ILE A 238 -5.87 -40.09 -25.68
N VAL A 239 -5.79 -39.69 -26.94
CA VAL A 239 -5.81 -40.65 -28.04
C VAL A 239 -4.54 -41.50 -27.83
N GLY A 240 -3.46 -40.86 -27.39
CA GLY A 240 -2.22 -41.54 -27.11
C GLY A 240 -2.28 -42.59 -26.01
N GLY A 241 -3.38 -42.67 -25.27
CA GLY A 241 -3.56 -43.66 -24.21
C GLY A 241 -2.98 -43.25 -22.87
N LEU A 242 -2.85 -41.95 -22.64
CA LEU A 242 -2.22 -41.50 -21.41
C LEU A 242 -3.20 -41.42 -20.27
N GLU A 243 -4.48 -41.55 -20.63
CA GLU A 243 -5.59 -41.63 -19.67
C GLU A 243 -5.87 -40.49 -18.71
N LYS A 244 -4.85 -40.00 -18.01
CA LYS A 244 -5.10 -38.90 -17.11
C LYS A 244 -3.94 -37.95 -17.19
N VAL A 245 -4.18 -36.77 -17.73
CA VAL A 245 -3.08 -35.80 -17.87
C VAL A 245 -3.64 -34.46 -17.43
N TYR A 246 -2.74 -33.57 -17.03
CA TYR A 246 -3.12 -32.21 -16.63
C TYR A 246 -1.93 -31.32 -16.93
N GLU A 247 -2.23 -30.05 -17.06
CA GLU A 247 -1.19 -29.11 -17.35
C GLU A 247 -1.63 -27.78 -16.77
N ILE A 248 -0.79 -27.21 -15.92
CA ILE A 248 -1.06 -25.90 -15.30
C ILE A 248 -0.07 -24.98 -16.00
N GLY A 249 -0.59 -24.19 -16.93
CA GLY A 249 0.33 -23.37 -17.70
C GLY A 249 -0.25 -22.09 -18.22
N ARG A 250 0.58 -21.34 -18.95
CA ARG A 250 0.12 -20.03 -19.42
C ARG A 250 -0.67 -20.21 -20.68
N VAL A 251 -1.73 -19.41 -20.86
CA VAL A 251 -2.43 -19.39 -22.11
C VAL A 251 -2.58 -17.92 -22.41
N PHE A 252 -2.70 -17.61 -23.68
CA PHE A 252 -2.72 -16.25 -24.15
C PHE A 252 -3.93 -15.91 -24.99
N ARG A 253 -4.57 -14.78 -24.65
CA ARG A 253 -5.74 -14.29 -25.38
C ARG A 253 -5.62 -12.78 -25.65
N ASN A 254 -5.67 -12.43 -26.96
CA ASN A 254 -5.55 -11.07 -27.46
C ASN A 254 -6.83 -10.30 -27.22
N GLU A 255 -7.12 -10.00 -25.96
CA GLU A 255 -8.35 -9.30 -25.53
C GLU A 255 -7.93 -8.30 -24.42
N GLY A 256 -8.82 -7.34 -24.17
CA GLY A 256 -8.55 -6.28 -23.23
C GLY A 256 -8.47 -6.70 -21.80
N ILE A 257 -7.91 -5.84 -20.96
CA ILE A 257 -7.75 -6.15 -19.57
C ILE A 257 -9.00 -5.83 -18.79
N SER A 258 -9.18 -6.48 -17.64
CA SER A 258 -10.35 -6.22 -16.83
C SER A 258 -10.04 -6.80 -15.48
N THR A 259 -10.87 -6.50 -14.48
CA THR A 259 -10.63 -7.05 -13.14
C THR A 259 -10.71 -8.62 -13.13
N ARG A 260 -11.05 -9.25 -14.25
CA ARG A 260 -11.09 -10.71 -14.31
C ARG A 260 -10.23 -11.29 -15.42
N HIS A 261 -9.67 -10.44 -16.30
CA HIS A 261 -8.84 -10.95 -17.43
C HIS A 261 -7.49 -10.27 -17.55
N ASN A 262 -6.48 -11.05 -17.89
CA ASN A 262 -5.13 -10.54 -18.16
C ASN A 262 -4.83 -11.26 -19.48
N PRO A 263 -4.20 -10.60 -20.45
CA PRO A 263 -3.91 -11.28 -21.74
C PRO A 263 -3.09 -12.56 -21.61
N GLU A 264 -2.24 -12.63 -20.61
CA GLU A 264 -1.52 -13.89 -20.36
C GLU A 264 -2.02 -14.25 -18.96
N PHE A 265 -2.57 -15.46 -18.82
CA PHE A 265 -3.10 -15.94 -17.53
C PHE A 265 -2.75 -17.42 -17.37
N THR A 266 -3.03 -17.95 -16.18
CA THR A 266 -2.71 -19.37 -15.95
C THR A 266 -3.93 -20.29 -15.95
N MET A 267 -3.94 -21.29 -16.81
CA MET A 267 -5.11 -22.21 -16.81
C MET A 267 -4.69 -23.63 -16.46
N LEU A 268 -5.58 -24.35 -15.76
CA LEU A 268 -5.33 -25.77 -15.44
C LEU A 268 -6.19 -26.37 -16.49
N GLU A 269 -5.70 -27.32 -17.29
CA GLU A 269 -6.57 -28.09 -18.20
C GLU A 269 -6.21 -29.52 -17.82
N LEU A 270 -7.22 -30.40 -17.83
CA LEU A 270 -7.05 -31.78 -17.35
C LEU A 270 -7.98 -32.70 -18.08
N TYR A 271 -7.48 -33.86 -18.46
CA TYR A 271 -8.34 -34.83 -19.18
C TYR A 271 -8.32 -36.20 -18.50
N GLU A 272 -9.49 -36.82 -18.46
CA GLU A 272 -9.62 -38.10 -17.86
C GLU A 272 -10.50 -39.03 -18.71
N ALA A 273 -9.83 -39.99 -19.38
CA ALA A 273 -10.45 -41.04 -20.20
C ALA A 273 -11.44 -41.78 -19.35
N TYR A 274 -12.54 -42.22 -19.95
CA TYR A 274 -13.58 -43.02 -19.25
C TYR A 274 -14.44 -42.30 -18.19
N ALA A 275 -14.27 -40.99 -18.02
CA ALA A 275 -15.11 -40.25 -17.09
C ALA A 275 -16.08 -39.39 -17.95
N ASP A 276 -17.13 -38.79 -17.35
CA ASP A 276 -18.00 -37.90 -18.15
C ASP A 276 -18.09 -36.63 -17.28
N PHE A 277 -18.90 -35.65 -17.70
CA PHE A 277 -18.92 -34.40 -17.00
C PHE A 277 -19.42 -34.40 -15.58
N ARG A 278 -20.13 -35.46 -15.20
CA ARG A 278 -20.65 -35.53 -13.85
C ARG A 278 -19.47 -35.93 -13.00
N ASP A 279 -18.62 -36.80 -13.54
CA ASP A 279 -17.43 -37.23 -12.83
C ASP A 279 -16.51 -35.97 -12.62
N ILE A 280 -16.42 -35.10 -13.64
CA ILE A 280 -15.58 -33.90 -13.56
C ILE A 280 -16.16 -32.89 -12.54
N MET A 281 -17.50 -32.82 -12.46
CA MET A 281 -18.11 -31.98 -11.44
C MET A 281 -17.59 -32.45 -10.05
N LYS A 282 -17.67 -33.77 -9.77
CA LYS A 282 -17.18 -34.27 -8.46
C LYS A 282 -15.69 -33.92 -8.26
N LEU A 283 -14.91 -34.12 -9.31
CA LEU A 283 -13.48 -33.82 -9.21
C LEU A 283 -13.21 -32.29 -8.93
N THR A 284 -13.94 -31.44 -9.64
CA THR A 284 -13.75 -30.01 -9.50
C THR A 284 -14.08 -29.55 -8.09
N GLU A 285 -15.26 -29.92 -7.53
CA GLU A 285 -15.55 -29.48 -6.16
C GLU A 285 -14.58 -30.13 -5.18
N ASN A 286 -14.20 -31.39 -5.39
CA ASN A 286 -13.26 -31.98 -4.46
C ASN A 286 -11.87 -31.31 -4.48
N LEU A 287 -11.36 -31.04 -5.68
CA LEU A 287 -10.05 -30.41 -5.86
C LEU A 287 -9.99 -29.07 -5.18
N ILE A 288 -10.94 -28.23 -5.53
CA ILE A 288 -11.02 -26.90 -4.94
C ILE A 288 -11.24 -27.03 -3.43
N ALA A 289 -12.15 -27.92 -3.02
CA ALA A 289 -12.34 -28.01 -1.59
C ALA A 289 -11.03 -28.46 -0.94
N HIS A 290 -10.28 -29.27 -1.67
CA HIS A 290 -9.01 -29.77 -1.11
C HIS A 290 -8.05 -28.63 -0.90
N ILE A 291 -7.97 -27.81 -1.94
CA ILE A 291 -7.09 -26.68 -1.88
C ILE A 291 -7.47 -25.67 -0.77
N ALA A 292 -8.73 -25.27 -0.69
CA ALA A 292 -9.10 -24.28 0.35
C ALA A 292 -8.84 -24.86 1.76
N THR A 293 -9.17 -26.12 1.94
CA THR A 293 -8.91 -26.70 3.24
C THR A 293 -7.43 -26.65 3.58
N GLU A 294 -6.62 -27.02 2.59
CA GLU A 294 -5.19 -27.11 2.78
C GLU A 294 -4.49 -25.78 3.02
N VAL A 295 -5.01 -24.72 2.43
CA VAL A 295 -4.38 -23.45 2.50
C VAL A 295 -5.06 -22.50 3.48
N LEU A 296 -6.36 -22.59 3.60
CA LEU A 296 -7.06 -21.70 4.52
C LEU A 296 -7.58 -22.46 5.72
N GLY A 297 -7.50 -23.80 5.66
CA GLY A 297 -7.99 -24.66 6.73
C GLY A 297 -9.50 -24.76 6.88
N THR A 298 -10.25 -24.29 5.87
CA THR A 298 -11.71 -24.30 5.93
C THR A 298 -12.32 -24.09 4.52
N THR A 299 -13.48 -24.66 4.21
CA THR A 299 -14.07 -24.42 2.90
C THR A 299 -15.09 -23.28 2.99
N LYS A 300 -15.21 -22.66 4.17
CA LYS A 300 -16.09 -21.52 4.34
C LYS A 300 -15.15 -20.32 4.25
N ILE A 301 -15.34 -19.46 3.24
CA ILE A 301 -14.44 -18.31 3.05
C ILE A 301 -15.23 -17.04 2.86
N GLN A 302 -14.61 -15.89 3.05
CA GLN A 302 -15.30 -14.64 2.86
C GLN A 302 -14.74 -14.01 1.57
N TYR A 303 -15.57 -13.54 0.63
CA TYR A 303 -15.02 -12.90 -0.61
C TYR A 303 -15.81 -11.57 -0.78
N GLY A 304 -15.14 -10.42 -0.64
CA GLY A 304 -15.86 -9.16 -0.77
C GLY A 304 -16.94 -9.17 0.28
N GLU A 305 -18.18 -8.81 -0.06
CA GLU A 305 -19.25 -8.79 0.93
C GLU A 305 -19.94 -10.15 1.11
N HIS A 306 -19.48 -11.15 0.38
CA HIS A 306 -20.09 -12.48 0.47
C HIS A 306 -19.44 -13.54 1.38
N LEU A 307 -20.30 -14.34 2.01
CA LEU A 307 -19.87 -15.50 2.81
C LEU A 307 -20.09 -16.63 1.78
N VAL A 308 -19.01 -17.15 1.22
CA VAL A 308 -19.12 -18.17 0.18
C VAL A 308 -18.83 -19.50 0.80
N ASP A 309 -19.73 -20.44 0.64
CA ASP A 309 -19.49 -21.80 1.18
C ASP A 309 -18.95 -22.80 0.16
N LEU A 310 -17.65 -23.11 0.17
CA LEU A 310 -17.10 -24.04 -0.83
C LEU A 310 -17.21 -25.51 -0.46
N THR A 311 -18.06 -25.82 0.50
CA THR A 311 -18.17 -27.17 0.90
C THR A 311 -19.00 -28.05 -0.10
N PRO A 312 -18.34 -29.08 -0.68
CA PRO A 312 -19.08 -29.94 -1.62
C PRO A 312 -20.24 -30.60 -0.75
N GLU A 313 -21.38 -30.94 -1.36
CA GLU A 313 -21.65 -30.77 -2.77
C GLU A 313 -22.25 -29.43 -3.15
N TRP A 314 -21.76 -28.95 -4.27
CA TRP A 314 -22.22 -27.69 -4.81
C TRP A 314 -23.50 -27.85 -5.63
N ARG A 315 -24.24 -26.76 -5.75
CA ARG A 315 -25.48 -26.73 -6.51
C ARG A 315 -25.23 -27.07 -7.97
N ARG A 316 -26.11 -27.89 -8.58
CA ARG A 316 -26.12 -28.24 -10.02
C ARG A 316 -27.36 -27.54 -10.56
N LEU A 317 -27.24 -26.76 -11.65
CA LEU A 317 -28.41 -26.08 -12.20
C LEU A 317 -28.29 -25.96 -13.72
N HIS A 318 -29.28 -26.49 -14.45
CA HIS A 318 -29.25 -26.42 -15.91
C HIS A 318 -29.42 -24.95 -16.28
N MET A 319 -28.61 -24.51 -17.27
CA MET A 319 -28.66 -23.14 -17.78
C MET A 319 -30.09 -22.73 -18.05
N VAL A 320 -30.85 -23.62 -18.67
CA VAL A 320 -32.22 -23.25 -19.00
C VAL A 320 -33.06 -23.09 -17.73
N ASP A 321 -32.81 -23.94 -16.70
CA ASP A 321 -33.58 -23.82 -15.51
C ASP A 321 -33.17 -22.52 -14.82
N ALA A 322 -31.88 -22.22 -14.93
CA ALA A 322 -31.38 -20.96 -14.33
C ALA A 322 -32.12 -19.76 -14.97
N ILE A 323 -32.23 -19.75 -16.30
CA ILE A 323 -32.88 -18.63 -16.95
C ILE A 323 -34.33 -18.57 -16.46
N LYS A 324 -34.96 -19.72 -16.27
CA LYS A 324 -36.32 -19.71 -15.80
C LYS A 324 -36.43 -19.08 -14.42
N GLU A 325 -35.50 -19.43 -13.56
CA GLU A 325 -35.54 -18.97 -12.18
C GLU A 325 -35.24 -17.49 -12.05
N TYR A 326 -34.23 -17.05 -12.77
CA TYR A 326 -33.82 -15.67 -12.62
C TYR A 326 -34.42 -14.63 -13.56
N VAL A 327 -35.08 -15.07 -14.62
CA VAL A 327 -35.68 -14.15 -15.60
C VAL A 327 -37.13 -14.55 -15.80
N GLY A 328 -37.42 -15.84 -15.82
CA GLY A 328 -38.81 -16.27 -16.00
C GLY A 328 -39.11 -16.75 -17.40
N VAL A 329 -38.14 -16.63 -18.33
CA VAL A 329 -38.41 -17.11 -19.66
C VAL A 329 -38.05 -18.64 -19.68
N ASP A 330 -38.90 -19.45 -20.28
CA ASP A 330 -38.62 -20.89 -20.31
C ASP A 330 -38.16 -21.40 -21.69
N PHE A 331 -36.84 -21.52 -21.87
CA PHE A 331 -36.28 -22.02 -23.10
C PHE A 331 -36.35 -23.56 -23.33
N TRP A 332 -37.06 -24.28 -22.46
CA TRP A 332 -37.18 -25.72 -22.70
C TRP A 332 -38.11 -25.85 -23.93
N ARG A 333 -39.02 -24.90 -24.07
CA ARG A 333 -39.95 -24.89 -25.16
C ARG A 333 -39.24 -24.87 -26.53
N GLN A 334 -39.68 -25.71 -27.50
CA GLN A 334 -39.07 -25.73 -28.85
C GLN A 334 -39.58 -24.51 -29.53
N MET A 335 -38.69 -23.63 -29.96
CA MET A 335 -39.11 -22.38 -30.61
C MET A 335 -38.18 -22.02 -31.77
N SER A 336 -38.59 -21.10 -32.63
CA SER A 336 -37.76 -20.74 -33.75
C SER A 336 -36.72 -19.67 -33.34
N ASP A 337 -35.74 -19.47 -34.20
CA ASP A 337 -34.78 -18.48 -33.92
C ASP A 337 -35.44 -17.11 -33.77
N GLU A 338 -36.46 -16.79 -34.57
CA GLU A 338 -37.13 -15.47 -34.47
C GLU A 338 -37.84 -15.28 -33.14
N GLU A 339 -38.50 -16.34 -32.67
CA GLU A 339 -39.19 -16.26 -31.38
C GLU A 339 -38.13 -15.99 -30.26
N ALA A 340 -36.98 -16.63 -30.35
CA ALA A 340 -35.90 -16.35 -29.39
C ALA A 340 -35.51 -14.85 -29.49
N ARG A 341 -35.35 -14.33 -30.71
CA ARG A 341 -35.01 -12.91 -30.90
C ARG A 341 -36.06 -12.00 -30.28
N GLU A 342 -37.33 -12.33 -30.46
CA GLU A 342 -38.43 -11.50 -29.91
C GLU A 342 -38.34 -11.43 -28.40
N LEU A 343 -38.06 -12.60 -27.82
CA LEU A 343 -37.89 -12.74 -26.39
C LEU A 343 -36.70 -11.89 -25.96
N ALA A 344 -35.61 -11.95 -26.72
CA ALA A 344 -34.42 -11.17 -26.36
C ALA A 344 -34.82 -9.68 -26.30
N LYS A 345 -35.45 -9.21 -27.38
CA LYS A 345 -35.93 -7.83 -27.44
C LYS A 345 -36.76 -7.48 -26.22
N GLU A 346 -37.69 -8.34 -25.87
CA GLU A 346 -38.58 -8.08 -24.75
C GLU A 346 -37.89 -8.05 -23.38
N HIS A 347 -36.77 -8.74 -23.26
CA HIS A 347 -36.12 -8.78 -21.96
C HIS A 347 -34.78 -8.04 -21.91
N GLY A 348 -34.49 -7.19 -22.88
CA GLY A 348 -33.25 -6.44 -22.80
C GLY A 348 -31.95 -7.17 -23.01
N VAL A 349 -32.00 -8.27 -23.77
CA VAL A 349 -30.79 -9.04 -24.01
C VAL A 349 -30.26 -8.69 -25.40
N GLU A 350 -29.02 -8.21 -25.45
CA GLU A 350 -28.40 -7.81 -26.71
C GLU A 350 -27.97 -9.09 -27.43
N VAL A 351 -28.20 -9.14 -28.74
CA VAL A 351 -27.92 -10.30 -29.57
C VAL A 351 -27.20 -9.89 -30.89
N ALA A 352 -26.35 -10.77 -31.42
CA ALA A 352 -25.59 -10.46 -32.67
C ALA A 352 -26.19 -11.14 -33.89
N PRO A 353 -25.93 -10.58 -35.12
CA PRO A 353 -26.48 -11.19 -36.34
C PRO A 353 -26.12 -12.66 -36.56
N HIS A 354 -24.96 -13.13 -36.13
CA HIS A 354 -24.72 -14.57 -36.34
C HIS A 354 -25.54 -15.47 -35.36
N MET A 355 -26.23 -14.86 -34.40
CA MET A 355 -26.98 -15.66 -33.39
C MET A 355 -28.30 -16.32 -33.74
N THR A 356 -28.48 -17.53 -33.22
CA THR A 356 -29.70 -18.30 -33.38
C THR A 356 -30.18 -18.68 -31.98
N PHE A 357 -31.18 -19.55 -31.88
CA PHE A 357 -31.72 -19.93 -30.56
C PHE A 357 -30.71 -20.22 -29.47
N GLY A 358 -29.73 -21.07 -29.76
CA GLY A 358 -28.74 -21.49 -28.76
C GLY A 358 -27.87 -20.39 -28.18
N HIS A 359 -27.38 -19.53 -29.07
CA HIS A 359 -26.51 -18.44 -28.68
C HIS A 359 -27.33 -17.51 -27.84
N ILE A 360 -28.59 -17.36 -28.23
CA ILE A 360 -29.44 -16.40 -27.54
C ILE A 360 -29.75 -16.86 -26.10
N VAL A 361 -29.90 -18.17 -25.95
CA VAL A 361 -30.14 -18.71 -24.64
C VAL A 361 -28.92 -18.32 -23.77
N ASN A 362 -27.74 -18.47 -24.32
CA ASN A 362 -26.56 -18.17 -23.53
C ASN A 362 -26.44 -16.66 -23.22
N GLU A 363 -26.97 -15.80 -24.08
CA GLU A 363 -26.86 -14.39 -23.80
C GLU A 363 -27.77 -14.06 -22.61
N PHE A 364 -28.97 -14.67 -22.59
CA PHE A 364 -29.92 -14.44 -21.48
C PHE A 364 -29.15 -14.83 -20.22
N PHE A 365 -28.51 -15.99 -20.25
CA PHE A 365 -27.74 -16.38 -19.08
C PHE A 365 -26.59 -15.42 -18.71
N GLU A 366 -25.82 -14.99 -19.72
CA GLU A 366 -24.69 -14.14 -19.38
C GLU A 366 -25.10 -12.75 -18.93
N GLN A 367 -26.04 -12.17 -19.67
CA GLN A 367 -26.50 -10.83 -19.41
C GLN A 367 -27.43 -10.68 -18.23
N LYS A 368 -28.31 -11.63 -17.99
CA LYS A 368 -29.27 -11.49 -16.83
C LYS A 368 -29.14 -12.47 -15.62
N VAL A 369 -28.28 -13.48 -15.71
CA VAL A 369 -28.27 -14.46 -14.62
C VAL A 369 -26.96 -14.62 -13.88
N GLU A 370 -25.91 -14.74 -14.66
CA GLU A 370 -24.55 -14.91 -14.19
C GLU A 370 -24.15 -14.22 -12.86
N ASP A 371 -24.29 -12.89 -12.87
CA ASP A 371 -23.86 -12.10 -11.70
C ASP A 371 -24.63 -12.41 -10.46
N LYS A 372 -25.66 -13.25 -10.58
CA LYS A 372 -26.46 -13.56 -9.39
C LYS A 372 -26.04 -14.86 -8.71
N LEU A 373 -25.12 -15.57 -9.34
CA LEU A 373 -24.71 -16.88 -8.81
C LEU A 373 -23.60 -16.69 -7.86
N ILE A 374 -23.91 -16.50 -6.60
CA ILE A 374 -22.85 -16.29 -5.62
C ILE A 374 -22.22 -17.54 -5.03
N GLN A 375 -23.04 -18.50 -4.58
CA GLN A 375 -22.59 -19.78 -4.01
C GLN A 375 -22.12 -20.63 -5.16
N PRO A 376 -21.06 -21.48 -4.95
CA PRO A 376 -20.57 -22.28 -6.06
C PRO A 376 -21.70 -23.00 -6.80
N THR A 377 -21.73 -22.86 -8.14
CA THR A 377 -22.76 -23.48 -8.92
C THR A 377 -22.25 -24.01 -10.23
N PHE A 378 -22.58 -25.28 -10.50
CA PHE A 378 -22.27 -25.90 -11.80
C PHE A 378 -23.49 -25.59 -12.71
N ILE A 379 -23.34 -24.64 -13.64
CA ILE A 379 -24.40 -24.32 -14.59
C ILE A 379 -24.04 -25.30 -15.72
N TYR A 380 -25.02 -26.09 -16.13
CA TYR A 380 -24.74 -27.09 -17.16
C TYR A 380 -25.76 -27.13 -18.28
N GLY A 381 -25.41 -27.85 -19.35
CA GLY A 381 -26.29 -27.98 -20.49
C GLY A 381 -26.20 -26.88 -21.50
N HIS A 382 -25.10 -26.15 -21.56
CA HIS A 382 -24.94 -25.10 -22.56
C HIS A 382 -25.39 -25.56 -23.96
N PRO A 383 -26.06 -24.67 -24.70
CA PRO A 383 -26.53 -24.96 -26.06
C PRO A 383 -25.35 -25.46 -26.95
N VAL A 384 -25.66 -26.40 -27.86
CA VAL A 384 -24.68 -26.96 -28.75
C VAL A 384 -23.93 -25.94 -29.64
N GLU A 385 -24.59 -24.87 -30.11
CA GLU A 385 -23.92 -23.86 -30.95
C GLU A 385 -22.74 -23.11 -30.29
N ILE A 386 -22.72 -23.02 -28.95
CA ILE A 386 -21.59 -22.39 -28.27
C ILE A 386 -20.63 -23.45 -27.65
N SER A 387 -20.84 -24.71 -27.98
CA SER A 387 -20.01 -25.79 -27.42
C SER A 387 -19.51 -26.76 -28.49
N PRO A 388 -18.70 -26.28 -29.44
CA PRO A 388 -18.17 -27.10 -30.53
C PRO A 388 -17.23 -28.28 -30.19
N LEU A 389 -16.87 -28.43 -28.92
CA LEU A 389 -15.99 -29.53 -28.53
C LEU A 389 -16.65 -30.40 -27.48
N ALA A 390 -17.90 -30.11 -27.14
CA ALA A 390 -18.58 -30.88 -26.13
C ALA A 390 -19.58 -31.82 -26.81
N LYS A 391 -19.83 -32.95 -26.13
CA LYS A 391 -20.78 -33.90 -26.71
C LYS A 391 -22.22 -33.53 -26.45
N LYS A 392 -23.10 -33.72 -27.44
CA LYS A 392 -24.51 -33.41 -27.30
C LYS A 392 -25.17 -34.26 -26.23
N ASN A 393 -26.16 -33.68 -25.56
CA ASN A 393 -26.93 -34.36 -24.55
C ASN A 393 -27.82 -35.31 -25.38
N PRO A 394 -27.82 -36.63 -25.02
CA PRO A 394 -28.60 -37.67 -25.72
C PRO A 394 -30.09 -37.42 -25.70
N ASP A 395 -30.60 -36.85 -24.61
CA ASP A 395 -32.03 -36.61 -24.55
C ASP A 395 -32.54 -35.38 -25.29
N ASP A 396 -31.84 -34.23 -25.24
CA ASP A 396 -32.28 -33.02 -25.95
C ASP A 396 -31.01 -32.49 -26.62
N PRO A 397 -30.81 -32.82 -27.93
CA PRO A 397 -29.62 -32.39 -28.68
C PRO A 397 -29.43 -30.92 -28.91
N ARG A 398 -30.27 -30.08 -28.32
CA ARG A 398 -30.09 -28.65 -28.50
C ARG A 398 -28.98 -28.24 -27.51
N PHE A 399 -28.75 -29.08 -26.52
CA PHE A 399 -27.77 -28.80 -25.47
C PHE A 399 -26.70 -29.88 -25.43
N THR A 400 -25.60 -29.62 -24.74
CA THR A 400 -24.46 -30.51 -24.64
C THR A 400 -24.20 -30.82 -23.15
N ASP A 401 -23.45 -31.86 -22.87
CA ASP A 401 -23.16 -32.18 -21.48
C ASP A 401 -21.93 -31.38 -21.16
N ARG A 402 -22.16 -30.10 -20.92
CA ARG A 402 -21.08 -29.17 -20.59
C ARG A 402 -21.50 -28.43 -19.31
N PHE A 403 -20.53 -28.02 -18.52
CA PHE A 403 -20.88 -27.18 -17.40
C PHE A 403 -19.80 -26.11 -17.24
N GLU A 404 -20.21 -24.99 -16.64
CA GLU A 404 -19.30 -23.92 -16.27
C GLU A 404 -19.50 -23.77 -14.76
N LEU A 405 -18.45 -23.43 -14.03
CA LEU A 405 -18.56 -23.25 -12.62
C LEU A 405 -18.63 -21.78 -12.30
N PHE A 406 -19.69 -21.33 -11.66
CA PHE A 406 -19.76 -19.92 -11.24
C PHE A 406 -19.65 -19.74 -9.74
N ILE A 407 -18.93 -18.72 -9.29
CA ILE A 407 -18.84 -18.42 -7.85
C ILE A 407 -18.73 -16.91 -7.81
N VAL A 408 -19.27 -16.31 -6.77
CA VAL A 408 -19.24 -14.86 -6.63
C VAL A 408 -19.51 -14.16 -8.00
N GLY A 409 -20.50 -14.72 -8.73
CA GLY A 409 -20.96 -14.13 -9.96
C GLY A 409 -20.00 -14.21 -11.12
N ARG A 410 -18.98 -15.08 -11.09
CA ARG A 410 -18.08 -15.08 -12.24
C ARG A 410 -17.63 -16.46 -12.61
N GLU A 411 -17.27 -16.65 -13.86
CA GLU A 411 -16.82 -17.93 -14.38
C GLU A 411 -15.42 -18.32 -13.83
N HIS A 412 -15.33 -19.52 -13.22
CA HIS A 412 -14.08 -20.08 -12.65
C HIS A 412 -13.62 -21.32 -13.40
N ALA A 413 -14.53 -22.02 -14.07
CA ALA A 413 -14.13 -23.23 -14.82
C ALA A 413 -15.13 -23.51 -15.94
N ASN A 414 -14.69 -24.35 -16.86
CA ASN A 414 -15.45 -24.77 -18.04
C ASN A 414 -15.06 -26.24 -18.14
N ALA A 415 -15.98 -27.10 -18.57
CA ALA A 415 -15.72 -28.55 -18.61
C ALA A 415 -16.77 -29.29 -19.41
N PHE A 416 -16.40 -30.44 -19.91
CA PHE A 416 -17.42 -31.23 -20.57
C PHE A 416 -17.14 -32.70 -20.81
N THR A 417 -18.19 -33.39 -21.21
CA THR A 417 -18.10 -34.76 -21.68
C THR A 417 -17.55 -34.45 -23.10
N GLU A 418 -16.38 -34.95 -23.44
CA GLU A 418 -15.73 -34.58 -24.70
C GLU A 418 -16.32 -35.15 -25.93
N LEU A 419 -16.27 -34.38 -27.03
CA LEU A 419 -16.83 -34.87 -28.28
C LEU A 419 -15.73 -35.71 -28.88
N ASN A 420 -15.94 -37.01 -29.00
CA ASN A 420 -14.87 -37.86 -29.52
C ASN A 420 -15.23 -38.54 -30.84
N ASP A 421 -16.37 -38.16 -31.39
CA ASP A 421 -16.87 -38.65 -32.66
C ASP A 421 -16.29 -37.69 -33.70
N PRO A 422 -15.31 -38.13 -34.54
CA PRO A 422 -14.71 -37.23 -35.56
C PRO A 422 -15.66 -36.68 -36.60
N ILE A 423 -16.66 -37.47 -36.95
CA ILE A 423 -17.61 -36.99 -37.94
C ILE A 423 -18.35 -35.81 -37.36
N ASP A 424 -18.96 -36.01 -36.19
CA ASP A 424 -19.66 -34.91 -35.55
C ASP A 424 -18.65 -33.77 -35.29
N GLN A 425 -17.42 -34.08 -34.86
CA GLN A 425 -16.44 -32.97 -34.60
C GLN A 425 -16.16 -32.12 -35.86
N ARG A 426 -16.07 -32.79 -37.03
CA ARG A 426 -15.83 -32.05 -38.26
C ARG A 426 -17.05 -31.12 -38.56
N GLN A 427 -18.26 -31.63 -38.45
CA GLN A 427 -19.49 -30.79 -38.61
C GLN A 427 -19.49 -29.55 -37.65
N ARG A 428 -19.17 -29.72 -36.35
CA ARG A 428 -19.13 -28.54 -35.45
C ARG A 428 -18.18 -27.46 -36.00
N PHE A 429 -17.01 -27.88 -36.49
CA PHE A 429 -16.06 -26.91 -37.06
C PHE A 429 -16.68 -26.28 -38.30
N GLU A 430 -17.32 -27.07 -39.15
CA GLU A 430 -17.94 -26.47 -40.33
C GLU A 430 -19.00 -25.40 -39.88
N GLU A 431 -19.74 -25.70 -38.80
CA GLU A 431 -20.75 -24.75 -38.31
C GLU A 431 -20.07 -23.48 -37.83
N GLN A 432 -18.92 -23.63 -37.19
CA GLN A 432 -18.17 -22.48 -36.68
C GLN A 432 -17.63 -21.61 -37.80
N LEU A 433 -17.07 -22.26 -38.83
CA LEU A 433 -16.54 -21.52 -39.99
C LEU A 433 -17.69 -20.68 -40.57
N LYS A 434 -18.85 -21.27 -40.74
CA LYS A 434 -20.04 -20.51 -41.21
C LYS A 434 -20.30 -19.27 -40.33
N GLU A 435 -20.38 -19.46 -39.00
CA GLU A 435 -20.61 -18.33 -38.08
C GLU A 435 -19.57 -17.25 -38.28
N ARG A 436 -18.31 -17.65 -38.47
CA ARG A 436 -17.27 -16.65 -38.71
C ARG A 436 -17.65 -15.77 -39.96
N GLU A 437 -18.27 -16.40 -40.95
CA GLU A 437 -18.70 -15.67 -42.16
C GLU A 437 -19.69 -14.59 -41.76
N GLN A 438 -20.55 -14.91 -40.80
CA GLN A 438 -21.55 -13.95 -40.34
C GLN A 438 -21.01 -13.09 -39.24
N GLY A 439 -19.68 -12.96 -39.22
CA GLY A 439 -19.06 -12.09 -38.24
C GLY A 439 -18.67 -12.56 -36.86
N ASN A 440 -18.84 -13.84 -36.49
CA ASN A 440 -18.37 -14.27 -35.15
C ASN A 440 -16.88 -14.52 -35.35
N ASP A 441 -16.07 -13.51 -35.02
CA ASP A 441 -14.65 -13.68 -35.27
C ASP A 441 -13.90 -14.37 -34.16
N GLU A 442 -14.65 -14.99 -33.25
CA GLU A 442 -14.05 -15.77 -32.17
C GLU A 442 -14.39 -17.27 -32.41
N ALA A 443 -15.10 -17.56 -33.50
CA ALA A 443 -15.45 -18.96 -33.81
C ALA A 443 -14.20 -19.81 -34.09
N HIS A 444 -14.18 -21.07 -33.64
CA HIS A 444 -13.02 -21.95 -33.85
C HIS A 444 -12.68 -22.13 -35.33
N GLU A 445 -11.43 -22.47 -35.60
CA GLU A 445 -10.99 -22.71 -36.96
C GLU A 445 -10.90 -24.20 -37.21
N MET A 446 -10.80 -24.55 -38.50
CA MET A 446 -10.67 -25.95 -38.85
C MET A 446 -9.25 -26.38 -38.37
N ASP A 447 -9.14 -27.60 -37.87
CA ASP A 447 -7.85 -28.14 -37.48
C ASP A 447 -7.85 -29.63 -37.90
N GLU A 448 -7.43 -29.85 -39.14
CA GLU A 448 -7.41 -31.17 -39.76
C GLU A 448 -6.57 -32.13 -38.98
N ASP A 449 -5.50 -31.59 -38.44
CA ASP A 449 -4.60 -32.32 -37.64
C ASP A 449 -5.31 -32.94 -36.43
N PHE A 450 -6.12 -32.14 -35.78
CA PHE A 450 -6.85 -32.59 -34.61
C PHE A 450 -7.82 -33.64 -35.07
N LEU A 451 -8.59 -33.38 -36.12
CA LEU A 451 -9.57 -34.38 -36.63
C LEU A 451 -8.94 -35.75 -36.92
N GLU A 452 -7.76 -35.76 -37.53
CA GLU A 452 -7.08 -37.01 -37.84
C GLU A 452 -6.70 -37.73 -36.51
N ALA A 453 -6.32 -36.97 -35.48
CA ALA A 453 -6.01 -37.63 -34.21
C ALA A 453 -7.27 -38.28 -33.67
N LEU A 454 -8.40 -37.59 -33.75
CA LEU A 454 -9.64 -38.14 -33.23
C LEU A 454 -10.00 -39.42 -33.98
N GLU A 455 -9.78 -39.40 -35.28
CA GLU A 455 -10.07 -40.56 -36.10
C GLU A 455 -9.28 -41.80 -35.69
N TYR A 456 -8.21 -41.67 -34.91
CA TYR A 456 -7.47 -42.87 -34.50
C TYR A 456 -8.16 -43.40 -33.24
N GLY A 457 -9.14 -42.66 -32.78
CA GLY A 457 -9.86 -43.13 -31.64
C GLY A 457 -9.53 -42.47 -30.33
N MET A 458 -10.47 -41.67 -29.81
CA MET A 458 -10.31 -41.08 -28.52
C MET A 458 -11.45 -41.67 -27.72
N PRO A 459 -11.10 -42.21 -26.58
CA PRO A 459 -12.05 -42.84 -25.68
C PRO A 459 -12.99 -41.84 -25.06
N PRO A 460 -14.17 -42.28 -24.59
CA PRO A 460 -15.08 -41.30 -23.96
C PRO A 460 -14.18 -40.66 -22.88
N THR A 461 -14.30 -39.35 -22.69
CA THR A 461 -13.37 -38.65 -21.79
C THR A 461 -14.06 -37.48 -21.13
N GLY A 462 -13.59 -37.06 -19.96
CA GLY A 462 -14.17 -35.90 -19.35
C GLY A 462 -13.06 -34.87 -19.30
N GLY A 463 -13.34 -33.63 -19.70
CA GLY A 463 -12.31 -32.58 -19.72
C GLY A 463 -12.62 -31.38 -18.85
N LEU A 464 -11.60 -30.70 -18.32
CA LEU A 464 -11.77 -29.55 -17.42
C LEU A 464 -10.73 -28.44 -17.60
N GLY A 465 -11.16 -27.20 -17.41
CA GLY A 465 -10.29 -26.05 -17.51
C GLY A 465 -10.67 -25.10 -16.38
N ILE A 466 -9.72 -24.79 -15.51
CA ILE A 466 -9.95 -23.86 -14.41
C ILE A 466 -9.05 -22.59 -14.59
N GLY A 467 -9.58 -21.39 -14.37
CA GLY A 467 -8.74 -20.18 -14.46
C GLY A 467 -8.04 -20.17 -13.12
N VAL A 468 -6.75 -20.50 -13.10
CA VAL A 468 -5.99 -20.53 -11.85
C VAL A 468 -5.93 -19.16 -11.17
N ASP A 469 -5.68 -18.07 -11.92
CA ASP A 469 -5.70 -16.71 -11.30
C ASP A 469 -7.03 -16.42 -10.66
N ARG A 470 -8.12 -16.79 -11.30
CA ARG A 470 -9.36 -16.47 -10.66
C ARG A 470 -9.55 -17.29 -9.39
N LEU A 471 -9.12 -18.54 -9.39
CA LEU A 471 -9.28 -19.30 -8.16
C LEU A 471 -8.46 -18.60 -7.08
N VAL A 472 -7.25 -18.19 -7.38
CA VAL A 472 -6.43 -17.49 -6.39
C VAL A 472 -7.12 -16.21 -5.86
N MET A 473 -7.76 -15.45 -6.76
CA MET A 473 -8.49 -14.24 -6.35
C MET A 473 -9.51 -14.57 -5.25
N LEU A 474 -10.25 -15.63 -5.53
CA LEU A 474 -11.27 -16.16 -4.65
C LEU A 474 -10.68 -16.60 -3.32
N LEU A 475 -9.58 -17.35 -3.32
CA LEU A 475 -9.08 -17.84 -2.06
C LEU A 475 -8.18 -16.88 -1.29
N THR A 476 -7.97 -15.67 -1.82
CA THR A 476 -7.12 -14.70 -1.11
C THR A 476 -7.99 -13.45 -0.93
N ASN A 477 -9.23 -13.52 -1.35
CA ASN A 477 -10.11 -12.35 -1.27
C ASN A 477 -9.58 -11.10 -2.01
N SER A 478 -9.07 -11.31 -3.22
CA SER A 478 -8.59 -10.25 -4.04
C SER A 478 -9.70 -9.82 -4.99
N PRO A 479 -10.02 -8.53 -4.99
CA PRO A 479 -11.09 -8.03 -5.86
C PRO A 479 -10.73 -8.01 -7.36
N SER A 480 -9.44 -8.06 -7.67
CA SER A 480 -9.01 -7.98 -9.06
C SER A 480 -7.86 -8.90 -9.42
N ILE A 481 -7.87 -9.39 -10.65
CA ILE A 481 -6.80 -10.28 -11.06
C ILE A 481 -5.48 -9.55 -10.99
N ARG A 482 -5.50 -8.22 -10.98
CA ARG A 482 -4.24 -7.51 -10.97
C ARG A 482 -3.60 -7.67 -9.62
N ASP A 483 -4.40 -8.02 -8.60
CA ASP A 483 -3.83 -8.25 -7.26
C ASP A 483 -3.20 -9.60 -7.08
N VAL A 484 -3.42 -10.53 -8.02
CA VAL A 484 -2.81 -11.85 -7.87
C VAL A 484 -1.75 -12.19 -8.90
N LEU A 485 -1.41 -11.21 -9.72
CA LEU A 485 -0.36 -11.35 -10.74
C LEU A 485 0.82 -10.50 -10.31
N LEU A 486 2.03 -11.05 -10.20
CA LEU A 486 3.13 -10.16 -9.78
C LEU A 486 3.26 -8.94 -10.71
N PHE A 487 3.22 -9.17 -12.00
CA PHE A 487 3.34 -8.09 -12.97
C PHE A 487 2.15 -8.10 -13.96
N PRO A 488 1.00 -7.52 -13.58
CA PRO A 488 -0.17 -7.48 -14.47
C PRO A 488 0.13 -6.67 -15.72
N GLN A 489 -0.50 -6.99 -16.83
CA GLN A 489 -0.26 -6.26 -18.08
C GLN A 489 -0.79 -4.81 -17.90
N MET A 490 0.07 -3.81 -18.02
CA MET A 490 -0.40 -2.43 -17.91
C MET A 490 -0.72 -1.81 -19.31
N ARG A 491 -1.57 -0.78 -19.33
CA ARG A 491 -1.89 -0.05 -20.57
C ARG A 491 -0.70 0.87 -20.78
N HIS A 492 -0.50 1.40 -21.99
CA HIS A 492 0.60 2.37 -22.17
C HIS A 492 1.99 1.84 -21.74
N GLU B 4 -2.47 -50.77 -49.63
CA GLU B 4 -2.44 -49.59 -50.55
C GLU B 4 -3.76 -48.76 -50.68
N LEU B 5 -4.87 -49.22 -50.06
CA LEU B 5 -6.12 -48.46 -50.17
C LEU B 5 -7.00 -48.21 -48.91
N ASN B 6 -7.87 -47.22 -49.11
CA ASN B 6 -8.86 -46.70 -48.17
C ASN B 6 -10.11 -47.55 -48.17
N ASP B 7 -9.98 -48.82 -48.54
CA ASP B 7 -11.13 -49.72 -48.46
C ASP B 7 -11.27 -49.90 -46.92
N GLN B 8 -10.13 -49.92 -46.22
CA GLN B 8 -10.17 -50.06 -44.76
C GLN B 8 -10.94 -48.93 -44.13
N LEU B 9 -10.65 -47.69 -44.53
CA LEU B 9 -11.34 -46.56 -43.95
C LEU B 9 -12.82 -46.79 -44.12
N ARG B 10 -13.16 -47.16 -45.35
CA ARG B 10 -14.55 -47.41 -45.69
C ARG B 10 -15.17 -48.50 -44.83
N VAL B 11 -14.54 -49.67 -44.76
CA VAL B 11 -15.11 -50.73 -43.94
C VAL B 11 -15.25 -50.33 -42.49
N ARG B 12 -14.31 -49.52 -41.96
CA ARG B 12 -14.42 -49.05 -40.57
C ARG B 12 -15.64 -48.11 -40.44
N ARG B 13 -15.97 -47.35 -41.49
CA ARG B 13 -17.16 -46.49 -41.43
C ARG B 13 -18.41 -47.38 -41.50
N GLU B 14 -18.32 -48.46 -42.26
CA GLU B 14 -19.47 -49.32 -42.36
C GLU B 14 -19.80 -49.90 -40.98
N LYS B 15 -18.79 -50.38 -40.27
CA LYS B 15 -19.02 -50.99 -38.95
C LYS B 15 -19.62 -49.97 -38.00
N LEU B 16 -19.22 -48.73 -38.15
CA LEU B 16 -19.74 -47.72 -37.26
C LEU B 16 -21.28 -47.72 -37.27
N LYS B 17 -21.85 -47.74 -38.46
CA LYS B 17 -23.32 -47.77 -38.65
C LYS B 17 -23.89 -49.06 -38.02
N LYS B 18 -23.15 -50.15 -38.21
CA LYS B 18 -23.49 -51.47 -37.71
C LYS B 18 -23.58 -51.51 -36.16
N ILE B 19 -22.58 -50.96 -35.45
CA ILE B 19 -22.66 -50.99 -34.00
C ILE B 19 -23.79 -50.02 -33.53
N GLU B 20 -24.12 -49.03 -34.36
CA GLU B 20 -25.22 -48.11 -34.01
C GLU B 20 -26.57 -48.80 -34.11
N GLU B 21 -26.70 -49.60 -35.15
CA GLU B 21 -27.89 -50.38 -35.39
C GLU B 21 -28.05 -51.52 -34.38
N LEU B 22 -27.06 -51.71 -33.48
CA LEU B 22 -27.14 -52.77 -32.47
C LEU B 22 -27.63 -52.14 -31.18
N GLY B 23 -27.98 -50.84 -31.31
CA GLY B 23 -28.44 -50.01 -30.21
C GLY B 23 -27.30 -49.46 -29.30
N VAL B 24 -26.07 -49.39 -29.78
CA VAL B 24 -24.95 -48.93 -28.92
C VAL B 24 -24.34 -47.59 -29.33
N ASP B 25 -23.87 -46.83 -28.33
CA ASP B 25 -23.21 -45.53 -28.58
C ASP B 25 -21.79 -45.86 -29.05
N PRO B 26 -21.54 -45.80 -30.37
CA PRO B 26 -20.19 -46.13 -30.80
C PRO B 26 -19.05 -45.28 -30.19
N PHE B 27 -19.41 -44.23 -29.42
CA PHE B 27 -18.35 -43.46 -28.79
C PHE B 27 -18.39 -43.48 -27.26
N GLY B 28 -19.14 -44.47 -26.76
CA GLY B 28 -19.22 -44.75 -25.35
C GLY B 28 -19.62 -43.74 -24.31
N LYS B 29 -19.90 -44.29 -23.14
CA LYS B 29 -20.28 -43.56 -21.95
C LYS B 29 -19.16 -43.75 -20.95
N ARG B 30 -19.27 -43.10 -19.80
CA ARG B 30 -18.25 -43.29 -18.77
C ARG B 30 -18.13 -44.83 -18.57
N PHE B 31 -17.00 -45.29 -18.04
CA PHE B 31 -16.79 -46.70 -17.75
C PHE B 31 -15.93 -46.83 -16.47
N GLU B 32 -16.45 -47.45 -15.42
CA GLU B 32 -15.71 -47.62 -14.16
C GLU B 32 -14.73 -48.81 -14.20
N ARG B 33 -13.49 -48.59 -13.80
CA ARG B 33 -12.52 -49.65 -13.76
C ARG B 33 -12.11 -49.93 -12.32
N THR B 34 -11.60 -51.14 -12.07
CA THR B 34 -11.11 -51.54 -10.75
C THR B 34 -9.57 -51.67 -10.85
N HIS B 35 -9.05 -51.87 -12.05
CA HIS B 35 -7.59 -52.08 -12.18
C HIS B 35 -7.01 -51.64 -13.50
N LYS B 36 -5.67 -51.65 -13.50
CA LYS B 36 -4.81 -51.40 -14.68
C LYS B 36 -4.17 -52.79 -14.89
N ALA B 37 -3.82 -53.11 -16.17
CA ALA B 37 -3.21 -54.40 -16.54
C ALA B 37 -2.02 -54.71 -15.67
N GLU B 38 -1.30 -53.67 -15.30
CA GLU B 38 -0.12 -53.91 -14.51
C GLU B 38 -0.35 -54.55 -13.15
N GLU B 39 -1.29 -53.99 -12.40
CA GLU B 39 -1.61 -54.45 -11.03
C GLU B 39 -2.15 -55.86 -11.00
N LEU B 40 -2.85 -56.22 -12.08
CA LEU B 40 -3.41 -57.57 -12.26
C LEU B 40 -2.23 -58.56 -12.19
N PHE B 41 -1.25 -58.35 -13.08
CA PHE B 41 -0.08 -59.22 -13.07
C PHE B 41 0.60 -59.27 -11.70
N GLU B 42 0.81 -58.08 -11.13
CA GLU B 42 1.43 -57.91 -9.83
C GLU B 42 0.67 -58.63 -8.73
N LEU B 43 -0.67 -58.59 -8.79
CA LEU B 43 -1.48 -59.23 -7.76
C LEU B 43 -1.79 -60.67 -8.02
N TYR B 44 -2.05 -61.01 -9.27
CA TYR B 44 -2.48 -62.37 -9.57
C TYR B 44 -1.65 -63.23 -10.50
N GLY B 45 -0.51 -62.69 -10.98
CA GLY B 45 0.37 -63.46 -11.86
C GLY B 45 0.94 -64.74 -11.22
N ASP B 46 1.00 -64.81 -9.90
CA ASP B 46 1.56 -65.98 -9.26
C ASP B 46 0.62 -67.06 -8.76
N LEU B 47 -0.68 -66.74 -8.83
CA LEU B 47 -1.75 -67.65 -8.41
C LEU B 47 -1.87 -68.85 -9.38
N SER B 48 -2.16 -70.06 -8.90
CA SER B 48 -2.33 -71.17 -9.85
C SER B 48 -3.66 -71.00 -10.66
N LYS B 49 -3.72 -71.67 -11.81
CA LYS B 49 -4.90 -71.66 -12.66
C LYS B 49 -6.13 -72.14 -11.85
N GLU B 50 -5.99 -73.20 -11.02
CA GLU B 50 -7.20 -73.63 -10.32
C GLU B 50 -7.64 -72.83 -9.10
N GLU B 51 -6.72 -72.21 -8.37
CA GLU B 51 -7.22 -71.42 -7.26
C GLU B 51 -7.87 -70.18 -7.88
N LEU B 52 -7.50 -69.82 -9.12
CA LEU B 52 -8.14 -68.64 -9.77
C LEU B 52 -9.56 -69.07 -10.08
N GLU B 53 -9.72 -70.28 -10.57
CA GLU B 53 -11.09 -70.76 -10.84
C GLU B 53 -11.93 -70.69 -9.56
N GLU B 54 -11.38 -71.19 -8.47
CA GLU B 54 -12.09 -71.22 -7.20
C GLU B 54 -12.42 -69.79 -6.70
N GLN B 55 -11.40 -68.96 -6.65
CA GLN B 55 -11.53 -67.61 -6.15
C GLN B 55 -12.52 -66.68 -6.87
N GLN B 56 -12.64 -66.77 -8.20
CA GLN B 56 -13.53 -65.87 -8.97
C GLN B 56 -13.26 -64.35 -8.67
N ILE B 57 -12.01 -63.96 -8.86
CA ILE B 57 -11.59 -62.55 -8.63
C ILE B 57 -12.10 -61.61 -9.77
N GLU B 58 -13.13 -60.84 -9.47
CA GLU B 58 -13.77 -59.93 -10.43
C GLU B 58 -13.01 -58.62 -10.61
N VAL B 59 -12.81 -58.26 -11.87
CA VAL B 59 -12.12 -57.06 -12.21
C VAL B 59 -12.82 -56.38 -13.39
N ALA B 60 -12.51 -55.08 -13.56
CA ALA B 60 -13.00 -54.27 -14.67
C ALA B 60 -11.81 -53.45 -15.15
N VAL B 61 -11.62 -53.47 -16.47
CA VAL B 61 -10.51 -52.76 -17.11
C VAL B 61 -11.00 -52.25 -18.45
N ALA B 62 -10.23 -51.31 -19.01
CA ALA B 62 -10.52 -50.76 -20.33
C ALA B 62 -9.23 -50.41 -21.11
N GLY B 63 -9.30 -50.45 -22.42
CA GLY B 63 -8.15 -50.15 -23.21
C GLY B 63 -8.41 -50.38 -24.71
N ARG B 64 -7.34 -50.24 -25.48
CA ARG B 64 -7.38 -50.38 -26.92
C ARG B 64 -6.97 -51.81 -27.36
N ILE B 65 -7.73 -52.31 -28.32
CA ILE B 65 -7.52 -53.62 -28.87
C ILE B 65 -6.27 -53.57 -29.74
N MET B 66 -5.21 -54.24 -29.28
CA MET B 66 -3.93 -54.30 -30.00
C MET B 66 -3.82 -55.61 -30.84
N THR B 67 -4.34 -56.72 -30.33
CA THR B 67 -4.28 -57.98 -31.06
C THR B 67 -5.63 -58.64 -30.84
N LYS B 68 -6.09 -59.34 -31.86
CA LYS B 68 -7.34 -60.01 -31.70
C LYS B 68 -7.32 -61.34 -32.48
N ARG B 69 -7.74 -62.44 -31.88
CA ARG B 69 -7.74 -63.67 -32.71
C ARG B 69 -9.10 -64.36 -32.61
N GLY B 70 -9.70 -64.52 -33.79
CA GLY B 70 -11.02 -65.12 -33.93
C GLY B 70 -11.01 -66.58 -33.65
N MET B 71 -12.00 -67.28 -34.19
CA MET B 71 -12.14 -68.72 -34.01
C MET B 71 -13.59 -69.00 -33.69
N GLY B 72 -14.50 -68.34 -34.44
CA GLY B 72 -15.92 -68.58 -34.24
C GLY B 72 -16.66 -68.11 -32.98
N LYS B 73 -17.14 -69.02 -32.13
CA LYS B 73 -17.90 -68.60 -30.94
C LYS B 73 -17.16 -68.28 -29.63
N ALA B 74 -15.86 -68.15 -29.72
CA ALA B 74 -15.03 -67.77 -28.57
C ALA B 74 -13.87 -67.06 -29.22
N GLY B 75 -13.38 -66.02 -28.54
CA GLY B 75 -12.28 -65.27 -29.08
C GLY B 75 -11.43 -64.64 -28.02
N PHE B 76 -10.24 -64.22 -28.46
CA PHE B 76 -9.29 -63.56 -27.58
C PHE B 76 -8.92 -62.20 -28.15
N ALA B 77 -8.36 -61.35 -27.29
CA ALA B 77 -7.80 -60.04 -27.69
C ALA B 77 -6.92 -59.58 -26.53
N HIS B 78 -5.96 -58.75 -26.87
CA HIS B 78 -5.10 -58.18 -25.85
C HIS B 78 -5.53 -56.73 -25.94
N ILE B 79 -5.85 -56.15 -24.79
CA ILE B 79 -6.25 -54.74 -24.80
C ILE B 79 -5.18 -54.01 -23.99
N GLN B 80 -4.86 -52.81 -24.44
CA GLN B 80 -3.78 -52.05 -23.84
C GLN B 80 -4.20 -50.80 -23.07
N ASP B 81 -3.82 -50.72 -21.78
CA ASP B 81 -4.12 -49.51 -21.02
C ASP B 81 -2.81 -48.79 -20.80
N VAL B 82 -2.83 -47.66 -20.11
CA VAL B 82 -1.59 -46.94 -19.92
C VAL B 82 -0.47 -47.73 -19.24
N THR B 83 -0.77 -48.80 -18.50
CA THR B 83 0.24 -49.64 -17.82
C THR B 83 0.69 -50.88 -18.61
N GLY B 84 0.04 -51.22 -19.71
CA GLY B 84 0.45 -52.43 -20.40
C GLY B 84 -0.74 -53.09 -21.07
N GLN B 85 -0.67 -54.39 -21.34
CA GLN B 85 -1.77 -55.09 -22.02
C GLN B 85 -2.19 -56.31 -21.21
N ILE B 86 -3.47 -56.67 -21.25
CA ILE B 86 -3.96 -57.87 -20.54
C ILE B 86 -4.79 -58.67 -21.54
N GLN B 87 -4.64 -59.98 -21.55
CA GLN B 87 -5.44 -60.74 -22.49
C GLN B 87 -6.86 -60.92 -21.92
N ILE B 88 -7.85 -60.75 -22.80
CA ILE B 88 -9.25 -60.95 -22.45
C ILE B 88 -9.76 -62.16 -23.30
N TYR B 89 -10.65 -62.95 -22.73
CA TYR B 89 -11.20 -64.15 -23.38
C TYR B 89 -12.72 -63.94 -23.36
N VAL B 90 -13.29 -63.88 -24.56
CA VAL B 90 -14.72 -63.65 -24.73
C VAL B 90 -15.43 -64.81 -25.46
N ARG B 91 -16.38 -65.47 -24.79
CA ARG B 91 -17.18 -66.53 -25.45
C ARG B 91 -18.66 -66.19 -25.48
N GLN B 92 -19.33 -66.45 -26.61
CA GLN B 92 -20.76 -66.17 -26.70
C GLN B 92 -21.45 -66.84 -25.55
N ASP B 93 -20.91 -68.00 -25.20
CA ASP B 93 -21.35 -68.82 -24.07
C ASP B 93 -21.73 -68.06 -22.82
N ASP B 94 -20.87 -67.09 -22.53
CA ASP B 94 -21.00 -66.29 -21.34
C ASP B 94 -21.59 -64.92 -21.55
N VAL B 95 -21.13 -64.20 -22.54
CA VAL B 95 -21.60 -62.86 -22.64
C VAL B 95 -22.91 -62.63 -23.41
N GLY B 96 -23.52 -63.68 -23.99
CA GLY B 96 -24.76 -63.48 -24.75
C GLY B 96 -24.46 -63.03 -26.19
N GLU B 97 -25.45 -63.16 -27.05
CA GLU B 97 -25.27 -62.87 -28.46
C GLU B 97 -25.02 -61.42 -28.86
N GLN B 98 -25.62 -60.45 -28.18
CA GLN B 98 -25.45 -59.08 -28.56
C GLN B 98 -24.05 -58.59 -28.18
N GLN B 99 -23.53 -59.05 -27.03
CA GLN B 99 -22.18 -58.64 -26.64
C GLN B 99 -21.19 -59.39 -27.49
N TYR B 100 -21.49 -60.66 -27.79
CA TYR B 100 -20.57 -61.43 -28.60
C TYR B 100 -20.46 -60.79 -30.00
N GLU B 101 -21.60 -60.30 -30.49
CA GLU B 101 -21.66 -59.61 -31.78
C GLU B 101 -20.77 -58.37 -31.71
N LEU B 102 -20.89 -57.61 -30.61
CA LEU B 102 -20.06 -56.41 -30.42
C LEU B 102 -18.58 -56.81 -30.51
N PHE B 103 -18.19 -57.83 -29.74
CA PHE B 103 -16.84 -58.36 -29.78
C PHE B 103 -16.43 -58.72 -31.22
N LYS B 104 -17.27 -59.48 -31.92
CA LYS B 104 -16.95 -59.85 -33.30
C LYS B 104 -16.74 -58.65 -34.22
N ILE B 105 -17.53 -57.59 -34.08
CA ILE B 105 -17.29 -56.42 -34.97
C ILE B 105 -16.03 -55.63 -34.62
N SER B 106 -15.67 -55.60 -33.32
CA SER B 106 -14.52 -54.85 -32.78
C SER B 106 -13.26 -55.10 -33.61
N ASP B 107 -12.59 -54.01 -33.95
CA ASP B 107 -11.35 -53.96 -34.79
C ASP B 107 -10.11 -53.69 -33.92
N LEU B 108 -8.93 -53.91 -34.52
CA LEU B 108 -7.69 -53.54 -33.82
C LEU B 108 -7.80 -51.98 -33.76
N GLY B 109 -7.51 -51.36 -32.64
CA GLY B 109 -7.69 -49.91 -32.61
C GLY B 109 -8.91 -49.52 -31.79
N ASP B 110 -10.04 -50.20 -31.94
CA ASP B 110 -11.21 -49.85 -31.14
C ASP B 110 -10.85 -50.00 -29.68
N ILE B 111 -11.56 -49.23 -28.85
CA ILE B 111 -11.35 -49.19 -27.42
C ILE B 111 -12.56 -49.81 -26.76
N VAL B 112 -12.33 -50.67 -25.78
CA VAL B 112 -13.45 -51.35 -25.11
C VAL B 112 -13.17 -51.51 -23.60
N GLY B 113 -14.22 -51.77 -22.85
CA GLY B 113 -14.09 -52.00 -21.42
C GLY B 113 -14.68 -53.39 -21.13
N VAL B 114 -14.16 -54.06 -20.12
CA VAL B 114 -14.72 -55.34 -19.81
C VAL B 114 -14.85 -55.59 -18.31
N ARG B 115 -15.78 -56.43 -17.95
CA ARG B 115 -15.87 -56.85 -16.55
C ARG B 115 -15.74 -58.38 -16.75
N GLY B 116 -15.07 -59.06 -15.82
CA GLY B 116 -14.88 -60.51 -15.88
C GLY B 116 -14.08 -60.99 -14.63
N THR B 117 -13.68 -62.27 -14.63
CA THR B 117 -12.88 -62.81 -13.52
C THR B 117 -11.50 -63.24 -14.01
N MET B 118 -10.55 -63.24 -13.07
CA MET B 118 -9.21 -63.63 -13.45
C MET B 118 -9.14 -65.14 -13.74
N PHE B 119 -8.33 -65.53 -14.71
CA PHE B 119 -8.13 -66.94 -15.00
C PHE B 119 -6.84 -67.16 -15.79
N LYS B 120 -6.30 -68.35 -15.81
CA LYS B 120 -5.10 -68.52 -16.64
C LYS B 120 -5.41 -69.48 -17.79
N THR B 121 -4.87 -69.25 -18.99
CA THR B 121 -5.14 -70.22 -20.04
C THR B 121 -4.28 -71.50 -19.79
N LYS B 122 -4.46 -72.54 -20.62
CA LYS B 122 -3.69 -73.80 -20.48
C LYS B 122 -2.22 -73.46 -20.60
N VAL B 123 -1.97 -72.54 -21.50
CA VAL B 123 -0.65 -71.96 -21.77
C VAL B 123 -0.13 -71.26 -20.50
N GLY B 124 -1.01 -70.96 -19.56
CA GLY B 124 -0.55 -70.29 -18.36
C GLY B 124 -0.67 -68.77 -18.38
N GLU B 125 -1.22 -68.20 -19.47
CA GLU B 125 -1.29 -66.73 -19.51
C GLU B 125 -2.40 -66.13 -18.62
N LEU B 126 -2.04 -65.20 -17.75
CA LEU B 126 -3.02 -64.52 -16.85
C LEU B 126 -3.97 -63.71 -17.75
N SER B 127 -5.27 -63.88 -17.55
CA SER B 127 -6.24 -63.26 -18.45
C SER B 127 -7.57 -62.91 -17.76
N ILE B 128 -8.43 -62.22 -18.50
CA ILE B 128 -9.74 -61.91 -17.93
C ILE B 128 -10.83 -62.67 -18.70
N LYS B 129 -11.61 -63.44 -17.94
CA LYS B 129 -12.69 -64.24 -18.48
C LYS B 129 -13.86 -63.28 -18.44
N VAL B 130 -14.12 -62.69 -19.59
CA VAL B 130 -15.15 -61.65 -19.73
C VAL B 130 -16.59 -62.07 -19.46
N SER B 131 -17.24 -61.36 -18.53
CA SER B 131 -18.66 -61.59 -18.26
C SER B 131 -19.48 -60.50 -18.93
N SER B 132 -18.84 -59.37 -19.14
CA SER B 132 -19.49 -58.21 -19.72
C SER B 132 -18.53 -57.45 -20.66
N TYR B 133 -18.96 -57.22 -21.89
CA TYR B 133 -18.17 -56.55 -22.90
C TYR B 133 -18.81 -55.24 -23.38
N GLU B 134 -18.16 -54.11 -23.06
CA GLU B 134 -18.67 -52.77 -23.41
C GLU B 134 -17.92 -52.20 -24.55
N PHE B 135 -18.65 -51.73 -25.54
CA PHE B 135 -17.98 -51.12 -26.65
C PHE B 135 -17.84 -49.64 -26.28
N LEU B 136 -16.59 -49.12 -26.29
CA LEU B 136 -16.31 -47.73 -25.88
C LEU B 136 -16.02 -46.67 -26.97
N THR B 137 -15.17 -46.95 -27.96
CA THR B 137 -14.96 -46.00 -29.06
C THR B 137 -14.51 -46.68 -30.36
N LYS B 138 -15.11 -46.26 -31.48
CA LYS B 138 -14.75 -46.77 -32.78
C LYS B 138 -13.56 -46.01 -33.34
N ALA B 139 -12.55 -46.73 -33.76
CA ALA B 139 -11.43 -46.04 -34.39
C ALA B 139 -11.78 -46.07 -35.88
N LEU B 140 -11.92 -44.88 -36.50
CA LEU B 140 -12.16 -44.80 -37.93
C LEU B 140 -10.88 -45.06 -38.67
N ARG B 141 -9.75 -44.97 -37.99
CA ARG B 141 -8.51 -45.22 -38.71
C ARG B 141 -7.71 -46.33 -38.07
N PRO B 142 -7.21 -47.23 -38.90
CA PRO B 142 -6.42 -48.37 -38.47
C PRO B 142 -5.12 -48.01 -37.77
N LEU B 143 -4.76 -48.84 -36.82
CA LEU B 143 -3.54 -48.68 -36.06
C LEU B 143 -2.49 -49.04 -37.08
N PRO B 144 -1.28 -48.49 -36.93
CA PRO B 144 -0.22 -48.82 -37.89
C PRO B 144 0.26 -50.28 -37.72
N GLU B 145 1.06 -50.79 -38.68
CA GLU B 145 1.62 -52.15 -38.68
C GLU B 145 2.38 -52.51 -37.38
N LYS B 146 3.57 -53.10 -37.47
CA LYS B 146 4.28 -53.45 -36.24
C LYS B 146 5.80 -53.15 -36.16
N ASP B 152 8.50 -43.12 -40.09
CA ASP B 152 9.89 -43.14 -39.60
C ASP B 152 10.18 -42.31 -38.29
N ILE B 153 11.43 -41.89 -38.18
CA ILE B 153 11.91 -41.09 -37.05
C ILE B 153 11.14 -39.73 -36.94
N GLU B 154 10.86 -39.11 -38.09
CA GLU B 154 10.11 -37.86 -38.10
C GLU B 154 8.62 -38.17 -37.78
N GLN B 155 8.07 -39.22 -38.42
CA GLN B 155 6.66 -39.61 -38.24
C GLN B 155 6.08 -39.53 -36.85
N ARG B 156 6.78 -40.18 -35.93
CA ARG B 156 6.42 -40.28 -34.54
C ARG B 156 6.44 -38.98 -33.69
N TYR B 157 7.08 -37.91 -34.18
CA TYR B 157 7.08 -36.60 -33.49
C TYR B 157 5.87 -35.81 -34.05
N ARG B 158 5.51 -36.19 -35.28
CA ARG B 158 4.44 -35.63 -36.10
C ARG B 158 3.11 -36.19 -35.63
N GLN B 159 3.14 -37.41 -35.10
CA GLN B 159 1.95 -38.06 -34.53
C GLN B 159 2.37 -38.81 -33.28
N ARG B 160 2.71 -38.01 -32.27
CA ARG B 160 3.14 -38.49 -30.97
C ARG B 160 2.18 -39.52 -30.40
N TYR B 161 0.89 -39.33 -30.68
CA TYR B 161 -0.08 -40.25 -30.13
C TYR B 161 0.14 -41.67 -30.71
N LEU B 162 0.40 -41.79 -32.01
CA LEU B 162 0.67 -43.12 -32.58
C LEU B 162 1.90 -43.69 -31.84
N ASP B 163 2.90 -42.83 -31.64
CA ASP B 163 4.12 -43.27 -31.00
C ASP B 163 3.81 -43.69 -29.54
N LEU B 164 2.95 -42.95 -28.84
CA LEU B 164 2.67 -43.30 -27.46
C LEU B 164 1.97 -44.67 -27.34
N ILE B 165 1.12 -44.97 -28.32
CA ILE B 165 0.37 -46.24 -28.35
C ILE B 165 1.23 -47.46 -28.78
N MET B 166 2.01 -47.29 -29.83
CA MET B 166 2.83 -48.38 -30.33
C MET B 166 4.18 -48.60 -29.70
N ASN B 167 4.71 -47.69 -28.88
CA ASN B 167 6.05 -47.88 -28.33
C ASN B 167 6.22 -47.68 -26.83
N PRO B 168 6.14 -48.76 -26.07
CA PRO B 168 6.28 -48.77 -24.62
C PRO B 168 7.28 -47.80 -24.04
N GLU B 169 8.54 -47.97 -24.35
CA GLU B 169 9.55 -47.07 -23.81
C GLU B 169 9.19 -45.61 -24.08
N SER B 170 8.28 -45.37 -25.03
CA SER B 170 8.03 -44.00 -25.36
C SER B 170 7.41 -43.22 -24.25
N LYS B 171 6.25 -43.67 -23.77
CA LYS B 171 5.64 -42.93 -22.70
C LYS B 171 6.60 -42.84 -21.50
N LYS B 172 7.44 -43.86 -21.34
CA LYS B 172 8.35 -43.87 -20.20
C LYS B 172 9.17 -42.61 -20.11
N THR B 173 9.69 -42.16 -21.25
CA THR B 173 10.51 -40.98 -21.28
C THR B 173 9.73 -39.81 -20.70
N PHE B 174 8.46 -39.70 -21.08
CA PHE B 174 7.62 -38.61 -20.58
C PHE B 174 7.21 -38.83 -19.17
N ILE B 175 7.03 -40.07 -18.75
CA ILE B 175 6.71 -40.22 -17.35
C ILE B 175 7.93 -39.76 -16.52
N THR B 176 9.13 -40.13 -16.96
CA THR B 176 10.37 -39.75 -16.27
C THR B 176 10.49 -38.25 -16.27
N ARG B 177 10.18 -37.65 -17.41
CA ARG B 177 10.22 -36.22 -17.51
C ARG B 177 9.37 -35.60 -16.39
N SER B 178 8.13 -36.04 -16.23
CA SER B 178 7.37 -35.38 -15.17
C SER B 178 7.91 -35.66 -13.77
N LEU B 179 8.55 -36.80 -13.58
CA LEU B 179 9.06 -37.14 -12.30
C LEU B 179 10.28 -36.23 -12.01
N ILE B 180 11.05 -35.92 -13.06
CA ILE B 180 12.23 -35.02 -12.97
C ILE B 180 11.79 -33.58 -12.55
N ILE B 181 10.74 -33.06 -13.16
CA ILE B 181 10.28 -31.75 -12.81
C ILE B 181 9.71 -31.72 -11.37
N GLN B 182 8.92 -32.74 -11.05
CA GLN B 182 8.34 -32.84 -9.73
C GLN B 182 9.44 -32.92 -8.68
N SER B 183 10.48 -33.73 -8.93
CA SER B 183 11.58 -33.86 -7.98
C SER B 183 12.31 -32.51 -7.84
N MET B 184 12.39 -31.72 -8.93
CA MET B 184 13.10 -30.45 -8.84
C MET B 184 12.38 -29.46 -7.92
N ARG B 185 11.06 -29.34 -8.11
CA ARG B 185 10.27 -28.43 -7.29
C ARG B 185 10.27 -28.87 -5.84
N ARG B 186 10.33 -30.19 -5.59
CA ARG B 186 10.27 -30.65 -4.19
C ARG B 186 11.53 -30.22 -3.46
N TYR B 187 12.67 -30.35 -4.12
CA TYR B 187 13.92 -29.98 -3.59
C TYR B 187 13.92 -28.46 -3.39
N LEU B 188 13.57 -27.75 -4.44
CA LEU B 188 13.57 -26.30 -4.36
C LEU B 188 12.60 -25.79 -3.28
N ASP B 189 11.40 -26.34 -3.27
CA ASP B 189 10.44 -25.91 -2.29
C ASP B 189 10.96 -26.20 -0.91
N SER B 190 11.51 -27.39 -0.71
CA SER B 190 11.94 -27.70 0.65
C SER B 190 13.16 -26.90 1.03
N HIS B 191 13.90 -26.37 0.07
CA HIS B 191 15.05 -25.54 0.43
C HIS B 191 14.72 -24.04 0.55
N GLY B 192 13.45 -23.69 0.64
CA GLY B 192 13.12 -22.30 0.86
C GLY B 192 12.79 -21.46 -0.36
N TYR B 193 12.93 -22.00 -1.59
CA TYR B 193 12.68 -21.18 -2.77
C TYR B 193 11.22 -21.05 -3.13
N LEU B 194 10.80 -19.82 -3.40
CA LEU B 194 9.41 -19.55 -3.69
C LEU B 194 9.15 -19.63 -5.18
N GLU B 195 8.27 -20.55 -5.57
CA GLU B 195 7.94 -20.75 -6.99
C GLU B 195 7.00 -19.65 -7.44
N VAL B 196 7.40 -18.97 -8.49
CA VAL B 196 6.60 -17.86 -8.91
C VAL B 196 6.36 -17.91 -10.39
N GLU B 197 5.47 -17.00 -10.81
CA GLU B 197 5.09 -16.82 -12.22
C GLU B 197 5.24 -15.33 -12.65
N THR B 198 6.19 -15.08 -13.52
CA THR B 198 6.41 -13.72 -14.04
C THR B 198 6.03 -13.71 -15.53
N PRO B 199 5.89 -12.50 -16.16
CA PRO B 199 5.50 -12.36 -17.56
C PRO B 199 6.23 -13.15 -18.61
N MET B 200 5.49 -13.48 -19.64
CA MET B 200 6.04 -14.22 -20.79
C MET B 200 5.93 -13.27 -21.96
N MET B 201 5.20 -12.18 -21.74
CA MET B 201 5.04 -11.16 -22.79
C MET B 201 5.75 -9.91 -22.22
N HIS B 202 6.79 -9.42 -22.90
CA HIS B 202 7.56 -8.32 -22.41
C HIS B 202 7.55 -7.08 -23.28
N ALA B 203 7.72 -5.92 -22.63
CA ALA B 203 7.86 -4.64 -23.38
C ALA B 203 9.25 -4.66 -24.06
N VAL B 204 10.26 -5.23 -23.38
CA VAL B 204 11.63 -5.31 -23.92
C VAL B 204 12.19 -6.75 -23.70
N ALA B 205 12.52 -7.46 -24.77
CA ALA B 205 13.04 -8.82 -24.62
C ALA B 205 14.41 -8.81 -24.02
N GLY B 206 14.57 -9.15 -22.73
CA GLY B 206 15.91 -9.18 -22.12
C GLY B 206 16.24 -10.42 -21.27
N GLY B 207 17.41 -10.41 -20.61
CA GLY B 207 17.82 -11.53 -19.75
C GLY B 207 18.72 -12.56 -20.44
N ALA B 208 18.91 -12.36 -21.74
CA ALA B 208 19.73 -13.26 -22.54
C ALA B 208 20.11 -12.57 -23.87
N ALA B 209 20.92 -13.25 -24.67
CA ALA B 209 21.34 -12.82 -25.98
C ALA B 209 20.53 -13.70 -26.96
N ALA B 210 19.43 -13.23 -27.52
CA ALA B 210 18.68 -14.09 -28.46
C ALA B 210 17.64 -13.29 -29.16
N ARG B 211 17.29 -13.75 -30.37
CA ARG B 211 16.27 -13.08 -31.18
C ARG B 211 14.93 -13.53 -30.61
N PRO B 212 13.96 -12.61 -30.50
CA PRO B 212 12.64 -12.92 -29.95
C PRO B 212 11.50 -13.10 -30.94
N PHE B 213 10.39 -13.62 -30.42
CA PHE B 213 9.18 -13.74 -31.24
C PHE B 213 8.49 -12.44 -30.88
N ILE B 214 7.97 -11.77 -31.89
CA ILE B 214 7.31 -10.48 -31.75
C ILE B 214 5.89 -10.70 -32.08
N THR B 215 5.04 -10.02 -31.32
CA THR B 215 3.60 -10.09 -31.47
C THR B 215 2.98 -8.74 -31.07
N HIS B 216 1.66 -8.64 -31.18
CA HIS B 216 1.02 -7.35 -30.93
C HIS B 216 -0.30 -7.57 -30.18
N HIS B 217 -0.67 -6.64 -29.32
CA HIS B 217 -1.90 -6.72 -28.55
C HIS B 217 -2.84 -5.69 -29.21
N ASN B 218 -3.98 -6.14 -29.74
CA ASN B 218 -4.87 -5.21 -30.45
C ASN B 218 -5.49 -4.08 -29.63
N ALA B 219 -6.20 -4.43 -28.57
CA ALA B 219 -6.89 -3.44 -27.76
C ALA B 219 -5.94 -2.40 -27.17
N LEU B 220 -4.82 -2.85 -26.62
CA LEU B 220 -3.86 -1.96 -26.01
C LEU B 220 -2.95 -1.29 -27.07
N ASP B 221 -2.98 -1.84 -28.26
CA ASP B 221 -2.15 -1.36 -29.34
C ASP B 221 -0.70 -1.32 -28.88
N MET B 222 -0.09 -2.47 -28.63
CA MET B 222 1.31 -2.43 -28.26
C MET B 222 2.07 -3.64 -28.70
N THR B 223 3.34 -3.41 -28.98
CA THR B 223 4.21 -4.46 -29.45
C THR B 223 4.62 -5.21 -28.20
N LEU B 224 4.61 -6.53 -28.27
CA LEU B 224 5.03 -7.33 -27.13
C LEU B 224 6.05 -8.35 -27.59
N TYR B 225 7.04 -8.66 -26.77
CA TYR B 225 8.00 -9.68 -27.15
C TYR B 225 7.83 -10.89 -26.21
N MET B 226 7.76 -12.10 -26.77
CA MET B 226 7.67 -13.31 -25.92
C MET B 226 9.02 -13.41 -25.20
N ARG B 227 8.99 -13.71 -23.91
CA ARG B 227 10.26 -13.69 -23.19
C ARG B 227 11.36 -14.62 -23.75
N ILE B 228 12.59 -14.13 -23.80
CA ILE B 228 13.72 -14.95 -24.22
C ILE B 228 14.50 -15.45 -23.00
N ALA B 229 14.07 -15.01 -21.82
CA ALA B 229 14.68 -15.32 -20.53
C ALA B 229 13.69 -14.98 -19.38
N ILE B 230 13.96 -15.47 -18.16
CA ILE B 230 13.01 -15.17 -17.06
C ILE B 230 13.65 -14.16 -16.13
N GLU B 231 14.97 -14.03 -16.28
CA GLU B 231 15.86 -13.22 -15.44
C GLU B 231 15.49 -11.81 -14.95
N LEU B 232 15.07 -10.93 -15.86
CA LEU B 232 14.86 -9.56 -15.44
C LEU B 232 13.70 -9.43 -14.44
N HIS B 233 12.63 -10.19 -14.63
CA HIS B 233 11.54 -10.05 -13.69
C HIS B 233 11.81 -10.75 -12.35
N LEU B 234 12.57 -11.85 -12.38
CA LEU B 234 12.89 -12.53 -11.10
C LEU B 234 13.82 -11.57 -10.33
N LYS B 235 14.74 -10.90 -11.05
CA LYS B 235 15.63 -9.96 -10.38
C LYS B 235 14.78 -8.85 -9.70
N ARG B 236 13.70 -8.39 -10.35
CA ARG B 236 12.82 -7.38 -9.74
C ARG B 236 12.28 -7.91 -8.41
N LEU B 237 12.05 -9.22 -8.36
CA LEU B 237 11.57 -9.82 -7.15
C LEU B 237 12.61 -9.81 -6.04
N ILE B 238 13.87 -9.91 -6.44
CA ILE B 238 14.93 -9.92 -5.47
C ILE B 238 15.07 -8.49 -4.96
N VAL B 239 15.06 -7.48 -5.84
CA VAL B 239 15.00 -6.11 -5.33
C VAL B 239 13.80 -6.04 -4.32
N GLY B 240 12.69 -6.73 -4.71
CA GLY B 240 11.49 -6.76 -3.88
C GLY B 240 11.60 -7.42 -2.49
N GLY B 241 12.75 -7.98 -2.16
CA GLY B 241 12.92 -8.56 -0.85
C GLY B 241 12.52 -10.04 -0.69
N LEU B 242 12.08 -10.68 -1.76
CA LEU B 242 11.64 -12.06 -1.65
C LEU B 242 12.75 -13.10 -1.33
N GLU B 243 14.03 -12.72 -1.51
CA GLU B 243 15.19 -13.55 -1.21
C GLU B 243 15.56 -14.86 -1.97
N LYS B 244 14.55 -15.71 -2.20
CA LYS B 244 14.78 -17.01 -2.85
C LYS B 244 13.53 -17.21 -3.72
N VAL B 245 13.67 -17.24 -5.05
CA VAL B 245 12.51 -17.44 -5.91
C VAL B 245 12.96 -18.31 -7.10
N TYR B 246 12.05 -19.07 -7.67
CA TYR B 246 12.44 -19.82 -8.84
C TYR B 246 11.23 -19.96 -9.66
N GLU B 247 11.42 -20.23 -10.94
CA GLU B 247 10.28 -20.40 -11.77
C GLU B 247 10.74 -21.44 -12.82
N ILE B 248 9.89 -22.43 -13.10
CA ILE B 248 10.20 -23.45 -14.12
C ILE B 248 9.17 -23.11 -15.16
N GLY B 249 9.62 -22.55 -16.27
CA GLY B 249 8.66 -22.10 -17.26
C GLY B 249 9.15 -22.06 -18.69
N ARG B 250 8.20 -21.87 -19.60
CA ARG B 250 8.54 -21.79 -20.99
C ARG B 250 9.23 -20.48 -21.34
N VAL B 251 10.17 -20.62 -22.25
CA VAL B 251 10.93 -19.51 -22.76
C VAL B 251 10.92 -19.67 -24.29
N PHE B 252 11.04 -18.55 -25.00
CA PHE B 252 10.93 -18.50 -26.44
C PHE B 252 12.06 -17.80 -27.17
N ARG B 253 12.72 -18.52 -28.06
CA ARG B 253 13.79 -17.93 -28.83
C ARG B 253 13.54 -18.27 -30.28
N ASN B 254 13.47 -17.24 -31.11
CA ASN B 254 13.23 -17.32 -32.55
C ASN B 254 14.53 -17.77 -33.28
N GLU B 255 14.84 -19.05 -33.17
CA GLU B 255 16.06 -19.63 -33.77
C GLU B 255 15.70 -21.06 -34.30
N GLY B 256 16.54 -21.55 -35.21
CA GLY B 256 16.33 -22.84 -35.82
C GLY B 256 16.43 -24.00 -34.85
N ILE B 257 15.83 -25.14 -35.15
CA ILE B 257 15.95 -26.22 -34.19
C ILE B 257 17.28 -26.97 -34.37
N SER B 258 17.64 -27.81 -33.41
CA SER B 258 18.87 -28.61 -33.48
C SER B 258 18.59 -29.74 -32.53
N THR B 259 19.43 -30.73 -32.47
CA THR B 259 19.15 -31.81 -31.56
C THR B 259 19.08 -31.27 -30.11
N ARG B 260 19.51 -30.03 -29.86
CA ARG B 260 19.52 -29.49 -28.49
C ARG B 260 18.76 -28.17 -28.33
N HIS B 261 18.06 -27.77 -29.39
CA HIS B 261 17.29 -26.53 -29.38
C HIS B 261 15.86 -26.67 -29.90
N ASN B 262 14.89 -26.12 -29.19
CA ASN B 262 13.54 -26.08 -29.74
C ASN B 262 13.19 -24.58 -29.54
N PRO B 263 12.35 -24.00 -30.42
CA PRO B 263 12.00 -22.57 -30.26
C PRO B 263 11.31 -22.24 -28.94
N GLU B 264 10.51 -23.19 -28.47
CA GLU B 264 9.90 -22.96 -27.13
C GLU B 264 10.47 -24.09 -26.30
N PHE B 265 11.05 -23.73 -25.16
CA PHE B 265 11.62 -24.74 -24.28
C PHE B 265 11.34 -24.32 -22.86
N THR B 266 11.65 -25.24 -21.93
CA THR B 266 11.43 -25.07 -20.47
C THR B 266 12.70 -24.80 -19.77
N MET B 267 12.75 -23.65 -19.13
CA MET B 267 13.95 -23.27 -18.37
C MET B 267 13.59 -23.09 -16.91
N LEU B 268 14.53 -23.45 -16.05
CA LEU B 268 14.34 -23.19 -14.64
C LEU B 268 15.26 -22.00 -14.41
N GLU B 269 14.74 -20.93 -13.85
CA GLU B 269 15.61 -19.83 -13.38
C GLU B 269 15.33 -19.67 -11.89
N LEU B 270 16.41 -19.46 -11.10
CA LEU B 270 16.24 -19.19 -9.65
C LEU B 270 17.25 -18.16 -9.20
N TYR B 271 16.90 -17.37 -8.18
CA TYR B 271 17.80 -16.34 -7.66
C TYR B 271 17.87 -16.43 -6.17
N GLU B 272 19.08 -16.22 -5.63
CA GLU B 272 19.23 -16.33 -4.19
C GLU B 272 20.04 -15.17 -3.64
N ALA B 273 19.35 -14.29 -2.92
CA ALA B 273 19.96 -13.13 -2.28
C ALA B 273 21.05 -13.59 -1.33
N TYR B 274 22.13 -12.83 -1.26
CA TYR B 274 23.23 -13.12 -0.36
C TYR B 274 24.14 -14.29 -0.73
N ALA B 275 23.87 -14.94 -1.87
CA ALA B 275 24.73 -16.02 -2.33
C ALA B 275 25.59 -15.48 -3.50
N ASP B 276 26.68 -16.19 -3.81
CA ASP B 276 27.53 -15.84 -4.96
C ASP B 276 27.60 -17.09 -5.91
N PHE B 277 28.30 -16.99 -7.05
CA PHE B 277 28.32 -18.08 -7.98
C PHE B 277 28.89 -19.40 -7.46
N ARG B 278 29.82 -19.35 -6.51
CA ARG B 278 30.34 -20.57 -5.89
C ARG B 278 29.23 -21.26 -5.10
N ASP B 279 28.33 -20.50 -4.48
CA ASP B 279 27.20 -21.11 -3.74
C ASP B 279 26.25 -21.73 -4.75
N ILE B 280 26.01 -21.03 -5.86
CA ILE B 280 25.11 -21.58 -6.91
C ILE B 280 25.71 -22.89 -7.50
N MET B 281 27.06 -22.99 -7.58
CA MET B 281 27.72 -24.22 -8.10
C MET B 281 27.30 -25.40 -7.20
N LYS B 282 27.45 -25.23 -5.90
CA LYS B 282 27.09 -26.24 -4.94
C LYS B 282 25.58 -26.57 -5.03
N LEU B 283 24.72 -25.57 -5.07
CA LEU B 283 23.31 -25.83 -5.24
C LEU B 283 23.03 -26.66 -6.57
N THR B 284 23.65 -26.25 -7.68
CA THR B 284 23.42 -26.91 -8.93
C THR B 284 23.77 -28.41 -8.88
N GLU B 285 24.92 -28.75 -8.29
CA GLU B 285 25.32 -30.16 -8.26
C GLU B 285 24.49 -30.93 -7.25
N ASN B 286 24.15 -30.33 -6.11
CA ASN B 286 23.33 -31.07 -5.15
C ASN B 286 21.90 -31.25 -5.73
N LEU B 287 21.37 -30.22 -6.39
CA LEU B 287 20.03 -30.34 -6.94
C LEU B 287 19.98 -31.42 -8.05
N ILE B 288 20.99 -31.46 -8.90
CA ILE B 288 20.90 -32.40 -10.01
C ILE B 288 21.17 -33.79 -9.53
N ALA B 289 22.15 -33.95 -8.66
CA ALA B 289 22.42 -35.30 -8.13
C ALA B 289 21.16 -35.83 -7.40
N HIS B 290 20.49 -34.95 -6.67
CA HIS B 290 19.30 -35.33 -5.93
C HIS B 290 18.19 -35.81 -6.84
N ILE B 291 18.02 -35.12 -7.97
CA ILE B 291 17.00 -35.53 -8.89
C ILE B 291 17.32 -36.93 -9.45
N ALA B 292 18.58 -37.18 -9.80
CA ALA B 292 18.99 -38.46 -10.42
C ALA B 292 18.77 -39.56 -9.36
N THR B 293 19.14 -39.23 -8.14
CA THR B 293 18.92 -40.14 -7.04
C THR B 293 17.46 -40.50 -6.85
N GLU B 294 16.63 -39.47 -6.68
CA GLU B 294 15.22 -39.66 -6.42
C GLU B 294 14.45 -40.30 -7.57
N VAL B 295 14.81 -39.95 -8.79
CA VAL B 295 14.07 -40.48 -9.90
C VAL B 295 14.66 -41.74 -10.55
N LEU B 296 15.98 -41.84 -10.57
CA LEU B 296 16.66 -42.97 -11.17
C LEU B 296 17.24 -43.97 -10.16
N GLY B 297 17.42 -43.52 -8.92
CA GLY B 297 17.97 -44.34 -7.88
C GLY B 297 19.49 -44.41 -7.91
N THR B 298 20.11 -43.66 -8.81
CA THR B 298 21.57 -43.65 -9.00
C THR B 298 22.09 -42.32 -9.56
N THR B 299 23.36 -41.97 -9.28
CA THR B 299 23.94 -40.78 -9.88
C THR B 299 24.82 -41.15 -11.07
N LYS B 300 24.88 -42.44 -11.43
CA LYS B 300 25.69 -42.91 -12.56
C LYS B 300 24.77 -43.24 -13.68
N ILE B 301 24.88 -42.50 -14.77
CA ILE B 301 23.92 -42.73 -15.84
C ILE B 301 24.58 -42.91 -17.16
N GLN B 302 23.84 -43.48 -18.08
CA GLN B 302 24.34 -43.70 -19.41
C GLN B 302 23.85 -42.62 -20.39
N TYR B 303 24.77 -42.13 -21.18
CA TYR B 303 24.37 -41.21 -22.21
C TYR B 303 25.26 -41.51 -23.40
N GLY B 304 24.63 -42.04 -24.44
CA GLY B 304 25.36 -42.39 -25.64
C GLY B 304 26.39 -43.41 -25.22
N GLU B 305 27.65 -43.22 -25.57
CA GLU B 305 28.74 -44.14 -25.22
C GLU B 305 29.42 -43.82 -23.87
N HIS B 306 28.83 -42.90 -23.10
CA HIS B 306 29.43 -42.45 -21.86
C HIS B 306 28.71 -42.89 -20.60
N LEU B 307 29.48 -43.09 -19.54
CA LEU B 307 28.85 -43.39 -18.25
C LEU B 307 29.20 -42.12 -17.49
N VAL B 308 28.18 -41.33 -17.25
CA VAL B 308 28.35 -40.06 -16.57
C VAL B 308 28.12 -40.17 -15.07
N ASP B 309 29.08 -39.71 -14.27
CA ASP B 309 28.93 -39.77 -12.83
C ASP B 309 28.50 -38.38 -12.34
N LEU B 310 27.23 -38.28 -11.95
CA LEU B 310 26.71 -37.02 -11.45
C LEU B 310 26.94 -36.85 -9.96
N THR B 311 27.73 -37.70 -9.34
CA THR B 311 27.95 -37.57 -7.91
C THR B 311 28.79 -36.36 -7.57
N PRO B 312 28.38 -35.51 -6.60
CA PRO B 312 29.26 -34.37 -6.29
C PRO B 312 30.55 -34.82 -5.63
N GLU B 313 31.55 -33.95 -5.60
CA GLU B 313 31.52 -32.60 -6.17
C GLU B 313 32.11 -32.69 -7.60
N TRP B 314 31.57 -31.87 -8.52
CA TRP B 314 31.99 -31.88 -9.92
C TRP B 314 33.23 -31.04 -10.07
N ARG B 315 33.87 -31.17 -11.23
CA ARG B 315 35.09 -30.44 -11.53
C ARG B 315 34.83 -28.96 -11.79
N ARG B 316 35.63 -28.07 -11.19
CA ARG B 316 35.54 -26.65 -11.45
C ARG B 316 36.74 -26.39 -12.32
N LEU B 317 36.54 -25.73 -13.45
CA LEU B 317 37.65 -25.48 -14.40
C LEU B 317 37.47 -24.09 -14.99
N HIS B 318 38.51 -23.26 -14.90
CA HIS B 318 38.39 -21.89 -15.46
C HIS B 318 38.48 -21.96 -16.98
N MET B 319 37.63 -21.21 -17.65
CA MET B 319 37.61 -21.25 -19.07
C MET B 319 39.01 -21.07 -19.70
N VAL B 320 39.78 -20.12 -19.15
CA VAL B 320 41.13 -19.87 -19.67
C VAL B 320 42.04 -21.05 -19.46
N ASP B 321 41.87 -21.68 -18.29
CA ASP B 321 42.65 -22.84 -17.96
C ASP B 321 42.24 -23.99 -18.88
N ALA B 322 40.96 -24.08 -19.19
CA ALA B 322 40.49 -25.16 -20.07
C ALA B 322 41.16 -24.98 -21.45
N ILE B 323 41.20 -23.74 -21.93
CA ILE B 323 41.84 -23.47 -23.22
C ILE B 323 43.34 -23.86 -23.22
N LYS B 324 44.09 -23.60 -22.10
CA LYS B 324 45.52 -23.95 -22.06
C LYS B 324 45.64 -25.50 -22.13
N GLU B 325 44.76 -26.15 -21.41
CA GLU B 325 44.73 -27.60 -21.31
C GLU B 325 44.43 -28.33 -22.61
N TYR B 326 43.32 -28.02 -23.26
CA TYR B 326 42.96 -28.70 -24.48
C TYR B 326 43.57 -28.11 -25.76
N VAL B 327 43.90 -26.81 -25.74
CA VAL B 327 44.44 -26.15 -26.93
C VAL B 327 45.93 -25.81 -26.87
N GLY B 328 46.46 -25.63 -25.67
CA GLY B 328 47.84 -25.28 -25.63
C GLY B 328 48.09 -23.80 -25.77
N VAL B 329 47.03 -23.00 -25.82
CA VAL B 329 47.17 -21.54 -25.90
C VAL B 329 46.90 -20.83 -24.54
N ASP B 330 47.68 -19.78 -24.24
CA ASP B 330 47.54 -19.03 -22.99
C ASP B 330 46.87 -17.67 -23.12
N PHE B 331 45.84 -17.46 -22.31
CA PHE B 331 45.14 -16.17 -22.32
C PHE B 331 45.20 -15.44 -20.98
N TRP B 332 45.98 -15.95 -20.00
CA TRP B 332 46.12 -15.25 -18.72
C TRP B 332 47.00 -14.00 -18.92
N ARG B 333 48.01 -14.12 -19.76
CA ARG B 333 48.83 -12.96 -20.01
C ARG B 333 48.01 -11.78 -20.55
N GLN B 334 48.49 -10.58 -20.27
CA GLN B 334 47.86 -9.35 -20.78
C GLN B 334 48.06 -9.49 -22.28
N MET B 335 47.03 -9.15 -23.05
CA MET B 335 47.19 -9.33 -24.48
C MET B 335 46.34 -8.33 -25.26
N SER B 336 46.82 -7.95 -26.45
CA SER B 336 46.07 -7.02 -27.29
C SER B 336 45.01 -7.76 -28.11
N ASP B 337 44.00 -7.04 -28.60
CA ASP B 337 42.97 -7.60 -29.42
C ASP B 337 43.62 -8.19 -30.65
N GLU B 338 44.55 -7.44 -31.25
CA GLU B 338 45.24 -7.94 -32.44
C GLU B 338 46.00 -9.26 -32.17
N GLU B 339 46.64 -9.41 -31.00
CA GLU B 339 47.35 -10.63 -30.69
C GLU B 339 46.32 -11.76 -30.56
N ALA B 340 45.18 -11.48 -29.95
CA ALA B 340 44.10 -12.53 -29.80
C ALA B 340 43.62 -12.94 -31.21
N ARG B 341 43.52 -11.94 -32.08
CA ARG B 341 43.11 -12.19 -33.49
C ARG B 341 44.15 -13.10 -34.14
N GLU B 342 45.44 -12.79 -33.98
CA GLU B 342 46.48 -13.62 -34.55
C GLU B 342 46.36 -15.08 -34.04
N LEU B 343 46.20 -15.27 -32.73
CA LEU B 343 46.10 -16.61 -32.17
C LEU B 343 44.96 -17.34 -32.83
N ALA B 344 43.85 -16.64 -33.03
CA ALA B 344 42.67 -17.24 -33.63
C ALA B 344 42.94 -17.68 -35.05
N LYS B 345 43.65 -16.84 -35.80
CA LYS B 345 43.98 -17.21 -37.16
C LYS B 345 44.87 -18.44 -37.11
N GLU B 346 45.84 -18.46 -36.23
CA GLU B 346 46.73 -19.61 -36.17
C GLU B 346 46.02 -20.90 -35.81
N HIS B 347 45.03 -20.84 -34.92
CA HIS B 347 44.32 -22.02 -34.48
C HIS B 347 43.02 -22.36 -35.17
N GLY B 348 42.67 -21.60 -36.20
CA GLY B 348 41.44 -21.86 -36.91
C GLY B 348 40.18 -21.58 -36.10
N VAL B 349 40.24 -20.58 -35.26
CA VAL B 349 39.11 -20.20 -34.47
C VAL B 349 38.46 -19.09 -35.26
N GLU B 350 37.19 -19.25 -35.59
CA GLU B 350 36.45 -18.20 -36.34
C GLU B 350 36.09 -17.03 -35.45
N VAL B 351 36.31 -15.81 -35.90
CA VAL B 351 35.88 -14.69 -35.07
C VAL B 351 35.09 -13.66 -35.93
N ALA B 352 34.19 -12.89 -35.32
CA ALA B 352 33.41 -11.90 -36.06
C ALA B 352 34.10 -10.55 -36.01
N PRO B 353 33.58 -9.58 -36.80
CA PRO B 353 34.29 -8.30 -36.73
C PRO B 353 34.16 -7.55 -35.43
N HIS B 354 33.07 -7.71 -34.67
CA HIS B 354 32.97 -6.94 -33.44
C HIS B 354 33.69 -7.59 -32.28
N MET B 355 34.30 -8.73 -32.48
CA MET B 355 34.92 -9.36 -31.35
C MET B 355 36.24 -8.81 -30.93
N THR B 356 36.44 -8.76 -29.62
CA THR B 356 37.72 -8.35 -29.06
C THR B 356 38.25 -9.55 -28.25
N PHE B 357 39.31 -9.36 -27.48
CA PHE B 357 39.96 -10.40 -26.67
C PHE B 357 38.99 -11.28 -25.93
N GLY B 358 38.02 -10.69 -25.23
CA GLY B 358 37.06 -11.43 -24.44
C GLY B 358 36.21 -12.31 -25.33
N HIS B 359 35.70 -11.79 -26.44
CA HIS B 359 34.86 -12.68 -27.25
C HIS B 359 35.69 -13.82 -27.81
N ILE B 360 36.92 -13.49 -28.22
CA ILE B 360 37.85 -14.45 -28.83
C ILE B 360 38.21 -15.59 -27.88
N VAL B 361 38.49 -15.27 -26.63
CA VAL B 361 38.73 -16.29 -25.61
C VAL B 361 37.54 -17.31 -25.60
N ASN B 362 36.32 -16.79 -25.51
CA ASN B 362 35.16 -17.63 -25.50
C ASN B 362 35.04 -18.41 -26.80
N GLU B 363 35.45 -17.82 -27.93
CA GLU B 363 35.35 -18.56 -29.19
C GLU B 363 36.32 -19.73 -29.14
N PHE B 364 37.52 -19.54 -28.54
CA PHE B 364 38.47 -20.65 -28.46
C PHE B 364 37.82 -21.79 -27.62
N PHE B 365 37.15 -21.43 -26.52
CA PHE B 365 36.53 -22.46 -25.66
C PHE B 365 35.42 -23.19 -26.39
N GLU B 366 34.48 -22.46 -26.96
CA GLU B 366 33.40 -23.08 -27.64
C GLU B 366 33.75 -23.92 -28.87
N GLN B 367 34.69 -23.43 -29.68
CA GLN B 367 35.01 -24.13 -30.91
C GLN B 367 36.01 -25.28 -30.74
N LYS B 368 36.90 -25.16 -29.78
CA LYS B 368 37.93 -26.19 -29.62
C LYS B 368 37.80 -27.02 -28.36
N VAL B 369 37.04 -26.53 -27.39
CA VAL B 369 37.02 -27.22 -26.13
C VAL B 369 35.78 -27.87 -25.55
N GLU B 370 34.66 -27.18 -25.53
CA GLU B 370 33.48 -27.67 -24.84
C GLU B 370 33.00 -29.08 -25.20
N ASP B 371 33.23 -29.51 -26.42
CA ASP B 371 32.73 -30.79 -26.81
C ASP B 371 33.54 -31.95 -26.13
N LYS B 372 34.68 -31.65 -25.53
CA LYS B 372 35.49 -32.64 -24.80
C LYS B 372 35.04 -32.78 -23.35
N LEU B 373 34.18 -31.89 -22.93
CA LEU B 373 33.68 -31.90 -21.57
C LEU B 373 32.50 -32.91 -21.39
N ILE B 374 32.84 -34.17 -21.08
CA ILE B 374 31.88 -35.24 -20.86
C ILE B 374 31.38 -35.35 -19.42
N GLN B 375 32.27 -35.56 -18.46
CA GLN B 375 31.82 -35.59 -17.06
C GLN B 375 31.38 -34.15 -16.64
N PRO B 376 30.42 -34.00 -15.70
CA PRO B 376 29.94 -32.68 -15.25
C PRO B 376 31.05 -31.71 -14.88
N THR B 377 31.12 -30.60 -15.61
CA THR B 377 32.16 -29.59 -15.39
C THR B 377 31.66 -28.17 -15.26
N PHE B 378 32.02 -27.48 -14.20
CA PHE B 378 31.65 -26.08 -14.06
C PHE B 378 32.78 -25.31 -14.72
N ILE B 379 32.51 -24.75 -15.90
CA ILE B 379 33.52 -23.97 -16.61
C ILE B 379 33.29 -22.54 -16.13
N TYR B 380 34.31 -21.89 -15.59
CA TYR B 380 33.97 -20.56 -15.10
C TYR B 380 34.88 -19.44 -15.49
N GLY B 381 34.49 -18.21 -15.14
CA GLY B 381 35.32 -17.06 -15.45
C GLY B 381 35.06 -16.45 -16.84
N HIS B 382 33.89 -16.65 -17.41
CA HIS B 382 33.63 -16.09 -18.72
C HIS B 382 34.06 -14.59 -18.85
N PRO B 383 34.66 -14.21 -20.00
CA PRO B 383 35.10 -12.83 -20.27
C PRO B 383 33.96 -11.86 -20.08
N VAL B 384 34.25 -10.65 -19.59
CA VAL B 384 33.20 -9.68 -19.30
C VAL B 384 32.39 -9.31 -20.52
N GLU B 385 33.05 -9.27 -21.68
CA GLU B 385 32.32 -8.88 -22.88
C GLU B 385 31.17 -9.81 -23.25
N ILE B 386 31.23 -11.09 -22.90
CA ILE B 386 30.08 -11.91 -23.25
C ILE B 386 29.16 -12.15 -22.09
N SER B 387 29.34 -11.42 -21.01
CA SER B 387 28.50 -11.62 -19.80
C SER B 387 27.89 -10.30 -19.32
N PRO B 388 27.01 -9.67 -20.11
CA PRO B 388 26.46 -8.39 -19.68
C PRO B 388 25.67 -8.26 -18.38
N LEU B 389 25.32 -9.36 -17.74
CA LEU B 389 24.54 -9.26 -16.47
C LEU B 389 25.26 -9.91 -15.27
N ALA B 390 26.53 -10.22 -15.47
CA ALA B 390 27.31 -10.86 -14.40
C ALA B 390 28.31 -9.86 -13.83
N LYS B 391 28.65 -10.03 -12.56
CA LYS B 391 29.58 -9.11 -11.85
C LYS B 391 31.02 -9.48 -12.21
N LYS B 392 31.86 -8.49 -12.52
CA LYS B 392 33.30 -8.73 -12.80
C LYS B 392 34.05 -9.48 -11.67
N ASN B 393 35.03 -10.31 -11.99
CA ASN B 393 35.74 -11.01 -10.93
C ASN B 393 36.55 -9.91 -10.30
N PRO B 394 36.55 -9.83 -8.97
CA PRO B 394 37.33 -8.71 -8.42
C PRO B 394 38.84 -8.67 -8.64
N ASP B 395 39.49 -9.84 -8.64
CA ASP B 395 40.95 -9.85 -8.84
C ASP B 395 41.34 -9.60 -10.31
N ASP B 396 40.51 -9.98 -11.31
CA ASP B 396 40.87 -9.73 -12.71
C ASP B 396 39.60 -9.52 -13.47
N PRO B 397 39.09 -8.24 -13.50
CA PRO B 397 37.85 -7.87 -14.20
C PRO B 397 37.80 -8.14 -15.67
N ARG B 398 38.85 -8.68 -16.27
CA ARG B 398 38.65 -9.06 -17.70
C ARG B 398 37.64 -10.23 -17.70
N PHE B 399 37.49 -10.94 -16.57
CA PHE B 399 36.57 -12.06 -16.50
C PHE B 399 35.50 -11.85 -15.45
N THR B 400 34.40 -12.61 -15.55
CA THR B 400 33.32 -12.46 -14.61
C THR B 400 33.12 -13.65 -13.69
N ASP B 401 32.41 -13.46 -12.61
CA ASP B 401 32.15 -14.55 -11.73
C ASP B 401 30.88 -15.25 -12.25
N ARG B 402 31.08 -15.95 -13.34
CA ARG B 402 30.03 -16.70 -14.02
C ARG B 402 30.54 -18.13 -14.33
N PHE B 403 29.58 -19.06 -14.53
CA PHE B 403 29.91 -20.42 -14.95
C PHE B 403 28.84 -20.99 -15.85
N GLU B 404 29.19 -21.99 -16.64
CA GLU B 404 28.21 -22.68 -17.46
C GLU B 404 28.48 -24.13 -17.10
N LEU B 405 27.43 -24.93 -17.04
CA LEU B 405 27.54 -26.34 -16.72
C LEU B 405 27.65 -27.15 -17.99
N PHE B 406 28.74 -27.86 -18.19
CA PHE B 406 28.82 -28.74 -19.38
C PHE B 406 28.86 -30.20 -18.95
N ILE B 407 28.13 -31.03 -19.69
CA ILE B 407 28.10 -32.48 -19.46
C ILE B 407 27.88 -33.03 -20.88
N VAL B 408 28.51 -34.18 -21.14
CA VAL B 408 28.44 -34.85 -22.45
C VAL B 408 28.59 -33.82 -23.58
N GLY B 409 29.55 -32.89 -23.41
CA GLY B 409 29.83 -31.87 -24.41
C GLY B 409 28.78 -30.80 -24.73
N ARG B 410 27.81 -30.60 -23.86
CA ARG B 410 26.72 -29.65 -24.14
C ARG B 410 26.41 -28.80 -22.90
N GLU B 411 26.04 -27.56 -23.15
CA GLU B 411 25.73 -26.63 -22.07
C GLU B 411 24.39 -27.01 -21.42
N HIS B 412 24.41 -27.23 -20.12
CA HIS B 412 23.17 -27.59 -19.45
C HIS B 412 22.68 -26.41 -18.57
N ALA B 413 23.61 -25.60 -18.13
CA ALA B 413 23.21 -24.50 -17.26
C ALA B 413 24.10 -23.27 -17.36
N ASN B 414 23.56 -22.13 -16.91
CA ASN B 414 24.30 -20.86 -16.97
C ASN B 414 24.06 -20.13 -15.66
N ALA B 415 25.07 -19.52 -15.04
CA ALA B 415 24.85 -18.87 -13.74
C ALA B 415 25.90 -17.81 -13.39
N PHE B 416 25.52 -16.89 -12.54
CA PHE B 416 26.49 -15.94 -12.11
C PHE B 416 26.24 -15.29 -10.79
N THR B 417 27.25 -14.55 -10.34
CA THR B 417 27.18 -13.71 -9.14
C THR B 417 26.56 -12.52 -9.91
N GLU B 418 25.36 -12.06 -9.51
CA GLU B 418 24.65 -11.02 -10.26
C GLU B 418 25.21 -9.63 -10.20
N LEU B 419 25.06 -8.91 -11.31
CA LEU B 419 25.52 -7.52 -11.42
C LEU B 419 24.40 -6.72 -10.80
N ASN B 420 24.63 -6.18 -9.61
CA ASN B 420 23.60 -5.45 -8.94
C ASN B 420 23.88 -3.94 -8.89
N ASP B 421 24.99 -3.53 -9.48
CA ASP B 421 25.44 -2.13 -9.55
C ASP B 421 24.79 -1.58 -10.80
N PRO B 422 23.82 -0.64 -10.63
CA PRO B 422 23.09 -0.06 -11.76
C PRO B 422 23.87 0.79 -12.72
N ILE B 423 24.95 1.38 -12.23
CA ILE B 423 25.77 2.25 -13.07
C ILE B 423 26.51 1.38 -14.05
N ASP B 424 27.15 0.35 -13.50
CA ASP B 424 27.89 -0.60 -14.31
C ASP B 424 26.86 -1.31 -15.26
N GLN B 425 25.69 -1.70 -14.74
CA GLN B 425 24.71 -2.39 -15.59
C GLN B 425 24.35 -1.50 -16.75
N ARG B 426 24.22 -0.19 -16.53
CA ARG B 426 23.86 0.64 -17.68
C ARG B 426 25.02 0.62 -18.67
N GLN B 427 26.23 0.76 -18.18
CA GLN B 427 27.41 0.70 -19.06
C GLN B 427 27.39 -0.56 -19.90
N ARG B 428 27.27 -1.75 -19.27
CA ARG B 428 27.26 -2.98 -20.06
C ARG B 428 26.20 -2.88 -21.16
N PHE B 429 25.04 -2.30 -20.87
CA PHE B 429 24.02 -2.22 -21.92
C PHE B 429 24.46 -1.38 -23.12
N GLU B 430 25.12 -0.26 -22.81
CA GLU B 430 25.62 0.63 -23.82
C GLU B 430 26.65 -0.07 -24.66
N GLU B 431 27.50 -0.87 -24.02
CA GLU B 431 28.54 -1.59 -24.76
C GLU B 431 27.86 -2.56 -25.68
N GLN B 432 26.72 -3.08 -25.23
CA GLN B 432 25.95 -4.02 -26.05
C GLN B 432 25.38 -3.28 -27.26
N LEU B 433 24.87 -2.08 -27.04
CA LEU B 433 24.35 -1.36 -28.17
C LEU B 433 25.43 -1.07 -29.23
N LYS B 434 26.68 -0.80 -28.80
CA LYS B 434 27.78 -0.58 -29.76
C LYS B 434 28.07 -1.86 -30.54
N GLU B 435 28.15 -2.99 -29.83
CA GLU B 435 28.42 -4.27 -30.48
C GLU B 435 27.33 -4.50 -31.49
N ARG B 436 26.12 -4.05 -31.20
CA ARG B 436 25.06 -4.25 -32.17
C ARG B 436 25.27 -3.39 -33.42
N GLU B 437 25.73 -2.17 -33.20
CA GLU B 437 25.99 -1.21 -34.28
C GLU B 437 27.12 -1.79 -35.13
N GLN B 438 27.87 -2.70 -34.50
CA GLN B 438 28.99 -3.35 -35.16
C GLN B 438 28.64 -4.74 -35.72
N GLY B 439 27.36 -5.02 -35.83
CA GLY B 439 26.95 -6.30 -36.42
C GLY B 439 26.59 -7.46 -35.53
N ASN B 440 26.48 -7.22 -34.22
CA ASN B 440 26.08 -8.30 -33.33
C ASN B 440 24.58 -8.13 -33.03
N ASP B 441 23.70 -8.85 -33.75
CA ASP B 441 22.25 -8.68 -33.55
C ASP B 441 21.69 -9.48 -32.42
N GLU B 442 22.59 -10.10 -31.66
CA GLU B 442 22.24 -10.91 -30.49
C GLU B 442 22.45 -10.04 -29.25
N ALA B 443 22.98 -8.85 -29.50
CA ALA B 443 23.30 -7.93 -28.45
C ALA B 443 22.10 -7.64 -27.53
N HIS B 444 22.39 -7.31 -26.29
CA HIS B 444 21.32 -6.99 -25.40
C HIS B 444 20.73 -5.62 -25.75
N GLU B 445 19.51 -5.43 -25.25
CA GLU B 445 18.70 -4.25 -25.44
C GLU B 445 18.67 -3.44 -24.13
N MET B 446 18.58 -2.12 -24.27
CA MET B 446 18.49 -1.21 -23.13
C MET B 446 17.09 -1.32 -22.47
N ASP B 447 17.07 -1.59 -21.19
CA ASP B 447 15.80 -1.75 -20.46
C ASP B 447 15.83 -0.77 -19.26
N GLU B 448 15.28 0.44 -19.47
CA GLU B 448 15.29 1.50 -18.46
C GLU B 448 14.51 1.03 -17.27
N ASP B 449 13.48 0.26 -17.55
CA ASP B 449 12.72 -0.26 -16.47
C ASP B 449 13.43 -1.13 -15.43
N PHE B 450 14.24 -2.03 -15.95
CA PHE B 450 14.99 -2.96 -15.17
C PHE B 450 16.02 -2.12 -14.42
N LEU B 451 16.62 -1.18 -15.13
CA LEU B 451 17.61 -0.34 -14.50
C LEU B 451 17.04 0.44 -13.31
N GLU B 452 15.86 1.04 -13.48
CA GLU B 452 15.20 1.74 -12.39
C GLU B 452 15.06 0.81 -11.15
N ALA B 453 14.61 -0.39 -11.43
CA ALA B 453 14.46 -1.40 -10.44
C ALA B 453 15.80 -1.55 -9.67
N LEU B 454 16.91 -1.77 -10.34
CA LEU B 454 18.18 -1.89 -9.65
C LEU B 454 18.52 -0.65 -8.82
N GLU B 455 18.03 0.52 -9.23
CA GLU B 455 18.35 1.75 -8.50
C GLU B 455 17.72 1.81 -7.10
N TYR B 456 16.75 0.94 -6.87
CA TYR B 456 16.16 0.88 -5.54
C TYR B 456 17.01 -0.03 -4.66
N GLY B 457 17.96 -0.74 -5.27
CA GLY B 457 18.84 -1.58 -4.50
C GLY B 457 18.54 -3.07 -4.56
N MET B 458 19.39 -3.82 -5.28
CA MET B 458 19.26 -5.27 -5.34
C MET B 458 20.39 -5.85 -4.47
N PRO B 459 20.07 -6.69 -3.50
CA PRO B 459 21.20 -7.20 -2.70
C PRO B 459 22.13 -8.09 -3.49
N PRO B 460 23.35 -8.34 -2.96
CA PRO B 460 24.25 -9.23 -3.71
C PRO B 460 23.42 -10.53 -3.90
N THR B 461 23.55 -11.13 -5.09
CA THR B 461 22.72 -12.25 -5.49
C THR B 461 23.38 -13.23 -6.40
N GLY B 462 23.00 -14.51 -6.23
CA GLY B 462 23.48 -15.61 -7.04
C GLY B 462 22.26 -16.10 -7.87
N GLY B 463 22.42 -16.17 -9.21
CA GLY B 463 21.33 -16.61 -10.08
C GLY B 463 21.71 -17.83 -10.92
N LEU B 464 20.73 -18.54 -11.45
CA LEU B 464 20.93 -19.81 -12.16
C LEU B 464 19.83 -20.08 -13.21
N GLY B 465 20.25 -20.60 -14.37
CA GLY B 465 19.28 -20.96 -15.41
C GLY B 465 19.64 -22.42 -15.82
N ILE B 466 18.68 -23.34 -15.87
CA ILE B 466 19.03 -24.75 -16.23
C ILE B 466 18.14 -25.16 -17.36
N GLY B 467 18.68 -25.69 -18.45
CA GLY B 467 17.78 -26.06 -19.55
C GLY B 467 17.11 -27.35 -19.08
N VAL B 468 15.83 -27.28 -18.73
CA VAL B 468 15.14 -28.42 -18.24
C VAL B 468 15.04 -29.55 -19.24
N ASP B 469 14.71 -29.24 -20.48
CA ASP B 469 14.65 -30.34 -21.47
C ASP B 469 16.04 -31.00 -21.59
N ARG B 470 17.13 -30.19 -21.53
CA ARG B 470 18.44 -30.80 -21.71
C ARG B 470 18.75 -31.70 -20.57
N LEU B 471 18.28 -31.36 -19.37
CA LEU B 471 18.51 -32.20 -18.24
C LEU B 471 17.74 -33.52 -18.42
N VAL B 472 16.54 -33.41 -18.96
CA VAL B 472 15.70 -34.57 -19.17
C VAL B 472 16.36 -35.46 -20.22
N MET B 473 16.99 -34.88 -21.25
CA MET B 473 17.60 -35.68 -22.27
C MET B 473 18.69 -36.52 -21.60
N LEU B 474 19.49 -35.83 -20.84
CA LEU B 474 20.62 -36.45 -20.14
C LEU B 474 20.21 -37.67 -19.27
N LEU B 475 19.17 -37.46 -18.45
CA LEU B 475 18.72 -38.50 -17.54
C LEU B 475 17.80 -39.52 -18.20
N THR B 476 17.54 -39.42 -19.51
CA THR B 476 16.71 -40.43 -20.14
C THR B 476 17.45 -40.98 -21.33
N ASN B 477 18.72 -40.64 -21.50
CA ASN B 477 19.51 -41.09 -22.62
C ASN B 477 18.78 -40.84 -23.97
N SER B 478 18.25 -39.63 -24.11
CA SER B 478 17.60 -39.23 -25.34
C SER B 478 18.66 -38.43 -26.07
N PRO B 479 18.90 -38.74 -27.35
CA PRO B 479 19.90 -38.04 -28.17
C PRO B 479 19.42 -36.71 -28.73
N SER B 480 18.11 -36.53 -28.87
CA SER B 480 17.63 -35.23 -29.37
C SER B 480 16.60 -34.64 -28.40
N ILE B 481 16.53 -33.31 -28.34
CA ILE B 481 15.55 -32.65 -27.50
C ILE B 481 14.17 -33.12 -28.03
N ARG B 482 14.04 -33.32 -29.32
CA ARG B 482 12.77 -33.81 -29.86
C ARG B 482 12.28 -35.16 -29.23
N ASP B 483 13.20 -35.90 -28.62
CA ASP B 483 12.80 -37.11 -27.96
C ASP B 483 12.16 -36.77 -26.58
N VAL B 484 12.38 -35.57 -26.04
CA VAL B 484 11.77 -35.26 -24.74
C VAL B 484 10.61 -34.21 -24.73
N LEU B 485 10.22 -33.70 -25.89
CA LEU B 485 9.09 -32.77 -26.00
C LEU B 485 7.97 -33.63 -26.56
N LEU B 486 6.75 -33.49 -26.05
CA LEU B 486 5.71 -34.34 -26.56
C LEU B 486 5.42 -33.92 -27.98
N PHE B 487 5.42 -32.62 -28.26
CA PHE B 487 5.12 -32.09 -29.63
C PHE B 487 6.17 -31.09 -30.08
N PRO B 488 7.37 -31.56 -30.49
CA PRO B 488 8.41 -30.64 -30.94
C PRO B 488 8.01 -29.87 -32.17
N GLN B 489 8.57 -28.67 -32.23
CA GLN B 489 8.30 -27.80 -33.34
C GLN B 489 8.61 -28.56 -34.65
N MET B 490 7.62 -28.62 -35.54
CA MET B 490 7.75 -29.28 -36.84
C MET B 490 8.01 -28.22 -37.92
N ARG B 491 8.76 -28.62 -38.94
CA ARG B 491 9.09 -27.74 -40.05
C ARG B 491 7.89 -27.79 -40.97
N HIS B 492 7.24 -26.65 -41.17
CA HIS B 492 6.03 -26.59 -41.98
C HIS B 492 5.26 -27.92 -42.03
N GLU C 4 -47.77 26.76 0.40
CA GLU C 4 -47.65 25.82 -0.76
C GLU C 4 -46.25 25.90 -1.40
N LEU C 5 -45.94 24.88 -2.20
CA LEU C 5 -44.68 24.69 -2.92
C LEU C 5 -43.74 23.66 -2.21
N ASN C 6 -43.30 23.97 -0.99
CA ASN C 6 -42.43 23.03 -0.27
C ASN C 6 -43.18 21.73 0.09
N ASP C 7 -44.45 21.62 -0.31
CA ASP C 7 -45.27 20.42 -0.08
C ASP C 7 -44.57 19.22 -0.76
N GLN C 8 -43.68 19.50 -1.69
CA GLN C 8 -42.93 18.43 -2.31
C GLN C 8 -41.99 17.77 -1.26
N LEU C 9 -41.91 18.32 -0.05
CA LEU C 9 -41.11 17.71 1.02
C LEU C 9 -41.81 16.39 1.34
N ARG C 10 -43.11 16.35 1.13
CA ARG C 10 -43.86 15.14 1.39
C ARG C 10 -43.48 14.19 0.28
N VAL C 11 -43.34 14.71 -0.93
CA VAL C 11 -42.96 13.86 -2.05
C VAL C 11 -41.64 13.15 -1.79
N ARG C 12 -40.62 13.87 -1.30
CA ARG C 12 -39.32 13.22 -1.05
C ARG C 12 -39.44 12.17 0.07
N ARG C 13 -40.18 12.54 1.11
CA ARG C 13 -40.44 11.71 2.27
C ARG C 13 -41.06 10.41 1.77
N GLU C 14 -41.97 10.53 0.81
CA GLU C 14 -42.64 9.37 0.21
C GLU C 14 -41.60 8.49 -0.50
N LYS C 15 -40.80 9.11 -1.36
CA LYS C 15 -39.80 8.38 -2.12
C LYS C 15 -38.84 7.60 -1.25
N LEU C 16 -38.83 7.87 0.04
CA LEU C 16 -37.93 7.19 0.97
C LEU C 16 -38.47 5.78 1.27
N LYS C 17 -39.70 5.67 1.76
CA LYS C 17 -40.25 4.34 2.00
C LYS C 17 -40.27 3.48 0.68
N LYS C 18 -40.59 4.10 -0.45
CA LYS C 18 -40.58 3.32 -1.68
C LYS C 18 -39.24 2.71 -1.90
N ILE C 19 -38.18 3.40 -1.45
CA ILE C 19 -36.86 2.85 -1.71
C ILE C 19 -36.61 1.63 -0.83
N GLU C 20 -37.16 1.66 0.37
CA GLU C 20 -37.00 0.54 1.25
C GLU C 20 -37.75 -0.65 0.65
N GLU C 21 -38.91 -0.36 0.05
CA GLU C 21 -39.74 -1.40 -0.58
C GLU C 21 -38.92 -2.03 -1.71
N LEU C 22 -38.06 -1.24 -2.33
CA LEU C 22 -37.28 -1.84 -3.38
C LEU C 22 -36.23 -2.72 -2.70
N GLY C 23 -36.20 -2.61 -1.37
CA GLY C 23 -35.25 -3.35 -0.54
C GLY C 23 -33.85 -2.78 -0.48
N VAL C 24 -33.79 -1.47 -0.59
CA VAL C 24 -32.53 -0.75 -0.57
C VAL C 24 -32.45 0.08 0.68
N ASP C 25 -31.25 0.21 1.22
CA ASP C 25 -31.04 1.04 2.38
C ASP C 25 -31.05 2.47 1.79
N PRO C 26 -32.03 3.30 2.14
CA PRO C 26 -32.02 4.63 1.56
C PRO C 26 -30.87 5.54 2.08
N PHE C 27 -30.06 5.07 3.01
CA PHE C 27 -28.95 5.90 3.50
C PHE C 27 -27.58 5.31 3.28
N GLY C 28 -27.54 4.24 2.47
CA GLY C 28 -26.30 3.64 2.02
C GLY C 28 -25.38 2.88 2.92
N LYS C 29 -24.41 2.27 2.25
CA LYS C 29 -23.35 1.44 2.83
C LYS C 29 -22.06 2.03 2.24
N ARG C 30 -20.87 1.51 2.63
CA ARG C 30 -19.62 2.00 2.05
C ARG C 30 -19.67 1.81 0.52
N PHE C 31 -18.90 2.59 -0.24
CA PHE C 31 -18.92 2.41 -1.71
C PHE C 31 -17.51 2.69 -2.20
N GLU C 32 -16.83 1.73 -2.80
CA GLU C 32 -15.48 2.00 -3.22
C GLU C 32 -15.51 2.64 -4.61
N ARG C 33 -14.58 3.57 -4.84
CA ARG C 33 -14.48 4.29 -6.10
C ARG C 33 -13.12 4.07 -6.66
N THR C 34 -12.99 4.24 -7.97
CA THR C 34 -11.69 4.16 -8.62
C THR C 34 -11.19 5.60 -8.99
N HIS C 35 -12.13 6.53 -9.21
CA HIS C 35 -11.78 7.90 -9.63
C HIS C 35 -12.63 9.06 -9.18
N LYS C 36 -12.01 10.24 -9.30
CA LYS C 36 -12.66 11.52 -9.09
C LYS C 36 -13.07 11.95 -10.51
N ALA C 37 -14.19 12.66 -10.60
CA ALA C 37 -14.69 13.15 -11.89
C ALA C 37 -13.60 13.83 -12.74
N GLU C 38 -12.87 14.78 -12.17
CA GLU C 38 -11.84 15.51 -12.91
C GLU C 38 -10.73 14.61 -13.43
N GLU C 39 -10.47 13.51 -12.73
CA GLU C 39 -9.42 12.59 -13.17
C GLU C 39 -9.84 11.89 -14.48
N LEU C 40 -11.10 11.47 -14.55
CA LEU C 40 -11.66 10.80 -15.71
C LEU C 40 -11.52 11.75 -16.91
N PHE C 41 -11.77 13.05 -16.70
CA PHE C 41 -11.61 13.98 -17.82
C PHE C 41 -10.15 14.09 -18.21
N GLU C 42 -9.29 14.21 -17.20
CA GLU C 42 -7.88 14.39 -17.46
C GLU C 42 -7.20 13.16 -18.07
N LEU C 43 -7.77 12.01 -17.82
CA LEU C 43 -7.22 10.79 -18.36
C LEU C 43 -7.81 10.38 -19.68
N TYR C 44 -9.12 10.54 -19.81
CA TYR C 44 -9.82 10.09 -20.99
C TYR C 44 -10.51 11.09 -21.88
N GLY C 45 -10.47 12.36 -21.51
CA GLY C 45 -11.14 13.40 -22.27
C GLY C 45 -10.89 13.45 -23.78
N ASP C 46 -9.70 13.05 -24.20
CA ASP C 46 -9.30 13.08 -25.62
C ASP C 46 -9.46 11.80 -26.42
N LEU C 47 -10.00 10.74 -25.83
CA LEU C 47 -10.20 9.51 -26.58
C LEU C 47 -11.56 9.65 -27.29
N SER C 48 -11.67 9.19 -28.53
CA SER C 48 -12.94 9.31 -29.23
C SER C 48 -13.95 8.31 -28.74
N LYS C 49 -15.17 8.41 -29.23
CA LYS C 49 -16.21 7.47 -28.86
C LYS C 49 -15.73 6.06 -29.20
N GLU C 50 -15.04 5.96 -30.33
CA GLU C 50 -14.58 4.65 -30.77
C GLU C 50 -13.38 4.11 -29.98
N GLU C 51 -12.38 4.93 -29.67
CA GLU C 51 -11.25 4.44 -28.87
C GLU C 51 -11.75 3.96 -27.48
N LEU C 52 -12.80 4.59 -26.97
CA LEU C 52 -13.33 4.27 -25.67
C LEU C 52 -14.10 2.96 -25.68
N GLU C 53 -14.99 2.71 -26.63
CA GLU C 53 -15.70 1.42 -26.62
C GLU C 53 -14.63 0.33 -26.85
N GLU C 54 -13.53 0.75 -27.47
CA GLU C 54 -12.41 -0.10 -27.79
C GLU C 54 -11.62 -0.53 -26.55
N GLN C 55 -11.40 0.40 -25.62
CA GLN C 55 -10.64 0.17 -24.40
C GLN C 55 -11.41 -0.32 -23.19
N GLN C 56 -12.73 -0.21 -23.24
CA GLN C 56 -13.56 -0.66 -22.15
C GLN C 56 -12.99 -0.38 -20.74
N ILE C 57 -12.75 0.90 -20.45
CA ILE C 57 -12.24 1.33 -19.17
C ILE C 57 -13.34 1.25 -18.08
N GLU C 58 -13.13 0.41 -17.04
CA GLU C 58 -14.14 0.24 -15.95
C GLU C 58 -13.80 1.22 -14.83
N VAL C 59 -14.78 1.89 -14.25
CA VAL C 59 -14.45 2.89 -13.23
C VAL C 59 -15.60 2.83 -12.32
N ALA C 60 -15.44 3.41 -11.12
CA ALA C 60 -16.52 3.50 -10.12
C ALA C 60 -16.43 4.90 -9.54
N VAL C 61 -17.57 5.59 -9.54
CA VAL C 61 -17.55 6.92 -8.98
C VAL C 61 -18.82 7.16 -8.14
N ALA C 62 -18.81 8.21 -7.34
CA ALA C 62 -20.01 8.50 -6.57
C ALA C 62 -20.18 9.98 -6.52
N GLY C 63 -21.44 10.44 -6.36
CA GLY C 63 -21.68 11.88 -6.33
C GLY C 63 -23.13 12.29 -6.16
N ARG C 64 -23.38 13.58 -6.02
CA ARG C 64 -24.74 14.04 -5.79
C ARG C 64 -25.37 14.34 -7.15
N ILE C 65 -26.62 13.94 -7.31
CA ILE C 65 -27.28 14.14 -8.59
C ILE C 65 -27.61 15.64 -8.72
N MET C 66 -27.03 16.31 -9.71
CA MET C 66 -27.26 17.76 -9.92
C MET C 66 -28.32 18.01 -11.06
N THR C 67 -28.37 17.13 -12.07
CA THR C 67 -29.35 17.25 -13.14
C THR C 67 -29.63 15.86 -13.59
N LYS C 68 -30.80 15.70 -14.16
CA LYS C 68 -31.23 14.41 -14.61
C LYS C 68 -32.22 14.54 -15.76
N ARG C 69 -32.15 13.64 -16.73
CA ARG C 69 -33.17 13.69 -17.82
C ARG C 69 -33.44 12.27 -18.29
N GLY C 70 -34.44 11.64 -17.70
CA GLY C 70 -34.76 10.28 -18.05
C GLY C 70 -35.71 10.13 -19.20
N MET C 71 -36.83 9.48 -18.92
CA MET C 71 -37.88 9.20 -19.91
C MET C 71 -37.42 8.12 -20.92
N GLY C 72 -38.29 7.15 -21.07
CA GLY C 72 -38.00 6.03 -21.93
C GLY C 72 -37.38 5.05 -20.94
N LYS C 73 -36.60 4.10 -21.46
CA LYS C 73 -35.94 3.08 -20.64
C LYS C 73 -34.41 3.32 -20.60
N ALA C 74 -34.05 4.60 -20.66
CA ALA C 74 -32.69 5.03 -20.59
C ALA C 74 -32.76 6.50 -20.14
N GLY C 75 -31.78 6.94 -19.34
CA GLY C 75 -31.79 8.32 -18.88
C GLY C 75 -30.37 8.79 -18.63
N PHE C 76 -30.18 10.09 -18.39
CA PHE C 76 -28.87 10.58 -18.04
C PHE C 76 -28.94 11.34 -16.76
N ALA C 77 -27.77 11.57 -16.20
CA ALA C 77 -27.69 12.39 -14.99
C ALA C 77 -26.29 12.88 -14.83
N HIS C 78 -26.18 14.06 -14.24
CA HIS C 78 -24.85 14.58 -13.96
C HIS C 78 -24.64 14.46 -12.46
N ILE C 79 -23.54 13.81 -12.15
CA ILE C 79 -23.23 13.54 -10.78
C ILE C 79 -22.03 14.33 -10.39
N GLN C 80 -22.06 14.84 -9.18
CA GLN C 80 -21.02 15.70 -8.72
C GLN C 80 -20.26 15.20 -7.50
N ASP C 81 -18.92 15.13 -7.62
CA ASP C 81 -18.08 14.73 -6.50
C ASP C 81 -17.28 15.99 -6.14
N VAL C 82 -16.41 15.94 -5.14
CA VAL C 82 -15.70 17.16 -4.78
C VAL C 82 -14.88 17.82 -5.90
N THR C 83 -14.68 17.09 -7.00
CA THR C 83 -13.87 17.59 -8.10
C THR C 83 -14.64 18.06 -9.28
N GLY C 84 -15.94 17.85 -9.32
CA GLY C 84 -16.63 18.31 -10.50
C GLY C 84 -17.74 17.32 -10.81
N GLN C 85 -18.35 17.50 -11.97
CA GLN C 85 -19.44 16.61 -12.36
C GLN C 85 -19.06 15.67 -13.48
N ILE C 86 -19.78 14.57 -13.60
CA ILE C 86 -19.54 13.58 -14.70
C ILE C 86 -20.94 13.08 -15.05
N GLN C 87 -21.21 12.98 -16.35
CA GLN C 87 -22.53 12.48 -16.81
C GLN C 87 -22.62 10.92 -16.78
N ILE C 88 -23.72 10.36 -16.30
CA ILE C 88 -23.85 8.91 -16.31
C ILE C 88 -25.02 8.58 -17.24
N TYR C 89 -24.89 7.48 -17.99
CA TYR C 89 -25.90 7.04 -18.92
C TYR C 89 -26.43 5.78 -18.30
N VAL C 90 -27.72 5.72 -18.02
CA VAL C 90 -28.32 4.54 -17.36
C VAL C 90 -29.44 3.94 -18.21
N ARG C 91 -29.25 2.73 -18.73
CA ARG C 91 -30.33 2.06 -19.56
C ARG C 91 -30.78 0.80 -18.89
N GLN C 92 -32.08 0.60 -18.86
CA GLN C 92 -32.65 -0.55 -18.20
C GLN C 92 -32.16 -1.91 -18.71
N ASP C 93 -31.76 -1.95 -19.98
CA ASP C 93 -31.24 -3.13 -20.61
C ASP C 93 -29.88 -3.51 -20.10
N ASP C 94 -29.21 -2.55 -19.47
CA ASP C 94 -27.88 -2.81 -18.92
C ASP C 94 -27.97 -3.15 -17.44
N VAL C 95 -28.68 -2.33 -16.69
CA VAL C 95 -28.72 -2.52 -15.26
C VAL C 95 -29.90 -3.34 -14.78
N GLY C 96 -30.82 -3.62 -15.68
CA GLY C 96 -31.97 -4.45 -15.31
C GLY C 96 -33.09 -3.73 -14.63
N GLU C 97 -34.27 -4.31 -14.75
CA GLU C 97 -35.47 -3.73 -14.16
C GLU C 97 -35.33 -3.13 -12.76
N GLN C 98 -34.77 -3.90 -11.86
CA GLN C 98 -34.70 -3.40 -10.48
C GLN C 98 -33.88 -2.13 -10.27
N GLN C 99 -32.64 -2.15 -10.72
CA GLN C 99 -31.78 -0.99 -10.58
C GLN C 99 -32.36 0.20 -11.38
N TYR C 100 -32.92 -0.07 -12.58
CA TYR C 100 -33.49 1.06 -13.32
C TYR C 100 -34.60 1.81 -12.49
N GLU C 101 -35.44 1.04 -11.77
CA GLU C 101 -36.51 1.65 -10.97
C GLU C 101 -35.87 2.56 -9.90
N LEU C 102 -34.71 2.15 -9.44
CA LEU C 102 -34.00 2.92 -8.46
C LEU C 102 -33.52 4.21 -9.12
N PHE C 103 -33.02 4.11 -10.36
CA PHE C 103 -32.53 5.31 -11.08
C PHE C 103 -33.73 6.23 -11.31
N LYS C 104 -34.84 5.67 -11.80
CA LYS C 104 -36.04 6.45 -12.08
C LYS C 104 -36.58 7.15 -10.85
N ILE C 105 -36.63 6.44 -9.72
CA ILE C 105 -37.13 7.10 -8.54
C ILE C 105 -36.10 8.11 -7.96
N SER C 106 -34.83 8.01 -8.34
CA SER C 106 -33.80 8.95 -7.85
C SER C 106 -34.12 10.43 -8.18
N ASP C 107 -33.81 11.29 -7.21
CA ASP C 107 -34.07 12.75 -7.33
C ASP C 107 -32.83 13.64 -7.19
N LEU C 108 -32.94 14.87 -7.73
CA LEU C 108 -31.85 15.83 -7.63
C LEU C 108 -31.56 15.96 -6.12
N GLY C 109 -30.27 16.00 -5.78
CA GLY C 109 -29.92 16.13 -4.36
C GLY C 109 -29.53 14.74 -3.87
N ASP C 110 -30.20 13.68 -4.31
CA ASP C 110 -29.82 12.33 -3.90
C ASP C 110 -28.36 11.98 -4.33
N ILE C 111 -27.72 11.15 -3.54
CA ILE C 111 -26.36 10.74 -3.80
C ILE C 111 -26.37 9.26 -4.16
N VAL C 112 -25.62 8.95 -5.20
CA VAL C 112 -25.52 7.59 -5.73
C VAL C 112 -24.06 7.22 -6.11
N GLY C 113 -23.86 5.93 -6.35
CA GLY C 113 -22.55 5.46 -6.79
C GLY C 113 -22.80 4.60 -8.01
N VAL C 114 -21.87 4.57 -8.94
CA VAL C 114 -22.06 3.73 -10.12
C VAL C 114 -20.71 3.08 -10.46
N ARG C 115 -20.76 1.96 -11.18
CA ARG C 115 -19.60 1.27 -11.73
C ARG C 115 -20.05 1.22 -13.18
N GLY C 116 -19.10 1.29 -14.10
CA GLY C 116 -19.49 1.29 -15.51
C GLY C 116 -18.28 1.60 -16.36
N THR C 117 -18.43 1.70 -17.66
CA THR C 117 -17.27 1.94 -18.53
C THR C 117 -17.28 3.36 -19.10
N MET C 118 -16.08 3.91 -19.38
CA MET C 118 -16.02 5.25 -19.93
C MET C 118 -16.59 5.15 -21.35
N PHE C 119 -17.35 6.19 -21.71
CA PHE C 119 -18.03 6.22 -23.00
C PHE C 119 -18.28 7.70 -23.42
N LYS C 120 -18.57 7.93 -24.71
CA LYS C 120 -18.93 9.24 -25.25
C LYS C 120 -20.24 9.09 -26.06
N THR C 121 -21.14 10.03 -25.83
CA THR C 121 -22.39 10.04 -26.53
C THR C 121 -22.08 10.56 -27.95
N LYS C 122 -23.08 10.57 -28.77
CA LYS C 122 -22.95 11.05 -30.13
C LYS C 122 -22.68 12.59 -29.99
N VAL C 123 -23.22 13.23 -28.95
CA VAL C 123 -22.91 14.66 -28.77
C VAL C 123 -21.44 14.86 -28.37
N GLY C 124 -20.79 13.82 -27.84
CA GLY C 124 -19.38 13.99 -27.52
C GLY C 124 -18.97 14.22 -26.06
N GLU C 125 -19.96 14.24 -25.17
CA GLU C 125 -19.68 14.45 -23.76
C GLU C 125 -19.16 13.18 -23.06
N LEU C 126 -17.96 13.23 -22.47
CA LEU C 126 -17.44 12.05 -21.77
C LEU C 126 -18.43 11.65 -20.67
N SER C 127 -18.76 10.35 -20.63
CA SER C 127 -19.70 9.83 -19.68
C SER C 127 -19.33 8.41 -19.18
N ILE C 128 -20.18 7.87 -18.32
CA ILE C 128 -20.00 6.55 -17.80
C ILE C 128 -21.24 5.77 -18.20
N LYS C 129 -21.03 4.71 -18.98
CA LYS C 129 -22.15 3.85 -19.39
C LYS C 129 -22.27 2.91 -18.16
N VAL C 130 -23.32 3.08 -17.38
CA VAL C 130 -23.48 2.32 -16.13
C VAL C 130 -23.83 0.80 -16.23
N SER C 131 -23.14 -0.02 -15.43
CA SER C 131 -23.39 -1.49 -15.32
C SER C 131 -24.05 -1.73 -13.94
N SER C 132 -23.62 -0.97 -12.91
CA SER C 132 -24.31 -1.06 -11.65
C SER C 132 -24.59 0.31 -11.03
N TYR C 133 -25.87 0.48 -10.67
CA TYR C 133 -26.40 1.69 -10.08
C TYR C 133 -26.70 1.44 -8.63
N GLU C 134 -26.09 2.24 -7.75
CA GLU C 134 -26.26 2.08 -6.30
C GLU C 134 -26.78 3.35 -5.64
N PHE C 135 -27.88 3.23 -4.93
CA PHE C 135 -28.44 4.37 -4.24
C PHE C 135 -27.63 4.55 -2.95
N LEU C 136 -27.13 5.73 -2.67
CA LEU C 136 -26.33 5.92 -1.47
C LEU C 136 -26.95 6.77 -0.38
N THR C 137 -27.75 7.79 -0.75
CA THR C 137 -28.37 8.62 0.26
C THR C 137 -29.49 9.47 -0.33
N LYS C 138 -30.59 9.51 0.40
CA LYS C 138 -31.77 10.25 0.00
C LYS C 138 -31.71 11.63 0.57
N ALA C 139 -31.79 12.64 -0.30
CA ALA C 139 -31.88 14.04 0.17
C ALA C 139 -33.37 14.36 0.47
N LEU C 140 -33.71 14.70 1.73
CA LEU C 140 -35.08 14.99 2.08
C LEU C 140 -35.53 16.40 1.65
N ARG C 141 -34.60 17.29 1.36
CA ARG C 141 -34.92 18.63 0.88
C ARG C 141 -34.15 18.81 -0.40
N PRO C 142 -34.70 19.57 -1.32
CA PRO C 142 -34.00 19.80 -2.58
C PRO C 142 -33.01 20.92 -2.38
N LEU C 143 -31.99 20.94 -3.22
CA LEU C 143 -31.00 21.99 -3.12
C LEU C 143 -31.70 23.29 -3.50
N PRO C 144 -31.51 24.37 -2.71
CA PRO C 144 -32.18 25.66 -3.01
C PRO C 144 -31.93 26.16 -4.43
N GLU C 145 -32.65 27.21 -4.83
CA GLU C 145 -32.47 27.80 -6.16
C GLU C 145 -31.21 28.69 -6.30
N LYS C 146 -30.30 28.18 -7.14
CA LYS C 146 -28.97 28.73 -7.49
C LYS C 146 -28.86 30.27 -7.59
N ASP C 152 -28.87 34.05 -1.02
CA ASP C 152 -28.40 35.24 -0.34
C ASP C 152 -27.11 34.91 0.42
N ILE C 153 -26.49 35.95 0.97
CA ILE C 153 -25.25 35.76 1.70
C ILE C 153 -25.56 35.22 3.10
N GLU C 154 -26.81 35.35 3.50
CA GLU C 154 -27.29 34.85 4.78
C GLU C 154 -27.04 33.31 4.75
N GLN C 155 -27.64 32.67 3.75
CA GLN C 155 -27.57 31.25 3.52
C GLN C 155 -26.13 30.76 3.26
N ARG C 156 -25.40 31.44 2.38
CA ARG C 156 -24.04 30.99 2.15
C ARG C 156 -23.24 30.93 3.48
N TYR C 157 -23.52 31.85 4.41
CA TYR C 157 -22.82 31.86 5.72
C TYR C 157 -23.51 31.03 6.79
N ARG C 158 -24.83 30.99 6.79
CA ARG C 158 -25.57 30.18 7.76
C ARG C 158 -25.65 28.71 7.33
N GLN C 159 -25.59 28.46 6.03
CA GLN C 159 -25.61 27.08 5.54
C GLN C 159 -24.44 26.95 4.55
N ARG C 160 -23.21 26.94 5.09
CA ARG C 160 -22.04 26.90 4.26
C ARG C 160 -22.10 25.68 3.38
N TYR C 161 -22.69 24.60 3.88
CA TYR C 161 -22.73 23.35 3.08
C TYR C 161 -23.40 23.54 1.71
N LEU C 162 -24.46 24.33 1.62
CA LEU C 162 -25.11 24.56 0.32
C LEU C 162 -24.15 25.37 -0.60
N ASP C 163 -23.45 26.33 0.02
CA ASP C 163 -22.50 27.15 -0.69
C ASP C 163 -21.43 26.26 -1.25
N LEU C 164 -20.96 25.31 -0.45
CA LEU C 164 -19.84 24.45 -0.89
C LEU C 164 -20.21 23.55 -2.07
N ILE C 165 -21.49 23.17 -2.16
CA ILE C 165 -21.97 22.29 -3.21
C ILE C 165 -22.21 23.10 -4.47
N MET C 166 -22.77 24.27 -4.31
CA MET C 166 -23.12 25.06 -5.48
C MET C 166 -22.17 26.12 -6.02
N ASN C 167 -21.13 26.50 -5.27
CA ASN C 167 -20.23 27.56 -5.69
C ASN C 167 -18.76 27.19 -5.58
N PRO C 168 -18.22 26.65 -6.69
CA PRO C 168 -16.84 26.22 -6.84
C PRO C 168 -15.87 27.30 -6.37
N GLU C 169 -16.09 28.55 -6.75
CA GLU C 169 -15.17 29.60 -6.28
C GLU C 169 -15.02 29.63 -4.73
N SER C 170 -16.10 29.26 -4.02
CA SER C 170 -16.08 29.29 -2.58
C SER C 170 -15.30 28.12 -2.05
N LYS C 171 -15.50 26.97 -2.66
CA LYS C 171 -14.78 25.82 -2.17
C LYS C 171 -13.26 25.96 -2.40
N LYS C 172 -12.86 26.54 -3.52
CA LYS C 172 -11.43 26.71 -3.77
C LYS C 172 -10.77 27.62 -2.70
N THR C 173 -11.44 28.71 -2.33
CA THR C 173 -10.92 29.60 -1.26
C THR C 173 -10.57 28.73 -0.03
N PHE C 174 -11.42 27.78 0.33
CA PHE C 174 -11.14 26.97 1.50
C PHE C 174 -10.02 25.99 1.32
N ILE C 175 -9.90 25.47 0.10
CA ILE C 175 -8.78 24.59 -0.20
C ILE C 175 -7.50 25.44 -0.15
N THR C 176 -7.51 26.68 -0.68
CA THR C 176 -6.29 27.50 -0.67
C THR C 176 -5.91 27.88 0.78
N ARG C 177 -6.94 28.18 1.59
CA ARG C 177 -6.67 28.47 2.98
C ARG C 177 -5.83 27.28 3.58
N SER C 178 -6.20 26.03 3.29
CA SER C 178 -5.46 24.86 3.81
C SER C 178 -4.02 24.88 3.34
N LEU C 179 -3.85 25.19 2.05
CA LEU C 179 -2.54 25.23 1.43
C LEU C 179 -1.70 26.35 2.11
N ILE C 180 -2.33 27.46 2.40
CA ILE C 180 -1.62 28.55 3.03
C ILE C 180 -1.12 28.16 4.43
N ILE C 181 -1.99 27.70 5.31
CA ILE C 181 -1.48 27.29 6.61
C ILE C 181 -0.44 26.13 6.49
N GLN C 182 -0.70 25.18 5.59
CA GLN C 182 0.27 24.11 5.40
C GLN C 182 1.64 24.74 4.95
N SER C 183 1.58 25.68 4.00
CA SER C 183 2.81 26.29 3.55
C SER C 183 3.55 26.98 4.72
N MET C 184 2.78 27.60 5.60
CA MET C 184 3.33 28.31 6.74
C MET C 184 4.07 27.40 7.70
N ARG C 185 3.46 26.26 8.05
CA ARG C 185 4.11 25.30 8.98
C ARG C 185 5.36 24.75 8.31
N ARG C 186 5.30 24.52 7.03
CA ARG C 186 6.45 24.00 6.35
C ARG C 186 7.69 24.92 6.43
N TYR C 187 7.48 26.21 6.23
CA TYR C 187 8.55 27.14 6.28
C TYR C 187 9.12 27.26 7.73
N LEU C 188 8.19 27.35 8.66
CA LEU C 188 8.51 27.55 10.03
C LEU C 188 9.19 26.33 10.57
N ASP C 189 8.71 25.15 10.19
CA ASP C 189 9.34 23.90 10.62
C ASP C 189 10.72 23.78 9.98
N SER C 190 10.83 24.05 8.68
CA SER C 190 12.14 23.89 8.08
C SER C 190 13.18 24.94 8.57
N HIS C 191 12.71 25.99 9.23
CA HIS C 191 13.62 26.99 9.76
C HIS C 191 13.83 26.84 11.26
N GLY C 192 13.49 25.64 11.76
CA GLY C 192 13.75 25.32 13.13
C GLY C 192 12.86 25.84 14.21
N TYR C 193 11.65 26.27 13.86
CA TYR C 193 10.80 26.75 14.91
C TYR C 193 10.00 25.51 15.35
N LEU C 194 9.90 25.32 16.68
CA LEU C 194 9.19 24.17 17.23
C LEU C 194 7.65 24.42 17.34
N GLU C 195 6.81 23.60 16.69
CA GLU C 195 5.35 23.81 16.85
C GLU C 195 4.87 23.35 18.23
N VAL C 196 4.19 24.24 18.95
CA VAL C 196 3.70 23.91 20.28
C VAL C 196 2.24 24.25 20.53
N GLU C 197 1.70 23.73 21.63
CA GLU C 197 0.33 24.04 22.00
C GLU C 197 0.31 24.59 23.41
N THR C 198 -0.24 25.78 23.61
CA THR C 198 -0.27 26.31 24.95
C THR C 198 -1.76 26.50 25.30
N PRO C 199 -2.08 26.72 26.58
CA PRO C 199 -3.46 26.88 27.06
C PRO C 199 -4.27 27.94 26.36
N MET C 200 -5.54 27.62 26.13
CA MET C 200 -6.48 28.59 25.58
C MET C 200 -7.39 29.04 26.76
N MET C 201 -7.16 28.50 27.95
CA MET C 201 -8.03 28.91 29.10
C MET C 201 -7.07 29.48 30.09
N HIS C 202 -7.22 30.76 30.42
CA HIS C 202 -6.27 31.45 31.27
C HIS C 202 -6.80 32.00 32.55
N ALA C 203 -5.92 31.99 33.57
CA ALA C 203 -6.29 32.49 34.90
C ALA C 203 -6.46 33.97 34.78
N VAL C 204 -5.64 34.61 33.93
CA VAL C 204 -5.68 36.07 33.69
C VAL C 204 -5.57 36.23 32.18
N ALA C 205 -6.48 36.96 31.56
CA ALA C 205 -6.45 37.21 30.12
C ALA C 205 -5.42 38.24 29.70
N GLY C 206 -4.20 37.85 29.32
CA GLY C 206 -3.23 38.88 28.90
C GLY C 206 -2.56 38.58 27.60
N GLY C 207 -1.65 39.43 27.18
CA GLY C 207 -0.91 39.23 25.96
C GLY C 207 -1.38 40.17 24.86
N ALA C 208 -2.39 40.96 25.17
CA ALA C 208 -2.93 41.94 24.20
C ALA C 208 -3.91 42.83 24.93
N ALA C 209 -4.41 43.86 24.24
CA ALA C 209 -5.37 44.76 24.83
C ALA C 209 -6.73 44.42 24.27
N ALA C 210 -7.50 43.53 24.91
CA ALA C 210 -8.82 43.17 24.34
C ALA C 210 -9.76 42.66 25.43
N ARG C 211 -11.06 42.65 25.17
CA ARG C 211 -12.09 42.16 26.09
C ARG C 211 -12.17 40.64 25.91
N PRO C 212 -12.04 39.89 27.02
CA PRO C 212 -12.09 38.41 26.92
C PRO C 212 -13.50 37.82 27.07
N PHE C 213 -13.66 36.54 26.76
CA PHE C 213 -14.91 35.84 27.01
C PHE C 213 -14.58 35.25 28.38
N ILE C 214 -15.57 35.22 29.26
CA ILE C 214 -15.37 34.68 30.62
C ILE C 214 -16.14 33.38 30.75
N THR C 215 -15.56 32.39 31.44
CA THR C 215 -16.26 31.13 31.64
C THR C 215 -15.91 30.63 33.04
N HIS C 216 -16.49 29.49 33.40
CA HIS C 216 -16.32 28.95 34.75
C HIS C 216 -16.06 27.44 34.75
N HIS C 217 -15.10 27.01 35.57
CA HIS C 217 -14.82 25.58 35.66
C HIS C 217 -15.65 25.11 36.88
N ASN C 218 -16.62 24.23 36.67
CA ASN C 218 -17.49 23.78 37.80
C ASN C 218 -16.69 23.10 38.90
N ALA C 219 -15.91 22.10 38.53
CA ALA C 219 -15.13 21.36 39.50
C ALA C 219 -14.14 22.18 40.31
N LEU C 220 -13.30 22.97 39.68
CA LEU C 220 -12.30 23.74 40.44
C LEU C 220 -12.99 25.02 40.93
N ASP C 221 -14.24 25.23 40.51
CA ASP C 221 -14.92 26.45 40.92
C ASP C 221 -13.94 27.64 40.74
N MET C 222 -13.52 27.87 39.50
CA MET C 222 -12.57 28.95 39.15
C MET C 222 -13.09 29.69 37.95
N THR C 223 -12.81 30.98 37.89
CA THR C 223 -13.17 31.74 36.73
C THR C 223 -12.03 31.62 35.72
N LEU C 224 -12.36 31.36 34.46
CA LEU C 224 -11.28 31.25 33.45
C LEU C 224 -11.57 32.20 32.34
N TYR C 225 -10.56 32.65 31.62
CA TYR C 225 -10.81 33.53 30.46
C TYR C 225 -10.30 32.82 29.23
N MET C 226 -11.06 32.88 28.14
CA MET C 226 -10.59 32.25 26.92
C MET C 226 -9.44 33.14 26.52
N ARG C 227 -8.35 32.60 25.99
CA ARG C 227 -7.18 33.44 25.69
C ARG C 227 -7.44 34.51 24.61
N ILE C 228 -6.92 35.73 24.84
CA ILE C 228 -7.07 36.84 23.89
C ILE C 228 -5.77 36.97 23.07
N ALA C 229 -4.82 36.11 23.43
CA ALA C 229 -3.51 36.11 22.81
C ALA C 229 -2.74 34.87 23.28
N ILE C 230 -1.72 34.49 22.52
CA ILE C 230 -0.89 33.30 22.87
C ILE C 230 0.46 33.72 23.51
N GLU C 231 0.75 35.00 23.44
CA GLU C 231 2.04 35.52 23.87
C GLU C 231 2.66 35.18 25.25
N LEU C 232 1.90 35.31 26.32
CA LEU C 232 2.54 35.09 27.62
C LEU C 232 2.97 33.64 27.87
N HIS C 233 2.21 32.65 27.39
CA HIS C 233 2.69 31.29 27.58
C HIS C 233 3.86 31.02 26.65
N LEU C 234 3.85 31.57 25.42
CA LEU C 234 5.01 31.32 24.56
C LEU C 234 6.31 31.98 25.19
N LYS C 235 6.16 33.09 25.91
CA LYS C 235 7.37 33.71 26.52
C LYS C 235 7.87 32.77 27.63
N ARG C 236 6.96 32.14 28.35
CA ARG C 236 7.40 31.18 29.37
C ARG C 236 8.21 30.07 28.68
N LEU C 237 7.87 29.68 27.44
CA LEU C 237 8.68 28.68 26.74
C LEU C 237 10.07 29.23 26.29
N ILE C 238 10.18 30.56 26.15
CA ILE C 238 11.48 31.14 25.79
C ILE C 238 12.38 31.20 27.07
N VAL C 239 11.79 31.50 28.23
CA VAL C 239 12.52 31.47 29.48
C VAL C 239 12.95 29.98 29.63
N GLY C 240 12.09 29.07 29.21
CA GLY C 240 12.42 27.66 29.31
C GLY C 240 13.57 27.22 28.42
N GLY C 241 14.04 28.09 27.54
CA GLY C 241 15.17 27.79 26.68
C GLY C 241 14.82 27.10 25.39
N LEU C 242 13.57 27.24 24.96
CA LEU C 242 13.15 26.51 23.76
C LEU C 242 13.58 27.25 22.50
N GLU C 243 14.09 28.46 22.70
CA GLU C 243 14.64 29.28 21.63
C GLU C 243 13.78 29.69 20.45
N LYS C 244 13.08 28.73 19.83
CA LYS C 244 12.27 29.10 18.69
C LYS C 244 11.00 28.33 18.74
N VAL C 245 9.89 29.00 19.01
CA VAL C 245 8.62 28.25 19.06
C VAL C 245 7.61 29.04 18.28
N TYR C 246 6.53 28.36 17.84
CA TYR C 246 5.43 29.03 17.12
C TYR C 246 4.20 28.24 17.39
N GLU C 247 3.07 28.89 17.21
CA GLU C 247 1.81 28.25 17.45
C GLU C 247 0.79 28.93 16.59
N ILE C 248 0.11 28.14 15.77
CA ILE C 248 -0.94 28.62 14.87
C ILE C 248 -2.23 28.10 15.52
N GLY C 249 -2.94 28.99 16.19
CA GLY C 249 -4.12 28.51 16.90
C GLY C 249 -5.19 29.53 17.04
N ARG C 250 -6.32 29.10 17.62
CA ARG C 250 -7.45 29.97 17.83
C ARG C 250 -7.21 30.90 18.99
N VAL C 251 -7.67 32.16 18.87
CA VAL C 251 -7.63 33.08 19.98
C VAL C 251 -9.01 33.69 19.95
N PHE C 252 -9.45 34.14 21.09
CA PHE C 252 -10.80 34.65 21.27
C PHE C 252 -10.85 36.07 21.87
N ARG C 253 -11.67 36.93 21.26
CA ARG C 253 -11.87 38.31 21.66
C ARG C 253 -13.37 38.66 21.61
N ASN C 254 -13.87 39.08 22.80
CA ASN C 254 -15.26 39.43 23.02
C ASN C 254 -15.51 40.80 22.45
N GLU C 255 -15.53 40.91 21.12
CA GLU C 255 -15.74 42.18 20.41
C GLU C 255 -16.65 41.86 19.21
N GLY C 256 -17.24 42.90 18.64
CA GLY C 256 -18.17 42.76 17.54
C GLY C 256 -17.60 42.30 16.24
N ILE C 257 -18.46 41.85 15.35
CA ILE C 257 -18.03 41.34 14.09
C ILE C 257 -17.82 42.44 13.08
N SER C 258 -16.97 42.19 12.09
CA SER C 258 -16.72 43.20 11.07
C SER C 258 -16.09 42.47 9.94
N THR C 259 -15.97 43.11 8.77
CA THR C 259 -15.32 42.46 7.61
C THR C 259 -13.83 42.10 7.87
N ARG C 260 -13.29 42.49 9.03
CA ARG C 260 -11.92 42.12 9.39
C ARG C 260 -11.83 41.38 10.73
N HIS C 261 -12.92 41.29 11.50
CA HIS C 261 -12.88 40.59 12.79
C HIS C 261 -13.95 39.51 12.98
N ASN C 262 -13.57 38.40 13.60
CA ASN C 262 -14.52 37.34 13.97
C ASN C 262 -14.13 37.11 15.44
N PRO C 263 -15.10 36.91 16.33
CA PRO C 263 -14.74 36.70 17.77
C PRO C 263 -13.78 35.56 18.02
N GLU C 264 -13.84 34.52 17.20
CA GLU C 264 -12.81 33.46 17.31
C GLU C 264 -12.08 33.55 15.96
N PHE C 265 -10.76 33.69 15.99
CA PHE C 265 -9.99 33.79 14.73
C PHE C 265 -8.68 33.04 14.92
N THR C 266 -7.92 32.89 13.84
CA THR C 266 -6.66 32.15 13.96
C THR C 266 -5.41 33.02 13.97
N MET C 267 -4.60 32.96 15.02
CA MET C 267 -3.37 33.79 15.01
C MET C 267 -2.13 32.91 15.01
N LEU C 268 -1.06 33.38 14.33
CA LEU C 268 0.24 32.69 14.36
C LEU C 268 0.92 33.55 15.39
N GLU C 269 1.60 32.96 16.36
CA GLU C 269 2.43 33.77 17.30
C GLU C 269 3.72 32.96 17.28
N LEU C 270 4.87 33.66 17.31
CA LEU C 270 6.15 32.99 17.17
C LEU C 270 7.21 33.75 17.92
N TYR C 271 8.10 33.03 18.59
CA TYR C 271 9.15 33.70 19.35
C TYR C 271 10.52 33.15 18.97
N GLU C 272 11.48 34.08 18.89
CA GLU C 272 12.83 33.71 18.53
C GLU C 272 13.85 34.42 19.43
N ALA C 273 14.43 33.67 20.36
CA ALA C 273 15.47 34.18 21.27
C ALA C 273 16.62 34.72 20.44
N TYR C 274 17.28 35.75 20.95
CA TYR C 274 18.46 36.33 20.29
C TYR C 274 18.22 37.10 18.99
N ALA C 275 16.97 37.31 18.59
CA ALA C 275 16.68 38.12 17.41
C ALA C 275 16.06 39.46 17.94
N ASP C 276 15.91 40.49 17.09
CA ASP C 276 15.23 41.71 17.57
C ASP C 276 14.18 41.95 16.47
N PHE C 277 13.44 43.06 16.56
CA PHE C 277 12.38 43.30 15.61
C PHE C 277 12.75 43.49 14.18
N ARG C 278 14.03 43.79 13.92
CA ARG C 278 14.46 43.99 12.55
C ARG C 278 14.55 42.61 11.95
N ASP C 279 15.04 41.67 12.79
CA ASP C 279 15.17 40.29 12.35
C ASP C 279 13.73 39.76 12.03
N ILE C 280 12.75 40.12 12.87
CA ILE C 280 11.37 39.65 12.69
C ILE C 280 10.75 40.26 11.41
N MET C 281 11.13 41.50 11.08
CA MET C 281 10.67 42.12 9.84
C MET C 281 11.13 41.23 8.69
N LYS C 282 12.43 40.87 8.67
CA LYS C 282 12.95 40.03 7.59
C LYS C 282 12.19 38.68 7.53
N LEU C 283 11.94 38.11 8.70
CA LEU C 283 11.25 36.84 8.75
C LEU C 283 9.78 36.95 8.18
N THR C 284 9.10 38.02 8.60
CA THR C 284 7.73 38.23 8.22
C THR C 284 7.61 38.37 6.72
N GLU C 285 8.43 39.23 6.08
CA GLU C 285 8.30 39.36 4.62
C GLU C 285 8.77 38.07 3.94
N ASN C 286 9.81 37.41 4.45
CA ASN C 286 10.19 36.17 3.79
C ASN C 286 9.10 35.06 3.89
N LEU C 287 8.48 34.92 5.06
CA LEU C 287 7.46 33.90 5.31
C LEU C 287 6.32 34.09 4.41
N ILE C 288 5.76 35.31 4.46
CA ILE C 288 4.63 35.62 3.60
C ILE C 288 5.05 35.50 2.13
N ALA C 289 6.23 35.99 1.78
CA ALA C 289 6.61 35.88 0.39
C ALA C 289 6.71 34.40 0.02
N HIS C 290 7.09 33.58 1.01
CA HIS C 290 7.23 32.15 0.76
C HIS C 290 5.90 31.53 0.47
N ILE C 291 4.95 31.88 1.29
CA ILE C 291 3.65 31.34 1.14
C ILE C 291 2.98 31.77 -0.18
N ALA C 292 3.04 33.05 -0.55
CA ALA C 292 2.38 33.48 -1.80
C ALA C 292 3.05 32.79 -2.99
N THR C 293 4.36 32.68 -2.94
CA THR C 293 4.99 32.03 -4.06
C THR C 293 4.52 30.57 -4.21
N GLU C 294 4.47 29.90 -3.07
CA GLU C 294 4.14 28.52 -3.00
C GLU C 294 2.72 28.19 -3.42
N VAL C 295 1.80 29.07 -3.09
CA VAL C 295 0.41 28.85 -3.35
C VAL C 295 -0.12 29.59 -4.58
N LEU C 296 0.38 30.76 -4.86
CA LEU C 296 -0.12 31.46 -6.04
C LEU C 296 0.94 31.48 -7.13
N GLY C 297 2.18 31.06 -6.81
CA GLY C 297 3.28 31.04 -7.75
C GLY C 297 3.87 32.42 -8.09
N THR C 298 3.52 33.47 -7.32
CA THR C 298 4.02 34.84 -7.60
C THR C 298 3.79 35.72 -6.37
N THR C 299 4.65 36.71 -6.10
CA THR C 299 4.41 37.59 -4.97
C THR C 299 3.68 38.86 -5.43
N LYS C 300 3.30 38.91 -6.71
CA LYS C 300 2.52 40.03 -7.21
C LYS C 300 1.06 39.50 -7.23
N ILE C 301 0.17 40.10 -6.45
CA ILE C 301 -1.21 39.61 -6.39
C ILE C 301 -2.16 40.78 -6.57
N GLN C 302 -3.40 40.51 -6.90
CA GLN C 302 -4.39 41.53 -7.06
C GLN C 302 -5.34 41.43 -5.85
N TYR C 303 -5.68 42.54 -5.17
CA TYR C 303 -6.64 42.44 -4.02
C TYR C 303 -7.65 43.57 -4.21
N GLY C 304 -8.91 43.24 -4.50
CA GLY C 304 -9.89 44.29 -4.73
C GLY C 304 -9.36 45.09 -5.89
N GLU C 305 -9.41 46.43 -5.83
CA GLU C 305 -8.94 47.26 -6.94
C GLU C 305 -7.43 47.50 -6.93
N HIS C 306 -6.74 46.94 -5.93
CA HIS C 306 -5.28 47.11 -5.86
C HIS C 306 -4.35 46.00 -6.44
N LEU C 307 -3.23 46.45 -7.03
CA LEU C 307 -2.17 45.58 -7.49
C LEU C 307 -1.20 45.67 -6.32
N VAL C 308 -1.14 44.63 -5.50
CA VAL C 308 -0.30 44.64 -4.31
C VAL C 308 0.95 43.85 -4.62
N ASP C 309 2.11 44.46 -4.42
CA ASP C 309 3.39 43.77 -4.62
C ASP C 309 4.01 43.18 -3.33
N LEU C 310 3.91 41.87 -3.08
CA LEU C 310 4.47 41.27 -1.86
C LEU C 310 5.92 40.87 -1.93
N THR C 311 6.61 41.43 -2.91
CA THR C 311 7.99 41.09 -3.06
C THR C 311 8.92 41.82 -2.05
N PRO C 312 9.61 41.04 -1.20
CA PRO C 312 10.51 41.66 -0.23
C PRO C 312 11.59 42.38 -1.10
N GLU C 313 12.19 43.46 -0.61
CA GLU C 313 11.91 44.06 0.68
C GLU C 313 10.79 45.08 0.72
N TRP C 314 9.98 44.95 1.76
CA TRP C 314 8.87 45.85 1.98
C TRP C 314 9.33 47.18 2.61
N ARG C 315 8.51 48.20 2.42
CA ARG C 315 8.78 49.53 2.95
C ARG C 315 8.79 49.53 4.48
N ARG C 316 9.76 50.23 5.10
CA ARG C 316 9.87 50.42 6.56
C ARG C 316 9.55 51.89 6.77
N LEU C 317 8.63 52.22 7.67
CA LEU C 317 8.25 53.63 7.90
C LEU C 317 7.84 53.85 9.35
N HIS C 318 8.55 54.76 10.04
CA HIS C 318 8.25 55.07 11.43
C HIS C 318 6.87 55.71 11.48
N MET C 319 6.08 55.24 12.44
CA MET C 319 4.71 55.75 12.66
C MET C 319 4.73 57.30 12.67
N VAL C 320 5.76 57.89 13.29
CA VAL C 320 5.78 59.34 13.37
C VAL C 320 6.08 59.93 11.97
N ASP C 321 6.93 59.27 11.18
CA ASP C 321 7.22 59.77 9.88
C ASP C 321 6.01 59.62 9.02
N ALA C 322 5.29 58.52 9.24
CA ALA C 322 4.07 58.29 8.49
C ALA C 322 3.05 59.44 8.76
N ILE C 323 2.89 59.79 10.03
CA ILE C 323 1.95 60.84 10.37
C ILE C 323 2.42 62.14 9.68
N LYS C 324 3.72 62.38 9.64
CA LYS C 324 4.20 63.59 8.97
C LYS C 324 3.84 63.56 7.47
N GLU C 325 4.03 62.40 6.85
CA GLU C 325 3.79 62.31 5.41
C GLU C 325 2.31 62.41 5.01
N TYR C 326 1.48 61.75 5.77
CA TYR C 326 0.10 61.70 5.42
C TYR C 326 -0.81 62.73 6.04
N VAL C 327 -0.32 63.46 7.06
CA VAL C 327 -1.16 64.46 7.73
C VAL C 327 -0.39 65.77 7.80
N GLY C 328 0.93 65.70 8.00
CA GLY C 328 1.74 66.90 8.10
C GLY C 328 2.06 67.33 9.53
N VAL C 329 1.51 66.65 10.52
CA VAL C 329 1.86 67.01 11.87
C VAL C 329 3.15 66.25 12.23
N ASP C 330 4.11 66.94 12.85
CA ASP C 330 5.37 66.30 13.21
C ASP C 330 5.53 65.97 14.72
N PHE C 331 5.19 64.72 15.11
CA PHE C 331 5.31 64.31 16.48
C PHE C 331 6.71 63.98 17.00
N TRP C 332 7.75 64.22 16.20
CA TRP C 332 9.10 64.01 16.70
C TRP C 332 9.33 65.14 17.77
N ARG C 333 8.66 66.26 17.62
CA ARG C 333 8.84 67.36 18.52
C ARG C 333 8.42 66.97 19.96
N GLN C 334 9.19 67.31 21.00
CA GLN C 334 8.82 67.01 22.40
C GLN C 334 7.72 68.00 22.73
N MET C 335 6.55 67.51 23.11
CA MET C 335 5.41 68.40 23.41
C MET C 335 4.60 67.84 24.60
N SER C 336 3.72 68.65 25.17
CA SER C 336 2.95 68.21 26.31
C SER C 336 1.70 67.45 25.89
N ASP C 337 1.09 66.78 26.86
CA ASP C 337 -0.09 66.08 26.51
C ASP C 337 -1.15 67.03 25.98
N GLU C 338 -1.30 68.23 26.56
CA GLU C 338 -2.30 69.21 26.08
C GLU C 338 -2.04 69.67 24.66
N GLU C 339 -0.76 69.89 24.33
CA GLU C 339 -0.44 70.32 22.95
C GLU C 339 -0.87 69.20 21.95
N ALA C 340 -0.65 67.95 22.33
CA ALA C 340 -1.10 66.80 21.49
C ALA C 340 -2.64 66.87 21.37
N ARG C 341 -3.33 67.12 22.47
CA ARG C 341 -4.78 67.24 22.45
C ARG C 341 -5.24 68.35 21.51
N GLU C 342 -4.56 69.50 21.54
CA GLU C 342 -4.89 70.64 20.68
C GLU C 342 -4.76 70.29 19.20
N LEU C 343 -3.68 69.57 18.92
CA LEU C 343 -3.37 69.08 17.61
C LEU C 343 -4.47 68.13 17.18
N ALA C 344 -4.88 67.23 18.08
CA ALA C 344 -5.94 66.28 17.73
C ALA C 344 -7.21 67.06 17.36
N LYS C 345 -7.60 68.02 18.19
CA LYS C 345 -8.78 68.83 17.90
C LYS C 345 -8.68 69.49 16.54
N GLU C 346 -7.50 70.02 16.22
CA GLU C 346 -7.31 70.73 14.96
C GLU C 346 -7.36 69.80 13.74
N HIS C 347 -7.05 68.53 13.91
CA HIS C 347 -7.03 67.65 12.75
C HIS C 347 -8.16 66.60 12.73
N GLY C 348 -9.15 66.74 13.60
CA GLY C 348 -10.26 65.81 13.55
C GLY C 348 -10.00 64.42 14.09
N VAL C 349 -9.06 64.31 15.02
CA VAL C 349 -8.74 63.00 15.57
C VAL C 349 -9.44 62.87 16.92
N GLU C 350 -10.31 61.88 17.04
CA GLU C 350 -11.06 61.67 18.28
C GLU C 350 -10.10 61.06 19.31
N VAL C 351 -10.16 61.53 20.56
CA VAL C 351 -9.27 61.08 21.64
C VAL C 351 -10.07 60.79 22.93
N ALA C 352 -9.60 59.86 23.76
CA ALA C 352 -10.32 59.48 25.00
C ALA C 352 -9.67 60.09 26.25
N PRO C 353 -10.45 60.22 27.36
CA PRO C 353 -9.88 60.80 28.58
C PRO C 353 -8.64 60.11 29.15
N HIS C 354 -8.50 58.80 28.97
CA HIS C 354 -7.26 58.22 29.51
C HIS C 354 -6.00 58.55 28.66
N MET C 355 -6.22 59.14 27.48
CA MET C 355 -5.09 59.42 26.56
C MET C 355 -4.14 60.56 26.84
N THR C 356 -2.85 60.30 26.56
CA THR C 356 -1.76 61.24 26.67
C THR C 356 -1.04 61.28 25.33
N PHE C 357 0.09 61.99 25.25
CA PHE C 357 0.84 62.11 23.98
C PHE C 357 0.94 60.86 23.15
N GLY C 358 1.43 59.77 23.75
CA GLY C 358 1.62 58.50 23.04
C GLY C 358 0.39 57.90 22.37
N HIS C 359 -0.70 57.85 23.11
CA HIS C 359 -1.93 57.28 22.62
C HIS C 359 -2.43 58.14 21.50
N ILE C 360 -2.26 59.46 21.67
CA ILE C 360 -2.77 60.39 20.70
C ILE C 360 -2.04 60.25 19.36
N VAL C 361 -0.74 60.02 19.44
CA VAL C 361 0.01 59.81 18.23
C VAL C 361 -0.61 58.61 17.51
N ASN C 362 -0.85 57.53 18.23
CA ASN C 362 -1.42 56.35 17.58
C ASN C 362 -2.84 56.61 17.00
N GLU C 363 -3.59 57.53 17.56
CA GLU C 363 -4.90 57.76 17.03
C GLU C 363 -4.76 58.49 15.69
N PHE C 364 -3.78 59.41 15.61
CA PHE C 364 -3.57 60.16 14.36
C PHE C 364 -3.28 59.08 13.32
N PHE C 365 -2.39 58.16 13.66
CA PHE C 365 -2.09 57.08 12.72
C PHE C 365 -3.30 56.21 12.34
N GLU C 366 -4.08 55.80 13.34
CA GLU C 366 -5.20 54.90 13.03
C GLU C 366 -6.32 55.60 12.25
N GLN C 367 -6.64 56.81 12.71
CA GLN C 367 -7.73 57.57 12.11
C GLN C 367 -7.42 58.24 10.80
N LYS C 368 -6.19 58.72 10.59
CA LYS C 368 -5.88 59.43 9.32
C LYS C 368 -4.80 58.80 8.42
N VAL C 369 -4.15 57.73 8.82
CA VAL C 369 -3.05 57.24 7.97
C VAL C 369 -3.22 55.80 7.48
N GLU C 370 -3.53 54.93 8.43
CA GLU C 370 -3.74 53.50 8.19
C GLU C 370 -4.33 53.07 6.81
N ASP C 371 -5.52 53.59 6.52
CA ASP C 371 -6.21 53.18 5.30
C ASP C 371 -5.50 53.56 4.05
N LYS C 372 -4.42 54.33 4.17
CA LYS C 372 -3.71 54.74 2.94
C LYS C 372 -2.53 53.86 2.61
N LEU C 373 -2.23 52.94 3.50
CA LEU C 373 -1.07 52.08 3.31
C LEU C 373 -1.47 50.86 2.53
N ILE C 374 -1.36 50.93 1.23
CA ILE C 374 -1.74 49.82 0.39
C ILE C 374 -0.66 48.76 0.16
N GLN C 375 0.56 49.17 -0.20
CA GLN C 375 1.69 48.27 -0.44
C GLN C 375 2.16 47.80 0.94
N PRO C 376 2.68 46.55 1.06
CA PRO C 376 3.11 46.10 2.37
C PRO C 376 4.04 47.11 3.03
N THR C 377 3.75 47.45 4.30
CA THR C 377 4.54 48.41 5.03
C THR C 377 4.64 48.02 6.48
N PHE C 378 5.88 48.05 6.96
CA PHE C 378 6.18 47.81 8.37
C PHE C 378 6.15 49.25 9.01
N ILE C 379 5.09 49.55 9.74
CA ILE C 379 4.99 50.83 10.44
C ILE C 379 5.62 50.45 11.77
N TYR C 380 6.63 51.22 12.20
CA TYR C 380 7.30 50.88 13.45
C TYR C 380 7.48 52.04 14.40
N GLY C 381 7.91 51.73 15.62
CA GLY C 381 8.12 52.78 16.62
C GLY C 381 6.92 53.19 17.40
N HIS C 382 5.88 52.38 17.45
CA HIS C 382 4.70 52.72 18.24
C HIS C 382 5.07 53.30 19.61
N PRO C 383 4.34 54.32 20.07
CA PRO C 383 4.55 54.96 21.37
C PRO C 383 4.53 53.89 22.52
N VAL C 384 5.35 54.13 23.56
CA VAL C 384 5.44 53.20 24.67
C VAL C 384 4.12 52.94 25.43
N GLU C 385 3.27 53.94 25.55
CA GLU C 385 2.00 53.77 26.26
C GLU C 385 1.03 52.76 25.64
N ILE C 386 1.16 52.48 24.33
CA ILE C 386 0.27 51.46 23.74
C ILE C 386 1.03 50.13 23.51
N SER C 387 2.26 50.06 24.01
CA SER C 387 3.08 48.87 23.79
C SER C 387 3.68 48.33 25.09
N PRO C 388 2.82 47.90 26.05
CA PRO C 388 3.28 47.40 27.35
C PRO C 388 4.16 46.14 27.42
N LEU C 389 4.38 45.48 26.27
CA LEU C 389 5.20 44.28 26.25
C LEU C 389 6.37 44.45 25.29
N ALA C 390 6.51 45.64 24.72
CA ALA C 390 7.63 45.83 23.80
C ALA C 390 8.71 46.65 24.51
N LYS C 391 9.95 46.46 24.08
CA LYS C 391 11.06 47.18 24.68
C LYS C 391 11.17 48.59 24.15
N LYS C 392 11.56 49.53 25.01
CA LYS C 392 11.72 50.90 24.58
C LYS C 392 12.86 51.07 23.61
N ASN C 393 12.68 52.02 22.71
CA ASN C 393 13.72 52.37 21.73
C ASN C 393 14.79 53.06 22.60
N PRO C 394 16.08 52.63 22.50
CA PRO C 394 17.19 53.20 23.29
C PRO C 394 17.44 54.68 23.01
N ASP C 395 17.25 55.10 21.77
CA ASP C 395 17.46 56.51 21.44
C ASP C 395 16.35 57.48 21.83
N ASP C 396 15.06 57.13 21.67
CA ASP C 396 13.95 58.02 22.04
C ASP C 396 12.96 57.10 22.76
N PRO C 397 13.01 57.07 24.12
CA PRO C 397 12.13 56.23 24.95
C PRO C 397 10.65 56.53 24.92
N ARG C 398 10.21 57.45 24.05
CA ARG C 398 8.78 57.73 23.95
C ARG C 398 8.21 56.62 23.08
N PHE C 399 9.06 55.97 22.32
CA PHE C 399 8.63 54.91 21.40
C PHE C 399 9.33 53.58 21.73
N THR C 400 8.81 52.50 21.19
CA THR C 400 9.32 51.15 21.40
C THR C 400 9.76 50.54 20.09
N ASP C 401 10.57 49.48 20.16
CA ASP C 401 10.98 48.83 18.95
C ASP C 401 9.88 47.83 18.61
N ARG C 402 8.77 48.36 18.11
CA ARG C 402 7.62 47.58 17.73
C ARG C 402 7.24 47.90 16.30
N PHE C 403 6.68 46.93 15.59
CA PHE C 403 6.14 47.25 14.25
C PHE C 403 4.83 46.52 14.06
N GLU C 404 3.98 47.10 13.22
CA GLU C 404 2.74 46.49 12.77
C GLU C 404 2.90 46.40 11.25
N LEU C 405 2.38 45.35 10.63
CA LEU C 405 2.44 45.22 9.18
C LEU C 405 1.12 45.65 8.60
N PHE C 406 1.13 46.60 7.66
CA PHE C 406 -0.12 47.03 7.01
C PHE C 406 -0.10 46.72 5.55
N ILE C 407 -1.22 46.22 5.01
CA ILE C 407 -1.31 45.93 3.58
C ILE C 407 -2.76 46.22 3.26
N VAL C 408 -3.00 46.69 2.03
CA VAL C 408 -4.33 47.03 1.60
C VAL C 408 -5.11 47.78 2.72
N GLY C 409 -4.40 48.67 3.42
CA GLY C 409 -4.98 49.52 4.42
C GLY C 409 -5.37 48.84 5.72
N ARG C 410 -4.87 47.64 6.01
CA ARG C 410 -5.31 47.02 7.25
C ARG C 410 -4.24 46.27 7.94
N GLU C 411 -4.36 46.15 9.25
CA GLU C 411 -3.36 45.46 10.08
C GLU C 411 -3.37 43.95 9.83
N HIS C 412 -2.19 43.38 9.53
CA HIS C 412 -1.95 41.95 9.25
C HIS C 412 -1.03 41.29 10.29
N ALA C 413 -0.15 42.07 10.92
CA ALA C 413 0.74 41.51 11.95
C ALA C 413 1.13 42.60 12.96
N ASN C 414 1.68 42.13 14.08
CA ASN C 414 2.11 42.98 15.18
C ASN C 414 3.35 42.25 15.65
N ALA C 415 4.38 42.97 16.09
CA ALA C 415 5.64 42.32 16.46
C ALA C 415 6.56 43.25 17.24
N PHE C 416 7.42 42.66 18.03
CA PHE C 416 8.39 43.51 18.66
C PHE C 416 9.67 42.89 19.24
N THR C 417 10.59 43.77 19.60
CA THR C 417 11.78 43.40 20.36
C THR C 417 11.10 43.25 21.75
N GLU C 418 11.13 42.07 22.33
CA GLU C 418 10.37 41.81 23.56
C GLU C 418 10.92 42.49 24.81
N LEU C 419 10.04 42.88 25.72
CA LEU C 419 10.52 43.51 26.94
C LEU C 419 10.84 42.38 27.86
N ASN C 420 12.13 42.20 28.17
CA ASN C 420 12.55 41.08 29.02
C ASN C 420 13.08 41.51 30.37
N ASP C 421 12.99 42.78 30.64
CA ASP C 421 13.43 43.36 31.91
C ASP C 421 12.21 43.28 32.84
N PRO C 422 12.21 42.39 33.89
CA PRO C 422 11.03 42.29 34.79
C PRO C 422 10.64 43.54 35.51
N ILE C 423 11.63 44.32 35.89
CA ILE C 423 11.31 45.57 36.61
C ILE C 423 10.53 46.48 35.71
N ASP C 424 11.06 46.75 34.51
CA ASP C 424 10.33 47.58 33.56
C ASP C 424 8.98 46.92 33.24
N GLN C 425 8.94 45.59 33.05
CA GLN C 425 7.64 44.91 32.72
C GLN C 425 6.58 45.13 33.83
N ARG C 426 7.00 45.08 35.10
CA ARG C 426 6.08 45.34 36.19
C ARG C 426 5.53 46.80 36.11
N GLN C 427 6.41 47.78 35.92
CA GLN C 427 6.00 49.19 35.74
C GLN C 427 4.98 49.36 34.56
N ARG C 428 5.22 48.73 33.40
CA ARG C 428 4.24 48.86 32.29
C ARG C 428 2.87 48.40 32.75
N PHE C 429 2.81 47.27 33.45
CA PHE C 429 1.52 46.77 33.96
C PHE C 429 0.93 47.74 34.94
N GLU C 430 1.75 48.31 35.83
CA GLU C 430 1.18 49.30 36.77
C GLU C 430 0.57 50.49 35.98
N GLU C 431 1.26 50.94 34.92
CA GLU C 431 0.75 52.06 34.08
C GLU C 431 -0.57 51.66 33.44
N GLN C 432 -0.67 50.41 33.01
CA GLN C 432 -1.92 49.92 32.38
C GLN C 432 -3.07 49.88 33.38
N LEU C 433 -2.78 49.39 34.60
CA LEU C 433 -3.82 49.32 35.64
C LEU C 433 -4.32 50.75 35.87
N LYS C 434 -3.42 51.73 35.91
CA LYS C 434 -3.87 53.14 36.09
C LYS C 434 -4.84 53.57 34.97
N GLU C 435 -4.44 53.36 33.71
CA GLU C 435 -5.28 53.69 32.56
C GLU C 435 -6.64 53.03 32.68
N ARG C 436 -6.66 51.80 33.18
CA ARG C 436 -7.96 51.13 33.32
C ARG C 436 -8.84 51.98 34.29
N GLU C 437 -8.23 52.54 35.33
CA GLU C 437 -8.97 53.42 36.26
C GLU C 437 -9.61 54.57 35.51
N GLN C 438 -8.89 55.07 34.51
CA GLN C 438 -9.41 56.21 33.72
C GLN C 438 -10.25 55.74 32.57
N GLY C 439 -10.82 54.55 32.73
CA GLY C 439 -11.68 54.00 31.71
C GLY C 439 -11.14 53.20 30.52
N ASN C 440 -9.83 52.94 30.41
CA ASN C 440 -9.36 52.11 29.28
C ASN C 440 -9.62 50.67 29.72
N ASP C 441 -10.77 50.14 29.34
CA ASP C 441 -11.09 48.80 29.78
C ASP C 441 -10.51 47.69 28.91
N GLU C 442 -9.51 48.05 28.11
CA GLU C 442 -8.85 47.06 27.30
C GLU C 442 -7.40 46.99 27.77
N ALA C 443 -7.05 47.81 28.75
CA ALA C 443 -5.67 47.80 29.31
C ALA C 443 -5.31 46.42 29.92
N HIS C 444 -4.07 45.96 29.77
CA HIS C 444 -3.63 44.67 30.30
C HIS C 444 -3.79 44.59 31.82
N GLU C 445 -3.86 43.37 32.34
CA GLU C 445 -4.00 43.17 33.77
C GLU C 445 -2.67 42.72 34.33
N MET C 446 -2.55 42.81 35.66
CA MET C 446 -1.33 42.36 36.29
C MET C 446 -1.30 40.80 36.12
N ASP C 447 -0.11 40.25 35.90
CA ASP C 447 0.04 38.79 35.82
C ASP C 447 1.36 38.43 36.51
N GLU C 448 1.26 38.26 37.82
CA GLU C 448 2.41 37.98 38.69
C GLU C 448 3.18 36.77 38.24
N ASP C 449 2.41 35.83 37.77
CA ASP C 449 2.92 34.59 37.27
C ASP C 449 3.89 34.84 36.12
N PHE C 450 3.47 35.69 35.21
CA PHE C 450 4.31 36.01 34.04
C PHE C 450 5.55 36.74 34.57
N LEU C 451 5.35 37.75 35.42
CA LEU C 451 6.53 38.47 35.97
C LEU C 451 7.58 37.55 36.64
N GLU C 452 7.10 36.56 37.39
CA GLU C 452 8.03 35.65 38.04
C GLU C 452 8.82 34.83 36.97
N ALA C 453 8.16 34.48 35.86
CA ALA C 453 8.86 33.75 34.83
C ALA C 453 9.96 34.65 34.26
N LEU C 454 9.64 35.93 34.01
CA LEU C 454 10.62 36.83 33.43
C LEU C 454 11.82 36.94 34.37
N GLU C 455 11.52 37.01 35.66
CA GLU C 455 12.57 37.11 36.65
C GLU C 455 13.56 35.95 36.62
N TYR C 456 13.23 34.82 36.00
CA TYR C 456 14.21 33.70 35.92
C TYR C 456 15.11 33.93 34.71
N GLY C 457 14.77 34.97 33.95
CA GLY C 457 15.60 35.30 32.84
C GLY C 457 15.05 34.91 31.50
N MET C 458 14.69 35.89 30.69
CA MET C 458 14.23 35.68 29.35
C MET C 458 15.28 36.40 28.51
N PRO C 459 15.85 35.67 27.59
CA PRO C 459 16.88 36.22 26.70
C PRO C 459 16.33 37.26 25.78
N PRO C 460 17.18 38.16 25.26
CA PRO C 460 16.63 39.16 24.30
C PRO C 460 15.89 38.29 23.25
N THR C 461 14.70 38.73 22.83
CA THR C 461 13.91 37.92 21.93
C THR C 461 13.11 38.75 20.93
N GLY C 462 12.77 38.17 19.79
CA GLY C 462 11.93 38.93 18.89
C GLY C 462 10.64 38.14 18.76
N GLY C 463 9.49 38.81 18.90
CA GLY C 463 8.20 38.15 18.83
C GLY C 463 7.30 38.65 17.72
N LEU C 464 6.42 37.78 17.20
CA LEU C 464 5.52 38.10 16.08
C LEU C 464 4.13 37.47 16.18
N GLY C 465 3.13 38.18 15.72
CA GLY C 465 1.76 37.69 15.74
C GLY C 465 1.15 38.08 14.38
N ILE C 466 0.73 37.09 13.58
CA ILE C 466 0.06 37.35 12.27
C ILE C 466 -1.43 36.90 12.35
N GLY C 467 -2.37 37.69 11.81
CA GLY C 467 -3.78 37.29 11.76
C GLY C 467 -3.82 36.34 10.56
N VAL C 468 -3.90 35.03 10.81
CA VAL C 468 -3.92 34.06 9.73
C VAL C 468 -5.13 34.27 8.81
N ASP C 469 -6.33 34.47 9.36
CA ASP C 469 -7.50 34.75 8.50
C ASP C 469 -7.29 35.97 7.61
N ARG C 470 -6.68 37.03 8.14
CA ARG C 470 -6.52 38.17 7.27
C ARG C 470 -5.49 37.84 6.19
N LEU C 471 -4.45 37.05 6.50
CA LEU C 471 -3.52 36.74 5.43
C LEU C 471 -4.26 35.96 4.35
N VAL C 472 -5.10 35.03 4.75
CA VAL C 472 -5.86 34.23 3.76
C VAL C 472 -6.79 35.13 2.90
N MET C 473 -7.41 36.11 3.52
CA MET C 473 -8.26 37.07 2.76
C MET C 473 -7.44 37.71 1.61
N LEU C 474 -6.26 38.16 1.99
CA LEU C 474 -5.33 38.79 1.09
C LEU C 474 -4.91 37.85 -0.02
N LEU C 475 -4.53 36.60 0.28
CA LEU C 475 -4.06 35.73 -0.77
C LEU C 475 -5.15 35.01 -1.55
N THR C 476 -6.41 35.27 -1.25
CA THR C 476 -7.48 34.60 -2.00
C THR C 476 -8.37 35.74 -2.56
N ASN C 477 -7.99 36.97 -2.28
CA ASN C 477 -8.77 38.14 -2.73
C ASN C 477 -10.21 38.15 -2.20
N SER C 478 -10.37 37.84 -0.92
CA SER C 478 -11.65 37.83 -0.29
C SER C 478 -11.81 39.16 0.38
N PRO C 479 -12.92 39.84 0.10
CA PRO C 479 -13.16 41.17 0.70
C PRO C 479 -13.55 41.13 2.19
N SER C 480 -13.96 39.97 2.70
CA SER C 480 -14.39 39.86 4.09
C SER C 480 -13.92 38.60 4.80
N ILE C 481 -13.65 38.73 6.10
CA ILE C 481 -13.19 37.57 6.84
C ILE C 481 -14.28 36.51 6.80
N ARG C 482 -15.51 36.90 6.51
CA ARG C 482 -16.58 35.92 6.51
C ARG C 482 -16.45 34.98 5.33
N ASP C 483 -15.73 35.43 4.30
CA ASP C 483 -15.49 34.57 3.13
C ASP C 483 -14.38 33.56 3.33
N VAL C 484 -13.56 33.72 4.37
CA VAL C 484 -12.49 32.76 4.58
C VAL C 484 -12.67 31.86 5.81
N LEU C 485 -13.81 31.98 6.45
CA LEU C 485 -14.14 31.16 7.64
C LEU C 485 -15.27 30.23 7.22
N LEU C 486 -15.12 28.92 7.40
CA LEU C 486 -16.23 28.03 7.00
C LEU C 486 -17.56 28.44 7.66
N PHE C 487 -17.52 28.67 8.97
CA PHE C 487 -18.73 29.04 9.69
C PHE C 487 -18.50 30.37 10.50
N PRO C 488 -18.61 31.54 9.82
CA PRO C 488 -18.42 32.84 10.52
C PRO C 488 -19.44 33.03 11.61
N GLN C 489 -19.08 33.75 12.65
CA GLN C 489 -20.04 33.98 13.75
C GLN C 489 -21.19 34.84 13.21
N MET C 490 -22.43 34.36 13.29
CA MET C 490 -23.55 35.15 12.83
C MET C 490 -24.24 35.90 14.00
N ARG C 491 -24.97 36.97 13.68
CA ARG C 491 -25.73 37.72 14.68
C ARG C 491 -26.98 36.90 14.87
N HIS C 492 -27.72 37.11 15.97
CA HIS C 492 -28.99 36.39 16.11
C HIS C 492 -28.89 34.85 16.01
N GLU D 4 17.85 29.80 52.89
CA GLU D 4 16.59 30.28 53.55
C GLU D 4 16.21 31.78 53.33
N LEU D 5 17.06 32.57 52.65
CA LEU D 5 16.73 33.97 52.42
C LEU D 5 16.95 34.63 51.03
N ASN D 6 16.26 35.75 50.90
CA ASN D 6 16.23 36.64 49.73
C ASN D 6 17.43 37.58 49.72
N ASP D 7 18.52 37.18 50.35
CA ASP D 7 19.72 37.99 50.28
C ASP D 7 20.16 37.76 48.81
N GLN D 8 19.94 36.53 48.31
CA GLN D 8 20.28 36.24 46.92
C GLN D 8 19.55 37.16 45.96
N LEU D 9 18.24 37.29 46.13
CA LEU D 9 17.48 38.15 45.25
C LEU D 9 18.12 39.52 45.24
N ARG D 10 18.42 39.98 46.45
CA ARG D 10 19.03 41.29 46.64
C ARG D 10 20.37 41.39 45.94
N VAL D 11 21.28 40.44 46.19
CA VAL D 11 22.57 40.52 45.54
C VAL D 11 22.45 40.47 44.03
N ARG D 12 21.48 39.71 43.48
CA ARG D 12 21.29 39.68 42.03
C ARG D 12 20.81 41.08 41.54
N ARG D 13 20.03 41.80 42.36
CA ARG D 13 19.59 43.15 41.97
C ARG D 13 20.80 44.09 42.01
N GLU D 14 21.68 43.87 42.99
CA GLU D 14 22.84 44.72 43.09
C GLU D 14 23.69 44.59 41.82
N LYS D 15 23.94 43.36 41.39
CA LYS D 15 24.78 43.12 40.19
C LYS D 15 24.16 43.78 38.95
N LEU D 16 22.85 43.81 38.90
CA LEU D 16 22.19 44.40 37.76
C LEU D 16 22.65 45.85 37.56
N LYS D 17 22.67 46.62 38.64
CA LYS D 17 23.13 48.01 38.60
C LYS D 17 24.62 48.06 38.16
N LYS D 18 25.37 47.11 38.68
CA LYS D 18 26.80 46.94 38.40
C LYS D 18 27.09 46.71 36.91
N ILE D 19 26.36 45.77 36.25
CA ILE D 19 26.65 45.56 34.84
C ILE D 19 26.18 46.81 34.03
N GLU D 20 25.22 47.56 34.57
CA GLU D 20 24.74 48.78 33.92
C GLU D 20 25.80 49.86 33.96
N GLU D 21 26.45 49.95 35.11
CA GLU D 21 27.50 50.92 35.31
C GLU D 21 28.77 50.52 34.53
N LEU D 22 28.75 49.37 33.84
CA LEU D 22 29.92 48.94 33.06
C LEU D 22 29.68 49.35 31.62
N GLY D 23 28.54 50.05 31.43
CA GLY D 23 28.09 50.50 30.13
C GLY D 23 27.35 49.41 29.31
N VAL D 24 26.83 48.35 29.94
CA VAL D 24 26.16 47.28 29.18
C VAL D 24 24.65 47.18 29.37
N ASP D 25 23.95 46.74 28.33
CA ASP D 25 22.48 46.54 28.40
C ASP D 25 22.25 45.20 29.14
N PRO D 26 21.95 45.23 30.45
CA PRO D 26 21.75 43.96 31.15
C PRO D 26 20.70 43.01 30.56
N PHE D 27 19.97 43.47 29.54
CA PHE D 27 18.99 42.58 28.91
C PHE D 27 19.25 42.33 27.43
N GLY D 28 20.46 42.68 27.03
CA GLY D 28 20.97 42.42 25.70
C GLY D 28 20.30 42.88 24.44
N LYS D 29 21.04 42.69 23.36
CA LYS D 29 20.66 43.00 22.00
C LYS D 29 20.66 41.67 21.24
N ARG D 30 20.26 41.71 19.98
CA ARG D 30 20.26 40.51 19.16
C ARG D 30 21.67 39.92 19.29
N PHE D 31 21.83 38.62 19.08
CA PHE D 31 23.14 38.00 19.10
C PHE D 31 23.21 36.90 18.00
N GLU D 32 24.09 37.02 17.03
CA GLU D 32 24.21 36.03 15.96
C GLU D 32 25.01 34.78 16.36
N ARG D 33 24.46 33.61 16.11
CA ARG D 33 25.17 32.38 16.43
C ARG D 33 25.56 31.63 15.15
N THR D 34 26.57 30.75 15.26
CA THR D 34 26.99 29.92 14.14
C THR D 34 26.62 28.46 14.46
N HIS D 35 26.41 28.14 15.73
CA HIS D 35 26.14 26.76 16.11
C HIS D 35 25.37 26.59 17.39
N LYS D 36 24.98 25.33 17.61
CA LYS D 36 24.30 24.83 18.81
C LYS D 36 25.37 23.89 19.42
N ALA D 37 25.38 23.73 20.75
CA ALA D 37 26.36 22.86 21.43
C ALA D 37 26.37 21.49 20.81
N GLU D 38 25.22 21.02 20.35
CA GLU D 38 25.19 19.69 19.83
C GLU D 38 26.06 19.46 18.61
N GLU D 39 25.93 20.35 17.62
CA GLU D 39 26.67 20.25 16.35
C GLU D 39 28.18 20.35 16.55
N LEU D 40 28.57 21.12 17.56
CA LEU D 40 29.99 21.31 17.92
C LEU D 40 30.56 19.92 18.19
N PHE D 41 29.96 19.22 19.17
CA PHE D 41 30.40 17.88 19.50
C PHE D 41 30.40 16.95 18.30
N GLU D 42 29.31 16.99 17.54
CA GLU D 42 29.14 16.17 16.34
C GLU D 42 30.23 16.48 15.30
N LEU D 43 30.58 17.75 15.15
CA LEU D 43 31.61 18.12 14.16
C LEU D 43 33.03 18.06 14.67
N TYR D 44 33.23 18.44 15.91
CA TYR D 44 34.59 18.53 16.41
C TYR D 44 35.01 17.68 17.60
N GLY D 45 34.08 16.88 18.13
CA GLY D 45 34.38 16.00 19.24
C GLY D 45 35.51 14.99 18.98
N ASP D 46 35.74 14.63 17.74
CA ASP D 46 36.79 13.65 17.44
C ASP D 46 38.17 14.16 17.02
N LEU D 47 38.25 15.48 16.83
CA LEU D 47 39.49 16.15 16.45
C LEU D 47 40.50 16.11 17.61
N SER D 48 41.80 15.96 17.35
CA SER D 48 42.78 15.99 18.46
C SER D 48 42.94 17.44 19.01
N LYS D 49 43.38 17.54 20.26
CA LYS D 49 43.64 18.82 20.89
C LYS D 49 44.60 19.66 20.04
N GLU D 50 45.65 19.07 19.46
CA GLU D 50 46.53 19.96 18.68
C GLU D 50 46.10 20.35 17.29
N GLU D 51 45.31 19.54 16.61
CA GLU D 51 44.91 19.99 15.28
C GLU D 51 43.85 21.08 15.50
N LEU D 52 43.22 21.11 16.69
CA LEU D 52 42.21 22.16 16.97
C LEU D 52 43.00 23.44 17.17
N GLU D 53 44.14 23.33 17.84
CA GLU D 53 44.98 24.51 18.03
C GLU D 53 45.37 25.08 16.68
N GLU D 54 45.83 24.21 15.78
CA GLU D 54 46.26 24.61 14.45
C GLU D 54 45.10 25.21 13.63
N GLN D 55 44.01 24.49 13.60
CA GLN D 55 42.85 24.88 12.81
C GLN D 55 42.16 26.22 13.15
N GLN D 56 42.10 26.58 14.44
CA GLN D 56 41.42 27.81 14.88
C GLN D 56 39.99 27.92 14.33
N ILE D 57 39.17 26.91 14.62
CA ILE D 57 37.76 26.88 14.19
C ILE D 57 36.88 27.85 15.03
N GLU D 58 36.50 28.97 14.43
CA GLU D 58 35.70 30.00 15.10
C GLU D 58 34.22 29.67 15.12
N VAL D 59 33.62 29.87 16.29
CA VAL D 59 32.22 29.62 16.49
C VAL D 59 31.63 30.69 17.42
N ALA D 60 30.29 30.79 17.36
CA ALA D 60 29.53 31.70 18.17
C ALA D 60 28.33 30.92 18.66
N VAL D 61 28.10 31.01 19.98
CA VAL D 61 27.01 30.30 20.64
C VAL D 61 26.48 31.14 21.76
N ALA D 62 25.27 30.82 22.19
CA ALA D 62 24.62 31.50 23.30
C ALA D 62 23.78 30.56 24.17
N GLY D 63 23.66 30.87 25.45
CA GLY D 63 22.88 30.05 26.33
C GLY D 63 22.97 30.53 27.79
N ARG D 64 22.39 29.72 28.68
CA ARG D 64 22.35 29.97 30.11
C ARG D 64 23.50 29.28 30.86
N ILE D 65 24.04 30.05 31.77
CA ILE D 65 25.12 29.59 32.61
C ILE D 65 24.55 28.59 33.65
N MET D 66 24.92 27.32 33.49
CA MET D 66 24.48 26.23 34.38
C MET D 66 25.55 25.93 35.48
N THR D 67 26.83 25.98 35.13
CA THR D 67 27.88 25.74 36.09
C THR D 67 28.96 26.78 35.82
N LYS D 68 29.63 27.19 36.87
CA LYS D 68 30.67 28.17 36.66
C LYS D 68 31.77 27.95 37.69
N ARG D 69 33.03 27.88 37.27
CA ARG D 69 34.06 27.73 38.32
C ARG D 69 35.15 28.78 38.16
N GLY D 70 35.31 29.54 39.24
CA GLY D 70 36.26 30.64 39.31
C GLY D 70 37.68 30.16 39.31
N MET D 71 38.56 31.00 39.84
CA MET D 71 39.99 30.72 39.93
C MET D 71 40.74 31.94 39.45
N GLY D 72 40.32 33.11 39.93
CA GLY D 72 41.02 34.34 39.57
C GLY D 72 40.99 34.91 38.16
N LYS D 73 42.12 34.93 37.43
CA LYS D 73 42.15 35.52 36.08
C LYS D 73 41.83 34.66 34.86
N ALA D 74 41.26 33.49 35.10
CA ALA D 74 40.82 32.56 34.08
C ALA D 74 39.69 31.80 34.71
N GLY D 75 38.65 31.51 33.94
CA GLY D 75 37.52 30.81 34.46
C GLY D 75 36.80 29.97 33.42
N PHE D 76 35.96 29.09 33.91
CA PHE D 76 35.17 28.18 33.09
C PHE D 76 33.71 28.31 33.44
N ALA D 77 32.86 27.87 32.51
CA ALA D 77 31.41 27.80 32.72
C ALA D 77 30.89 26.87 31.64
N HIS D 78 29.73 26.30 31.89
CA HIS D 78 29.09 25.43 30.91
C HIS D 78 27.84 26.25 30.66
N ILE D 79 27.56 26.51 29.40
CA ILE D 79 26.36 27.29 29.08
C ILE D 79 25.46 26.34 28.30
N GLN D 80 24.18 26.44 28.55
CA GLN D 80 23.22 25.52 27.95
C GLN D 80 22.29 26.12 26.89
N ASP D 81 22.29 25.54 25.69
CA ASP D 81 21.37 25.99 24.65
C ASP D 81 20.31 24.91 24.50
N VAL D 82 19.34 25.10 23.62
CA VAL D 82 18.31 24.10 23.47
C VAL D 82 18.81 22.69 23.15
N THR D 83 20.02 22.53 22.59
CA THR D 83 20.59 21.21 22.25
C THR D 83 21.51 20.58 23.33
N GLY D 84 21.89 21.32 24.36
CA GLY D 84 22.79 20.74 25.33
C GLY D 84 23.67 21.80 25.92
N GLN D 85 24.84 21.43 26.45
CA GLN D 85 25.76 22.37 27.11
C GLN D 85 27.13 22.28 26.50
N ILE D 86 27.85 23.40 26.43
CA ILE D 86 29.23 23.38 25.90
C ILE D 86 30.11 24.12 26.92
N GLN D 87 31.30 23.62 27.18
CA GLN D 87 32.12 24.34 28.12
C GLN D 87 32.84 25.55 27.43
N ILE D 88 32.81 26.68 28.11
CA ILE D 88 33.49 27.88 27.64
C ILE D 88 34.68 28.18 28.62
N TYR D 89 35.77 28.68 28.08
CA TYR D 89 36.98 28.99 28.86
C TYR D 89 37.25 30.46 28.57
N VAL D 90 37.20 31.25 29.65
CA VAL D 90 37.40 32.68 29.55
C VAL D 90 38.60 33.19 30.37
N ARG D 91 39.62 33.76 29.70
CA ARG D 91 40.76 34.35 30.44
C ARG D 91 40.90 35.85 30.21
N GLN D 92 41.21 36.60 31.27
CA GLN D 92 41.35 38.05 31.10
C GLN D 92 42.37 38.27 30.00
N ASP D 93 43.34 37.38 29.99
CA ASP D 93 44.42 37.33 29.00
C ASP D 93 44.02 37.62 27.58
N ASP D 94 42.87 37.08 27.23
CA ASP D 94 42.35 37.18 25.89
C ASP D 94 41.20 38.17 25.71
N VAL D 95 40.24 38.15 26.61
CA VAL D 95 39.11 38.99 26.35
C VAL D 95 39.19 40.43 26.90
N GLY D 96 40.31 40.81 27.53
CA GLY D 96 40.40 42.16 28.09
C GLY D 96 39.67 42.28 29.44
N GLU D 97 39.97 43.35 30.15
CA GLU D 97 39.42 43.57 31.49
C GLU D 97 37.92 43.83 31.61
N GLN D 98 37.31 44.54 30.66
CA GLN D 98 35.89 44.82 30.76
C GLN D 98 35.04 43.56 30.51
N GLN D 99 35.48 42.73 29.57
CA GLN D 99 34.75 41.50 29.31
C GLN D 99 35.01 40.51 30.44
N TYR D 100 36.26 40.48 30.93
CA TYR D 100 36.57 39.56 32.00
C TYR D 100 35.75 39.94 33.23
N GLU D 101 35.54 41.25 33.40
CA GLU D 101 34.74 41.74 34.52
C GLU D 101 33.32 41.25 34.37
N LEU D 102 32.80 41.36 33.13
CA LEU D 102 31.45 40.89 32.84
C LEU D 102 31.34 39.40 33.22
N PHE D 103 32.31 38.61 32.75
CA PHE D 103 32.36 37.18 33.08
C PHE D 103 32.35 36.97 34.58
N LYS D 104 33.18 37.71 35.30
CA LYS D 104 33.25 37.55 36.77
C LYS D 104 31.92 37.86 37.46
N ILE D 105 31.21 38.89 37.01
CA ILE D 105 29.92 39.18 37.66
C ILE D 105 28.82 38.15 37.34
N SER D 106 28.88 37.55 36.15
CA SER D 106 27.90 36.59 35.64
C SER D 106 27.62 35.49 36.66
N ASP D 107 26.32 35.27 36.89
CA ASP D 107 25.76 34.29 37.84
C ASP D 107 25.23 33.00 37.13
N LEU D 108 25.02 31.95 37.93
CA LEU D 108 24.39 30.76 37.36
C LEU D 108 23.00 31.32 36.99
N GLY D 109 22.45 30.98 35.83
CA GLY D 109 21.16 31.56 35.51
C GLY D 109 21.27 32.64 34.44
N ASP D 110 22.26 33.51 34.54
CA ASP D 110 22.43 34.54 33.51
C ASP D 110 22.66 33.88 32.17
N ILE D 111 22.28 34.61 31.14
CA ILE D 111 22.39 34.13 29.77
C ILE D 111 23.46 34.96 29.06
N VAL D 112 24.33 34.29 28.32
CA VAL D 112 25.40 35.01 27.65
C VAL D 112 25.69 34.42 26.25
N GLY D 113 26.38 35.19 25.42
CA GLY D 113 26.77 34.70 24.11
C GLY D 113 28.29 34.82 23.99
N VAL D 114 28.91 33.93 23.24
CA VAL D 114 30.33 34.04 23.12
C VAL D 114 30.79 33.76 21.71
N ARG D 115 31.94 34.33 21.36
CA ARG D 115 32.59 34.03 20.10
C ARG D 115 33.97 33.54 20.62
N GLY D 116 34.54 32.55 19.93
CA GLY D 116 35.81 31.98 20.31
C GLY D 116 36.18 30.83 19.34
N THR D 117 37.28 30.11 19.65
CA THR D 117 37.67 28.98 18.81
C THR D 117 37.56 27.67 19.57
N MET D 118 37.42 26.58 18.80
CA MET D 118 37.31 25.28 19.43
C MET D 118 38.65 24.85 20.00
N PHE D 119 38.61 24.18 21.15
CA PHE D 119 39.86 23.65 21.73
C PHE D 119 39.54 22.54 22.74
N LYS D 120 40.50 21.72 23.08
CA LYS D 120 40.16 20.71 24.08
C LYS D 120 40.97 20.93 25.35
N THR D 121 40.41 20.74 26.54
CA THR D 121 41.26 20.90 27.72
C THR D 121 42.22 19.69 27.86
N LYS D 122 43.13 19.74 28.84
CA LYS D 122 44.11 18.64 29.05
C LYS D 122 43.33 17.38 29.32
N VAL D 123 42.22 17.58 30.03
CA VAL D 123 41.24 16.57 30.39
C VAL D 123 40.60 16.04 29.11
N GLY D 124 40.76 16.75 27.99
CA GLY D 124 40.14 16.27 26.77
C GLY D 124 38.74 16.82 26.47
N GLU D 125 38.21 17.67 27.35
CA GLU D 125 36.86 18.17 27.08
C GLU D 125 36.78 19.24 25.93
N LEU D 126 35.90 19.01 24.96
CA LEU D 126 35.70 19.89 23.81
C LEU D 126 35.10 21.20 24.35
N SER D 127 35.71 22.32 24.00
CA SER D 127 35.28 23.59 24.60
C SER D 127 35.49 24.81 23.68
N ILE D 128 35.01 25.96 24.14
CA ILE D 128 35.20 27.19 23.36
C ILE D 128 36.14 28.14 24.08
N LYS D 129 37.24 28.46 23.38
CA LYS D 129 38.24 29.38 23.90
C LYS D 129 37.70 30.74 23.51
N VAL D 130 37.06 31.38 24.46
CA VAL D 130 36.39 32.66 24.24
C VAL D 130 37.27 33.84 23.87
N SER D 131 36.95 34.49 22.73
CA SER D 131 37.67 35.70 22.31
C SER D 131 36.80 36.88 22.61
N SER D 132 35.49 36.62 22.67
CA SER D 132 34.53 37.67 22.91
C SER D 132 33.38 37.18 23.79
N TYR D 133 33.10 37.90 24.88
CA TYR D 133 32.08 37.57 25.85
C TYR D 133 30.98 38.63 25.98
N GLU D 134 29.77 38.28 25.54
CA GLU D 134 28.64 39.21 25.54
C GLU D 134 27.69 38.87 26.64
N PHE D 135 27.35 39.87 27.43
CA PHE D 135 26.39 39.64 28.46
C PHE D 135 25.00 39.86 27.81
N LEU D 136 24.11 38.86 27.92
CA LEU D 136 22.78 38.92 27.26
C LEU D 136 21.55 39.14 28.13
N THR D 137 21.42 38.44 29.27
CA THR D 137 20.29 38.73 30.20
C THR D 137 20.61 38.38 31.65
N LYS D 138 20.24 39.28 32.55
CA LYS D 138 20.41 39.08 33.97
C LYS D 138 19.25 38.30 34.51
N ALA D 139 19.54 37.21 35.23
CA ALA D 139 18.45 36.49 35.85
C ALA D 139 18.35 37.10 37.26
N LEU D 140 17.19 37.72 37.57
CA LEU D 140 16.97 38.24 38.92
C LEU D 140 16.70 37.12 39.89
N ARG D 141 16.35 35.93 39.39
CA ARG D 141 16.10 34.82 40.31
C ARG D 141 16.99 33.66 40.03
N PRO D 142 17.57 33.09 41.10
CA PRO D 142 18.46 31.96 41.04
C PRO D 142 17.82 30.70 40.47
N LEU D 143 18.64 29.94 39.76
CA LEU D 143 18.20 28.69 39.18
C LEU D 143 18.06 27.79 40.37
N PRO D 144 17.16 26.80 40.32
CA PRO D 144 17.01 25.90 41.47
C PRO D 144 18.26 25.00 41.68
N GLU D 145 18.36 24.31 42.83
CA GLU D 145 19.47 23.38 43.17
C GLU D 145 19.75 22.31 42.09
N LYS D 146 19.92 21.05 42.46
CA LYS D 146 20.21 20.03 41.43
C LYS D 146 19.45 18.68 41.52
N ASP D 152 8.57 19.79 43.73
CA ASP D 152 8.24 18.38 43.46
C ASP D 152 7.57 18.09 42.09
N ILE D 153 6.81 17.00 42.06
CA ILE D 153 6.07 16.55 40.88
C ILE D 153 5.06 17.62 40.38
N GLU D 154 4.40 18.30 41.33
CA GLU D 154 3.45 19.35 40.99
C GLU D 154 4.26 20.59 40.52
N GLN D 155 5.31 20.94 41.27
CA GLN D 155 6.14 22.13 40.97
C GLN D 155 6.46 22.42 39.51
N ARG D 156 7.00 21.40 38.86
CA ARG D 156 7.40 21.43 37.47
C ARG D 156 6.29 21.62 36.40
N TYR D 157 5.02 21.43 36.76
CA TYR D 157 3.88 21.66 35.82
C TYR D 157 3.44 23.12 36.05
N ARG D 158 3.71 23.57 37.28
CA ARG D 158 3.42 24.89 37.80
C ARG D 158 4.44 25.90 37.26
N GLN D 159 5.65 25.43 37.00
CA GLN D 159 6.70 26.24 36.39
C GLN D 159 7.45 25.39 35.37
N ARG D 160 6.75 25.10 34.29
CA ARG D 160 7.27 24.30 33.19
C ARG D 160 8.60 24.80 32.69
N TYR D 161 8.79 26.10 32.76
CA TYR D 161 10.04 26.65 32.27
C TYR D 161 11.22 26.15 33.15
N LEU D 162 11.05 26.12 34.46
CA LEU D 162 12.13 25.60 35.31
C LEU D 162 12.42 24.13 34.89
N ASP D 163 11.35 23.39 34.70
CA ASP D 163 11.46 22.00 34.33
C ASP D 163 12.17 21.89 32.94
N LEU D 164 11.82 22.76 31.99
CA LEU D 164 12.43 22.68 30.67
C LEU D 164 13.95 22.94 30.73
N ILE D 165 14.36 23.85 31.63
CA ILE D 165 15.78 24.20 31.79
C ILE D 165 16.59 23.11 32.57
N MET D 166 16.03 22.67 33.70
CA MET D 166 16.73 21.68 34.51
C MET D 166 16.62 20.20 34.13
N ASN D 167 15.70 19.80 33.25
CA ASN D 167 15.55 18.39 32.93
C ASN D 167 15.53 18.00 31.47
N PRO D 168 16.69 17.59 30.94
CA PRO D 168 16.86 17.19 29.55
C PRO D 168 15.72 16.41 28.93
N GLU D 169 15.44 15.24 29.47
CA GLU D 169 14.36 14.43 28.92
C GLU D 169 13.06 15.25 28.84
N SER D 170 12.98 16.34 29.59
CA SER D 170 11.72 17.03 29.59
C SER D 170 11.34 17.59 28.25
N LYS D 171 12.20 18.45 27.70
CA LYS D 171 11.87 19.03 26.41
C LYS D 171 11.68 17.92 25.37
N LYS D 172 12.39 16.81 25.55
CA LYS D 172 12.28 15.72 24.58
C LYS D 172 10.88 15.27 24.37
N THR D 173 10.11 15.17 25.46
CA THR D 173 8.72 14.73 25.38
C THR D 173 7.95 15.69 24.47
N PHE D 174 8.21 16.97 24.64
CA PHE D 174 7.53 17.98 23.82
C PHE D 174 8.05 18.02 22.43
N ILE D 175 9.32 17.73 22.25
CA ILE D 175 9.77 17.74 20.85
C ILE D 175 9.06 16.57 20.13
N THR D 176 8.98 15.41 20.81
CA THR D 176 8.33 14.22 20.24
C THR D 176 6.88 14.51 19.96
N ARG D 177 6.27 15.26 20.90
CA ARG D 177 4.87 15.59 20.71
C ARG D 177 4.74 16.34 19.37
N SER D 178 5.57 17.36 19.12
CA SER D 178 5.33 18.05 17.85
C SER D 178 5.67 17.16 16.65
N LEU D 179 6.58 16.22 16.82
CA LEU D 179 6.91 15.35 15.71
C LEU D 179 5.72 14.39 15.43
N ILE D 180 4.99 14.03 16.49
CA ILE D 180 3.80 13.16 16.40
C ILE D 180 2.65 13.89 15.63
N ILE D 181 2.38 15.12 16.01
CA ILE D 181 1.33 15.86 15.31
C ILE D 181 1.72 16.12 13.81
N GLN D 182 2.97 16.48 13.60
CA GLN D 182 3.46 16.73 12.24
C GLN D 182 3.36 15.48 11.41
N SER D 183 3.74 14.32 11.99
CA SER D 183 3.64 13.07 11.25
C SER D 183 2.18 12.74 10.94
N MET D 184 1.28 13.13 11.84
CA MET D 184 -0.15 12.80 11.61
C MET D 184 -0.74 13.59 10.43
N ARG D 185 -0.43 14.87 10.37
CA ARG D 185 -0.93 15.71 9.28
C ARG D 185 -0.31 15.30 7.96
N ARG D 186 0.94 14.80 7.99
CA ARG D 186 1.60 14.45 6.73
C ARG D 186 0.92 13.25 6.12
N TYR D 187 0.54 12.30 6.95
CA TYR D 187 -0.11 11.11 6.52
C TYR D 187 -1.49 11.48 6.04
N LEU D 188 -2.18 12.26 6.85
CA LEU D 188 -3.54 12.59 6.49
C LEU D 188 -3.55 13.43 5.20
N ASP D 189 -2.67 14.43 5.14
CA ASP D 189 -2.65 15.24 3.94
C ASP D 189 -2.32 14.35 2.76
N SER D 190 -1.32 13.49 2.89
CA SER D 190 -0.98 12.73 1.71
C SER D 190 -2.03 11.72 1.36
N HIS D 191 -2.94 11.41 2.28
CA HIS D 191 -4.00 10.50 1.93
C HIS D 191 -5.29 11.20 1.47
N GLY D 192 -5.19 12.47 1.08
CA GLY D 192 -6.37 13.14 0.58
C GLY D 192 -7.26 13.89 1.55
N TYR D 193 -6.95 13.89 2.85
CA TYR D 193 -7.82 14.56 3.81
C TYR D 193 -7.57 16.05 3.89
N LEU D 194 -8.64 16.82 3.84
CA LEU D 194 -8.52 18.28 3.88
C LEU D 194 -8.56 18.78 5.30
N GLU D 195 -7.45 19.39 5.75
CA GLU D 195 -7.35 19.96 7.11
C GLU D 195 -8.16 21.26 7.19
N VAL D 196 -9.13 21.30 8.07
CA VAL D 196 -9.97 22.46 8.16
C VAL D 196 -10.05 22.95 9.57
N GLU D 197 -10.68 24.12 9.68
CA GLU D 197 -10.94 24.79 10.94
C GLU D 197 -12.44 25.14 11.09
N THR D 198 -13.11 24.52 12.06
CA THR D 198 -14.52 24.82 12.30
C THR D 198 -14.63 25.48 13.68
N PRO D 199 -15.80 26.08 14.01
CA PRO D 199 -16.03 26.75 15.30
C PRO D 199 -15.66 26.05 16.58
N MET D 200 -15.28 26.88 17.55
CA MET D 200 -14.94 26.40 18.88
C MET D 200 -15.94 26.96 19.83
N MET D 201 -16.73 27.92 19.33
CA MET D 201 -17.77 28.55 20.10
C MET D 201 -19.07 28.07 19.39
N HIS D 202 -20.00 27.45 20.12
CA HIS D 202 -21.20 26.92 19.50
C HIS D 202 -22.49 27.46 20.10
N ALA D 203 -23.54 27.50 19.28
CA ALA D 203 -24.89 27.89 19.75
C ALA D 203 -25.41 26.73 20.62
N VAL D 204 -25.08 25.50 20.21
CA VAL D 204 -25.52 24.28 20.96
C VAL D 204 -24.32 23.31 21.12
N ALA D 205 -23.92 23.00 22.35
CA ALA D 205 -22.78 22.10 22.55
C ALA D 205 -23.11 20.68 22.14
N GLY D 206 -22.61 20.17 21.02
CA GLY D 206 -22.93 18.80 20.60
C GLY D 206 -21.77 17.95 20.10
N GLY D 207 -22.05 16.73 19.61
CA GLY D 207 -21.00 15.85 19.08
C GLY D 207 -20.40 14.89 20.11
N ALA D 208 -20.89 14.96 21.35
CA ALA D 208 -20.40 14.12 22.41
C ALA D 208 -21.34 14.24 23.61
N ALA D 209 -21.06 13.43 24.63
CA ALA D 209 -21.79 13.43 25.89
C ALA D 209 -20.85 14.12 26.90
N ALA D 210 -21.01 15.41 27.17
CA ALA D 210 -20.11 16.06 28.15
C ALA D 210 -20.65 17.41 28.53
N ARG D 211 -20.29 17.84 29.71
CA ARG D 211 -20.73 19.15 30.21
C ARG D 211 -19.82 20.20 29.54
N PRO D 212 -20.38 21.32 29.12
CA PRO D 212 -19.57 22.36 28.47
C PRO D 212 -19.18 23.58 29.29
N PHE D 213 -18.26 24.39 28.75
CA PHE D 213 -17.91 25.66 29.39
C PHE D 213 -18.85 26.58 28.67
N ILE D 214 -19.47 27.46 29.43
CA ILE D 214 -20.46 28.41 28.95
C ILE D 214 -19.85 29.76 29.11
N THR D 215 -20.10 30.59 28.09
CA THR D 215 -19.61 31.95 28.04
C THR D 215 -20.63 32.83 27.28
N HIS D 216 -20.34 34.12 27.22
CA HIS D 216 -21.29 35.06 26.62
C HIS D 216 -20.58 36.08 25.76
N HIS D 217 -21.20 36.47 24.65
CA HIS D 217 -20.63 37.47 23.76
C HIS D 217 -21.40 38.79 24.06
N ASN D 218 -20.71 39.82 24.49
CA ASN D 218 -21.41 41.06 24.86
C ASN D 218 -22.14 41.80 23.76
N ALA D 219 -21.44 42.16 22.70
CA ALA D 219 -22.07 42.92 21.63
C ALA D 219 -23.23 42.19 20.98
N LEU D 220 -23.05 40.89 20.72
CA LEU D 220 -24.10 40.12 20.07
C LEU D 220 -25.17 39.67 21.08
N ASP D 221 -24.81 39.81 22.34
CA ASP D 221 -25.68 39.40 23.40
C ASP D 221 -26.11 37.93 23.17
N MET D 222 -25.18 37.00 23.24
CA MET D 222 -25.62 35.63 23.09
C MET D 222 -24.79 34.65 23.89
N THR D 223 -25.45 33.61 24.32
CA THR D 223 -24.80 32.57 25.09
C THR D 223 -24.05 31.72 24.08
N LEU D 224 -22.81 31.37 24.40
CA LEU D 224 -22.03 30.53 23.53
C LEU D 224 -21.47 29.38 24.36
N TYR D 225 -21.34 28.20 23.77
CA TYR D 225 -20.74 27.07 24.44
C TYR D 225 -19.43 26.70 23.76
N MET D 226 -18.35 26.57 24.55
CA MET D 226 -17.07 26.14 23.95
C MET D 226 -17.28 24.66 23.45
N ARG D 227 -16.85 24.33 22.23
CA ARG D 227 -17.14 22.98 21.75
C ARG D 227 -16.65 21.83 22.62
N ILE D 228 -17.50 20.81 22.76
CA ILE D 228 -17.15 19.61 23.51
C ILE D 228 -16.74 18.49 22.53
N ALA D 229 -16.86 18.80 21.24
CA ALA D 229 -16.54 17.91 20.14
C ALA D 229 -16.41 18.73 18.81
N ILE D 230 -15.85 18.11 17.78
CA ILE D 230 -15.67 18.85 16.51
C ILE D 230 -16.68 18.33 15.52
N GLU D 231 -17.23 17.14 15.83
CA GLU D 231 -18.16 16.38 14.98
C GLU D 231 -19.29 17.01 14.16
N LEU D 232 -20.10 17.83 14.81
CA LEU D 232 -21.25 18.34 14.09
C LEU D 232 -20.91 19.27 12.93
N HIS D 233 -19.86 20.07 13.07
CA HIS D 233 -19.51 20.97 11.97
C HIS D 233 -18.76 20.24 10.88
N LEU D 234 -17.95 19.23 11.26
CA LEU D 234 -17.27 18.46 10.19
C LEU D 234 -18.33 17.71 9.39
N LYS D 235 -19.36 17.26 10.08
CA LYS D 235 -20.42 16.54 9.36
C LYS D 235 -21.08 17.50 8.34
N ARG D 236 -21.28 18.77 8.73
CA ARG D 236 -21.85 19.79 7.82
C ARG D 236 -21.01 19.87 6.54
N LEU D 237 -19.71 19.69 6.71
CA LEU D 237 -18.78 19.71 5.62
C LEU D 237 -18.96 18.51 4.69
N ILE D 238 -19.31 17.38 5.26
CA ILE D 238 -19.49 16.19 4.48
C ILE D 238 -20.79 16.33 3.72
N VAL D 239 -21.83 16.83 4.38
CA VAL D 239 -23.07 17.15 3.63
C VAL D 239 -22.62 18.11 2.45
N GLY D 240 -21.68 19.02 2.77
CA GLY D 240 -21.20 19.99 1.79
C GLY D 240 -20.39 19.41 0.61
N GLY D 241 -20.12 18.12 0.63
CA GLY D 241 -19.45 17.52 -0.49
C GLY D 241 -17.93 17.45 -0.44
N LEU D 242 -17.33 17.93 0.64
CA LEU D 242 -15.88 17.92 0.71
C LEU D 242 -15.22 16.50 0.80
N GLU D 243 -16.02 15.45 1.13
CA GLU D 243 -15.55 14.05 1.17
C GLU D 243 -14.56 13.48 2.21
N LYS D 244 -13.44 14.21 2.42
CA LYS D 244 -12.39 13.80 3.35
C LYS D 244 -11.94 15.11 4.05
N VAL D 245 -12.19 15.23 5.36
CA VAL D 245 -11.75 16.43 6.08
C VAL D 245 -11.24 15.98 7.45
N TYR D 246 -10.32 16.73 8.03
CA TYR D 246 -9.89 16.38 9.38
C TYR D 246 -9.51 17.67 10.00
N GLU D 247 -9.47 17.68 11.31
CA GLU D 247 -9.11 18.88 12.04
C GLU D 247 -8.47 18.35 13.32
N ILE D 248 -7.30 18.86 13.66
CA ILE D 248 -6.61 18.53 14.89
C ILE D 248 -6.76 19.80 15.69
N GLY D 249 -7.63 19.77 16.68
CA GLY D 249 -7.85 21.00 17.43
C GLY D 249 -8.25 20.82 18.89
N ARG D 250 -8.30 21.95 19.58
CA ARG D 250 -8.66 21.94 20.95
C ARG D 250 -10.14 21.73 21.15
N VAL D 251 -10.43 21.00 22.22
CA VAL D 251 -11.78 20.70 22.62
C VAL D 251 -11.87 20.97 24.12
N PHE D 252 -13.06 21.29 24.57
CA PHE D 252 -13.27 21.69 25.96
C PHE D 252 -14.41 20.98 26.68
N ARG D 253 -14.07 20.34 27.80
CA ARG D 253 -15.08 19.66 28.57
C ARG D 253 -14.90 20.09 29.99
N ASN D 254 -15.95 20.62 30.58
CA ASN D 254 -16.03 21.09 31.97
C ASN D 254 -16.11 19.88 32.97
N GLU D 255 -15.00 19.21 33.17
CA GLU D 255 -14.91 18.05 34.03
C GLU D 255 -13.52 18.09 34.76
N GLY D 256 -13.46 17.37 35.88
CA GLY D 256 -12.25 17.31 36.70
C GLY D 256 -11.07 16.69 35.99
N ILE D 257 -9.86 16.97 36.44
CA ILE D 257 -8.74 16.37 35.74
C ILE D 257 -8.47 14.94 36.26
N SER D 258 -7.63 14.20 35.55
CA SER D 258 -7.28 12.82 35.96
C SER D 258 -6.01 12.57 35.20
N THR D 259 -5.30 11.51 35.50
CA THR D 259 -4.08 11.28 34.78
C THR D 259 -4.38 11.20 33.25
N ARG D 260 -5.65 11.09 32.83
CA ARG D 260 -5.96 10.95 31.40
C ARG D 260 -6.92 12.00 30.88
N HIS D 261 -7.24 12.99 31.72
CA HIS D 261 -8.16 14.05 31.34
C HIS D 261 -7.65 15.46 31.64
N ASN D 262 -7.76 16.37 30.69
CA ASN D 262 -7.46 17.78 31.01
C ASN D 262 -8.71 18.50 30.48
N PRO D 263 -9.16 19.59 31.10
CA PRO D 263 -10.38 20.30 30.62
C PRO D 263 -10.24 20.80 29.17
N GLU D 264 -9.03 21.16 28.78
CA GLU D 264 -8.83 21.55 27.37
C GLU D 264 -7.84 20.54 26.88
N PHE D 265 -8.19 19.85 25.81
CA PHE D 265 -7.28 18.87 25.24
C PHE D 265 -7.40 18.97 23.73
N THR D 266 -6.52 18.22 23.03
CA THR D 266 -6.39 18.17 21.55
C THR D 266 -6.91 16.87 21.00
N MET D 267 -7.92 17.02 20.17
CA MET D 267 -8.54 15.89 19.51
C MET D 267 -8.39 16.00 18.03
N LEU D 268 -8.23 14.85 17.38
CA LEU D 268 -8.21 14.80 15.94
C LEU D 268 -9.57 14.24 15.62
N GLU D 269 -10.32 14.92 14.77
CA GLU D 269 -11.55 14.34 14.24
C GLU D 269 -11.38 14.32 12.71
N LEU D 270 -11.84 13.23 12.06
CA LEU D 270 -11.83 13.14 10.60
C LEU D 270 -13.06 12.40 10.08
N TYR D 271 -13.51 12.77 8.89
CA TYR D 271 -14.69 12.14 8.31
C TYR D 271 -14.43 11.73 6.90
N GLU D 272 -14.98 10.58 6.51
CA GLU D 272 -14.68 10.10 5.16
C GLU D 272 -15.90 9.54 4.53
N ALA D 273 -16.44 10.30 3.55
CA ALA D 273 -17.61 9.92 2.79
C ALA D 273 -17.39 8.58 2.10
N TYR D 274 -18.41 7.75 2.07
CA TYR D 274 -18.37 6.46 1.40
C TYR D 274 -17.59 5.36 2.13
N ALA D 275 -17.08 5.67 3.34
CA ALA D 275 -16.39 4.66 4.15
C ALA D 275 -17.33 4.23 5.28
N ASP D 276 -17.03 3.09 5.89
CA ASP D 276 -17.79 2.60 7.05
C ASP D 276 -16.79 2.37 8.22
N PHE D 277 -17.27 1.96 9.40
CA PHE D 277 -16.37 1.83 10.54
C PHE D 277 -15.24 0.82 10.35
N ARG D 278 -15.46 -0.22 9.54
CA ARG D 278 -14.41 -1.19 9.28
C ARG D 278 -13.29 -0.50 8.51
N ASP D 279 -13.65 0.42 7.60
CA ASP D 279 -12.59 1.17 6.86
C ASP D 279 -11.85 2.08 7.83
N ILE D 280 -12.60 2.70 8.75
CA ILE D 280 -11.96 3.60 9.73
C ILE D 280 -10.99 2.79 10.64
N MET D 281 -11.33 1.51 10.93
CA MET D 281 -10.47 0.66 11.78
C MET D 281 -9.10 0.55 11.10
N LYS D 282 -9.12 0.20 9.82
CA LYS D 282 -7.90 0.06 9.04
C LYS D 282 -7.12 1.41 8.99
N LEU D 283 -7.82 2.49 8.75
CA LEU D 283 -7.15 3.81 8.71
C LEU D 283 -6.48 4.11 10.11
N THR D 284 -7.23 3.86 11.18
CA THR D 284 -6.73 4.11 12.49
C THR D 284 -5.44 3.35 12.79
N GLU D 285 -5.37 2.07 12.42
CA GLU D 285 -4.16 1.30 12.76
C GLU D 285 -3.04 1.67 11.83
N ASN D 286 -3.36 1.90 10.55
CA ASN D 286 -2.25 2.27 9.66
C ASN D 286 -1.71 3.66 10.04
N LEU D 287 -2.60 4.56 10.44
CA LEU D 287 -2.15 5.92 10.79
C LEU D 287 -1.28 5.86 12.04
N ILE D 288 -1.72 5.10 13.03
CA ILE D 288 -0.94 5.11 14.27
C ILE D 288 0.34 4.39 14.12
N ALA D 289 0.33 3.24 13.45
CA ALA D 289 1.59 2.54 13.26
C ALA D 289 2.58 3.42 12.45
N HIS D 290 2.05 4.18 11.51
CA HIS D 290 2.91 5.02 10.68
C HIS D 290 3.59 6.08 11.50
N ILE D 291 2.84 6.68 12.41
CA ILE D 291 3.38 7.73 13.24
C ILE D 291 4.51 7.17 14.12
N ALA D 292 4.33 5.95 14.66
CA ALA D 292 5.30 5.34 15.57
C ALA D 292 6.55 5.02 14.75
N THR D 293 6.30 4.52 13.56
CA THR D 293 7.39 4.24 12.66
C THR D 293 8.21 5.50 12.30
N GLU D 294 7.53 6.51 11.82
CA GLU D 294 8.19 7.74 11.38
C GLU D 294 8.86 8.47 12.53
N VAL D 295 8.22 8.51 13.69
CA VAL D 295 8.79 9.26 14.78
C VAL D 295 9.72 8.50 15.72
N LEU D 296 9.40 7.23 15.96
CA LEU D 296 10.15 6.38 16.88
C LEU D 296 11.04 5.38 16.20
N GLY D 297 10.71 5.07 14.94
CA GLY D 297 11.49 4.12 14.18
C GLY D 297 11.10 2.68 14.46
N THR D 298 10.07 2.49 15.27
CA THR D 298 9.56 1.16 15.65
C THR D 298 8.06 1.15 16.00
N THR D 299 7.38 -0.01 15.86
CA THR D 299 5.99 -0.12 16.25
C THR D 299 5.90 -0.81 17.62
N LYS D 300 7.04 -1.12 18.22
CA LYS D 300 7.07 -1.79 19.52
C LYS D 300 7.51 -0.79 20.53
N ILE D 301 6.62 -0.44 21.46
CA ILE D 301 6.99 0.58 22.39
C ILE D 301 6.75 0.17 23.80
N GLN D 302 7.34 0.90 24.72
CA GLN D 302 7.20 0.63 26.12
C GLN D 302 6.22 1.57 26.78
N TYR D 303 5.35 1.01 27.59
CA TYR D 303 4.47 1.85 28.35
C TYR D 303 4.30 1.17 29.71
N GLY D 304 4.85 1.83 30.75
CA GLY D 304 4.75 1.28 32.08
C GLY D 304 5.45 -0.06 32.03
N GLU D 305 4.81 -1.11 32.50
CA GLU D 305 5.39 -2.47 32.51
C GLU D 305 5.07 -3.28 31.22
N HIS D 306 4.53 -2.62 30.21
CA HIS D 306 4.09 -3.33 29.02
C HIS D 306 4.92 -3.01 27.79
N LEU D 307 5.00 -3.96 26.88
CA LEU D 307 5.68 -3.74 25.60
C LEU D 307 4.51 -3.88 24.69
N VAL D 308 4.11 -2.74 24.14
CA VAL D 308 2.98 -2.69 23.26
C VAL D 308 3.37 -2.80 21.78
N ASP D 309 2.75 -3.70 21.05
CA ASP D 309 3.08 -3.87 19.64
C ASP D 309 1.97 -3.19 18.85
N LEU D 310 2.31 -2.06 18.23
CA LEU D 310 1.36 -1.32 17.43
C LEU D 310 1.36 -1.81 15.98
N THR D 311 1.99 -2.93 15.70
CA THR D 311 2.01 -3.36 14.31
C THR D 311 0.65 -3.84 13.84
N PRO D 312 0.17 -3.44 12.66
CA PRO D 312 -1.15 -3.99 12.28
C PRO D 312 -1.02 -5.47 11.92
N GLU D 313 -2.14 -6.18 11.86
CA GLU D 313 -3.47 -5.66 12.16
C GLU D 313 -3.79 -5.95 13.64
N TRP D 314 -4.50 -5.03 14.28
CA TRP D 314 -4.87 -5.14 15.70
C TRP D 314 -6.09 -6.02 15.88
N ARG D 315 -6.33 -6.40 17.14
CA ARG D 315 -7.44 -7.29 17.43
C ARG D 315 -8.79 -6.60 17.33
N ARG D 316 -9.75 -7.22 16.68
CA ARG D 316 -11.11 -6.69 16.66
C ARG D 316 -11.87 -7.58 17.64
N LEU D 317 -12.59 -6.98 18.57
CA LEU D 317 -13.32 -7.73 19.60
C LEU D 317 -14.65 -7.04 19.85
N HIS D 318 -15.75 -7.79 19.74
CA HIS D 318 -17.06 -7.18 19.99
C HIS D 318 -17.26 -6.99 21.48
N MET D 319 -17.80 -5.86 21.85
CA MET D 319 -17.96 -5.57 23.25
C MET D 319 -18.66 -6.72 24.01
N VAL D 320 -19.72 -7.28 23.40
CA VAL D 320 -20.45 -8.36 24.07
C VAL D 320 -19.59 -9.59 24.24
N ASP D 321 -18.76 -9.83 23.21
CA ASP D 321 -17.87 -10.96 23.24
C ASP D 321 -16.81 -10.73 24.29
N ALA D 322 -16.36 -9.49 24.42
CA ALA D 322 -15.34 -9.19 25.42
C ALA D 322 -15.92 -9.49 26.80
N ILE D 323 -17.16 -9.08 27.04
CA ILE D 323 -17.78 -9.35 28.35
C ILE D 323 -17.87 -10.88 28.64
N LYS D 324 -18.20 -11.71 27.63
CA LYS D 324 -18.30 -13.18 27.87
C LYS D 324 -16.92 -13.68 28.24
N GLU D 325 -15.92 -13.18 27.55
CA GLU D 325 -14.54 -13.59 27.74
C GLU D 325 -13.95 -13.26 29.08
N TYR D 326 -14.03 -12.00 29.51
CA TYR D 326 -13.42 -11.63 30.78
C TYR D 326 -14.36 -11.76 31.97
N VAL D 327 -15.67 -11.75 31.73
CA VAL D 327 -16.65 -11.80 32.82
C VAL D 327 -17.46 -13.11 32.91
N GLY D 328 -17.60 -13.79 31.79
CA GLY D 328 -18.36 -15.01 31.85
C GLY D 328 -19.84 -14.78 31.76
N VAL D 329 -20.26 -13.56 31.49
CA VAL D 329 -21.66 -13.28 31.32
C VAL D 329 -22.05 -13.08 29.84
N ASP D 330 -23.25 -13.55 29.47
CA ASP D 330 -23.76 -13.48 28.10
C ASP D 330 -24.82 -12.45 27.83
N PHE D 331 -24.56 -11.61 26.84
CA PHE D 331 -25.55 -10.59 26.48
C PHE D 331 -26.04 -10.72 25.06
N TRP D 332 -25.65 -11.78 24.33
CA TRP D 332 -26.17 -11.95 22.96
C TRP D 332 -27.63 -12.38 23.05
N ARG D 333 -27.97 -13.15 24.08
CA ARG D 333 -29.37 -13.56 24.18
C ARG D 333 -30.30 -12.39 24.33
N GLN D 334 -31.56 -12.57 23.89
CA GLN D 334 -32.59 -11.53 24.03
C GLN D 334 -32.75 -11.46 25.54
N MET D 335 -32.83 -10.25 26.09
CA MET D 335 -32.92 -10.15 27.53
C MET D 335 -33.72 -8.90 27.96
N SER D 336 -34.38 -9.02 29.09
CA SER D 336 -35.15 -7.88 29.60
C SER D 336 -34.23 -6.92 30.39
N ASP D 337 -34.67 -5.67 30.58
CA ASP D 337 -33.95 -4.68 31.34
C ASP D 337 -33.78 -5.21 32.74
N GLU D 338 -34.88 -5.76 33.30
CA GLU D 338 -34.80 -6.30 34.66
C GLU D 338 -33.76 -7.44 34.76
N GLU D 339 -33.65 -8.30 33.73
CA GLU D 339 -32.67 -9.40 33.78
C GLU D 339 -31.30 -8.77 33.75
N ALA D 340 -31.11 -7.76 32.90
CA ALA D 340 -29.76 -7.08 32.84
C ALA D 340 -29.44 -6.45 34.22
N ARG D 341 -30.47 -5.87 34.85
CA ARG D 341 -30.29 -5.30 36.20
C ARG D 341 -29.85 -6.39 37.18
N GLU D 342 -30.52 -7.56 37.16
CA GLU D 342 -30.15 -8.68 38.04
C GLU D 342 -28.69 -9.04 37.81
N LEU D 343 -28.29 -9.25 36.54
CA LEU D 343 -26.91 -9.62 36.26
C LEU D 343 -25.97 -8.62 36.87
N ALA D 344 -26.30 -7.34 36.75
CA ALA D 344 -25.44 -6.28 37.28
C ALA D 344 -25.32 -6.40 38.79
N LYS D 345 -26.45 -6.64 39.47
CA LYS D 345 -26.40 -6.80 40.91
C LYS D 345 -25.51 -8.00 41.27
N GLU D 346 -25.67 -9.10 40.56
CA GLU D 346 -24.86 -10.25 40.85
C GLU D 346 -23.37 -10.01 40.66
N HIS D 347 -23.00 -9.27 39.62
CA HIS D 347 -21.59 -8.99 39.32
C HIS D 347 -20.97 -7.75 39.88
N GLY D 348 -21.70 -7.01 40.69
CA GLY D 348 -21.16 -5.79 41.24
C GLY D 348 -20.93 -4.70 40.19
N VAL D 349 -21.79 -4.65 39.19
CA VAL D 349 -21.67 -3.62 38.19
C VAL D 349 -22.65 -2.54 38.64
N GLU D 350 -22.15 -1.33 38.84
CA GLU D 350 -22.99 -0.20 39.24
C GLU D 350 -23.84 0.30 38.07
N VAL D 351 -25.13 0.53 38.28
CA VAL D 351 -25.92 1.08 37.19
C VAL D 351 -26.75 2.30 37.71
N ALA D 352 -27.15 3.20 36.83
CA ALA D 352 -27.92 4.38 37.26
C ALA D 352 -29.39 4.14 37.02
N PRO D 353 -30.25 5.03 37.53
CA PRO D 353 -31.65 4.71 37.28
C PRO D 353 -32.16 4.82 35.86
N HIS D 354 -31.53 5.61 34.99
CA HIS D 354 -32.07 5.67 33.62
C HIS D 354 -31.52 4.57 32.74
N MET D 355 -30.64 3.73 33.25
CA MET D 355 -30.08 2.74 32.38
C MET D 355 -30.96 1.57 32.07
N THR D 356 -30.86 1.12 30.82
CA THR D 356 -31.55 -0.05 30.37
C THR D 356 -30.47 -1.06 29.92
N PHE D 357 -30.89 -2.14 29.28
CA PHE D 357 -30.00 -3.21 28.80
C PHE D 357 -28.74 -2.69 28.13
N GLY D 358 -28.91 -1.82 27.15
CA GLY D 358 -27.78 -1.26 26.43
C GLY D 358 -26.82 -0.51 27.34
N HIS D 359 -27.33 0.32 28.23
CA HIS D 359 -26.35 1.05 29.06
C HIS D 359 -25.61 0.05 29.97
N ILE D 360 -26.36 -0.93 30.49
CA ILE D 360 -25.83 -1.93 31.41
C ILE D 360 -24.73 -2.78 30.75
N VAL D 361 -24.94 -3.18 29.50
CA VAL D 361 -23.93 -3.92 28.73
C VAL D 361 -22.59 -3.11 28.75
N ASN D 362 -22.69 -1.83 28.40
CA ASN D 362 -21.52 -0.97 28.40
C ASN D 362 -20.94 -0.83 29.80
N GLU D 363 -21.81 -0.79 30.84
CA GLU D 363 -21.25 -0.68 32.19
C GLU D 363 -20.46 -1.94 32.51
N PHE D 364 -20.92 -3.13 32.06
CA PHE D 364 -20.16 -4.33 32.33
C PHE D 364 -18.79 -4.23 31.69
N PHE D 365 -18.74 -3.72 30.45
CA PHE D 365 -17.47 -3.59 29.73
C PHE D 365 -16.52 -2.60 30.41
N GLU D 366 -17.02 -1.42 30.68
CA GLU D 366 -16.19 -0.43 31.32
C GLU D 366 -15.68 -0.75 32.72
N GLN D 367 -16.54 -1.34 33.57
CA GLN D 367 -16.16 -1.61 34.95
C GLN D 367 -15.38 -2.90 35.15
N LYS D 368 -15.63 -3.89 34.32
CA LYS D 368 -14.95 -5.17 34.52
C LYS D 368 -13.97 -5.54 33.44
N VAL D 369 -14.04 -4.85 32.29
CA VAL D 369 -13.20 -5.31 31.22
C VAL D 369 -12.12 -4.44 30.58
N GLU D 370 -12.43 -3.20 30.25
CA GLU D 370 -11.48 -2.36 29.50
C GLU D 370 -10.06 -2.23 30.07
N ASP D 371 -9.93 -2.35 31.38
CA ASP D 371 -8.63 -2.14 31.95
C ASP D 371 -7.69 -3.35 31.64
N LYS D 372 -8.26 -4.45 31.15
CA LYS D 372 -7.44 -5.63 30.77
C LYS D 372 -6.96 -5.50 29.34
N LEU D 373 -7.49 -4.52 28.62
CA LEU D 373 -7.08 -4.39 27.23
C LEU D 373 -5.74 -3.63 27.07
N ILE D 374 -4.63 -4.37 27.07
CA ILE D 374 -3.28 -3.79 26.96
C ILE D 374 -2.81 -3.63 25.51
N GLN D 375 -2.75 -4.69 24.74
CA GLN D 375 -2.40 -4.58 23.31
C GLN D 375 -3.54 -3.88 22.59
N PRO D 376 -3.23 -3.11 21.51
CA PRO D 376 -4.26 -2.38 20.75
C PRO D 376 -5.48 -3.22 20.32
N THR D 377 -6.64 -2.81 20.81
CA THR D 377 -7.87 -3.52 20.52
C THR D 377 -9.03 -2.67 20.04
N PHE D 378 -9.65 -3.05 18.94
CA PHE D 378 -10.80 -2.32 18.49
C PHE D 378 -11.97 -3.02 19.15
N ILE D 379 -12.56 -2.39 20.17
CA ILE D 379 -13.73 -2.98 20.82
C ILE D 379 -14.93 -2.44 20.02
N TYR D 380 -15.79 -3.31 19.52
CA TYR D 380 -16.86 -2.74 18.71
C TYR D 380 -18.25 -3.24 19.01
N GLY D 381 -19.22 -2.61 18.34
CA GLY D 381 -20.62 -2.96 18.53
C GLY D 381 -21.30 -2.29 19.71
N HIS D 382 -20.90 -1.11 20.14
CA HIS D 382 -21.51 -0.46 21.28
C HIS D 382 -23.04 -0.43 21.19
N PRO D 383 -23.76 -0.62 22.34
CA PRO D 383 -25.23 -0.59 22.37
C PRO D 383 -25.78 0.70 21.79
N VAL D 384 -26.95 0.64 21.18
CA VAL D 384 -27.48 1.83 20.53
C VAL D 384 -27.76 2.97 21.51
N GLU D 385 -28.12 2.62 22.74
CA GLU D 385 -28.45 3.64 23.70
C GLU D 385 -27.28 4.53 24.08
N ILE D 386 -26.05 4.06 23.99
CA ILE D 386 -24.98 4.95 24.33
C ILE D 386 -24.29 5.49 23.11
N SER D 387 -24.89 5.32 21.93
CA SER D 387 -24.26 5.80 20.69
C SER D 387 -25.23 6.65 19.88
N PRO D 388 -25.68 7.81 20.41
CA PRO D 388 -26.64 8.60 19.66
C PRO D 388 -26.31 9.11 18.23
N LEU D 389 -25.05 9.03 17.78
CA LEU D 389 -24.74 9.55 16.45
C LEU D 389 -24.19 8.45 15.50
N ALA D 390 -24.33 7.21 15.92
CA ALA D 390 -23.84 6.07 15.15
C ALA D 390 -25.00 5.30 14.56
N LYS D 391 -24.77 4.69 13.40
CA LYS D 391 -25.80 3.95 12.69
C LYS D 391 -25.96 2.55 13.31
N LYS D 392 -27.18 2.11 13.52
CA LYS D 392 -27.44 0.74 14.05
C LYS D 392 -26.79 -0.39 13.21
N ASN D 393 -26.32 -1.47 13.85
CA ASN D 393 -25.76 -2.56 13.05
C ASN D 393 -26.97 -3.11 12.34
N PRO D 394 -26.83 -3.41 11.04
CA PRO D 394 -28.07 -3.91 10.41
C PRO D 394 -28.60 -5.29 10.85
N ASP D 395 -27.71 -6.22 11.19
CA ASP D 395 -28.18 -7.53 11.60
C ASP D 395 -28.76 -7.55 13.01
N ASP D 396 -28.30 -6.70 13.93
CA ASP D 396 -28.85 -6.68 15.27
C ASP D 396 -28.76 -5.26 15.78
N PRO D 397 -29.80 -4.43 15.50
CA PRO D 397 -29.88 -3.01 15.91
C PRO D 397 -29.83 -2.75 17.36
N ARG D 398 -29.71 -3.78 18.20
CA ARG D 398 -29.51 -3.42 19.63
C ARG D 398 -28.13 -2.78 19.71
N PHE D 399 -27.24 -3.06 18.72
CA PHE D 399 -25.90 -2.54 18.79
C PHE D 399 -25.60 -1.69 17.58
N THR D 400 -24.53 -0.89 17.64
CA THR D 400 -24.19 0.00 16.53
C THR D 400 -22.89 -0.32 15.88
N ASP D 401 -22.70 0.20 14.68
CA ASP D 401 -21.47 -0.03 14.01
C ASP D 401 -20.48 1.05 14.48
N ARG D 402 -20.07 0.90 15.74
CA ARG D 402 -19.15 1.81 16.42
C ARG D 402 -18.00 0.99 17.06
N PHE D 403 -16.87 1.67 17.29
CA PHE D 403 -15.74 1.04 17.99
C PHE D 403 -15.02 2.07 18.83
N GLU D 404 -14.29 1.62 19.84
CA GLU D 404 -13.44 2.51 20.63
C GLU D 404 -12.14 1.78 20.60
N LEU D 405 -11.05 2.52 20.55
CA LEU D 405 -9.70 1.95 20.52
C LEU D 405 -9.16 1.91 21.93
N PHE D 406 -8.85 0.71 22.44
CA PHE D 406 -8.23 0.61 23.75
C PHE D 406 -6.79 0.09 23.65
N ILE D 407 -5.88 0.70 24.42
CA ILE D 407 -4.48 0.29 24.50
C ILE D 407 -4.09 0.61 25.95
N VAL D 408 -3.28 -0.28 26.54
CA VAL D 408 -2.81 -0.14 27.93
C VAL D 408 -4.01 0.24 28.81
N GLY D 409 -5.12 -0.47 28.64
CA GLY D 409 -6.34 -0.23 29.41
C GLY D 409 -7.05 1.13 29.37
N ARG D 410 -6.85 1.91 28.30
CA ARG D 410 -7.43 3.25 28.24
C ARG D 410 -7.93 3.56 26.81
N GLU D 411 -9.03 4.29 26.76
CA GLU D 411 -9.63 4.64 25.50
C GLU D 411 -8.76 5.68 24.74
N HIS D 412 -8.33 5.33 23.54
CA HIS D 412 -7.51 6.27 22.76
C HIS D 412 -8.32 6.85 21.59
N ALA D 413 -9.35 6.14 21.16
CA ALA D 413 -10.13 6.66 20.04
C ALA D 413 -11.57 6.20 20.03
N ASN D 414 -12.41 6.96 19.33
CA ASN D 414 -13.84 6.64 19.23
C ASN D 414 -14.28 6.82 17.75
N ALA D 415 -15.09 5.91 17.21
CA ALA D 415 -15.44 6.02 15.78
C ALA D 415 -16.70 5.24 15.38
N PHE D 416 -17.32 5.66 14.28
CA PHE D 416 -18.47 4.95 13.81
C PHE D 416 -18.81 5.13 12.34
N THR D 417 -19.75 4.31 11.92
CA THR D 417 -20.33 4.36 10.59
C THR D 417 -21.35 5.43 11.02
N GLU D 418 -21.35 6.60 10.37
CA GLU D 418 -22.22 7.71 10.77
C GLU D 418 -23.70 7.56 10.53
N LEU D 419 -24.49 8.13 11.44
CA LEU D 419 -25.94 8.09 11.33
C LEU D 419 -26.27 9.25 10.41
N ASN D 420 -26.64 8.96 9.17
CA ASN D 420 -26.92 10.02 8.22
C ASN D 420 -28.40 10.16 7.93
N ASP D 421 -29.22 9.31 8.57
CA ASP D 421 -30.69 9.32 8.42
C ASP D 421 -31.19 10.34 9.42
N PRO D 422 -31.77 11.46 8.92
CA PRO D 422 -32.26 12.53 9.80
C PRO D 422 -33.44 12.26 10.65
N ILE D 423 -34.24 11.28 10.24
CA ILE D 423 -35.44 10.94 11.00
C ILE D 423 -35.01 10.18 12.23
N ASP D 424 -34.15 9.19 12.02
CA ASP D 424 -33.60 8.39 13.11
C ASP D 424 -32.75 9.36 14.02
N GLN D 425 -31.97 10.25 13.43
CA GLN D 425 -31.16 11.16 14.23
C GLN D 425 -32.03 11.97 15.12
N ARG D 426 -33.18 12.42 14.64
CA ARG D 426 -34.02 13.20 15.52
C ARG D 426 -34.52 12.31 16.64
N GLN D 427 -34.95 11.11 16.30
CA GLN D 427 -35.39 10.17 17.36
C GLN D 427 -34.31 9.99 18.42
N ARG D 428 -33.07 9.64 18.03
CA ARG D 428 -32.01 9.48 19.05
C ARG D 428 -31.97 10.71 19.96
N PHE D 429 -32.05 11.90 19.38
CA PHE D 429 -31.97 13.10 20.22
C PHE D 429 -33.11 13.14 21.26
N GLU D 430 -34.30 12.76 20.83
CA GLU D 430 -35.44 12.74 21.72
C GLU D 430 -35.22 11.75 22.82
N GLU D 431 -34.64 10.60 22.50
CA GLU D 431 -34.39 9.58 23.52
C GLU D 431 -33.40 10.15 24.48
N GLN D 432 -32.48 10.97 23.96
CA GLN D 432 -31.50 11.61 24.83
C GLN D 432 -32.19 12.58 25.78
N LEU D 433 -33.14 13.34 25.27
CA LEU D 433 -33.82 14.27 26.15
C LEU D 433 -34.56 13.55 27.27
N LYS D 434 -35.15 12.39 26.99
CA LYS D 434 -35.84 11.60 28.03
C LYS D 434 -34.85 11.11 29.09
N GLU D 435 -33.71 10.59 28.65
CA GLU D 435 -32.71 10.09 29.58
C GLU D 435 -32.30 11.24 30.44
N ARG D 436 -32.29 12.44 29.88
CA ARG D 436 -31.91 13.59 30.70
C ARG D 436 -32.94 13.89 31.76
N GLU D 437 -34.21 13.76 31.38
CA GLU D 437 -35.35 14.00 32.27
C GLU D 437 -35.30 12.95 33.38
N GLN D 438 -34.58 11.86 33.09
CA GLN D 438 -34.41 10.75 34.02
C GLN D 438 -33.08 10.81 34.80
N GLY D 439 -32.42 11.96 34.75
CA GLY D 439 -31.19 12.08 35.51
C GLY D 439 -29.86 11.93 34.83
N ASN D 440 -29.85 11.84 33.51
CA ASN D 440 -28.59 11.73 32.80
C ASN D 440 -28.24 13.12 32.25
N ASP D 441 -27.41 13.89 32.97
CA ASP D 441 -27.07 15.27 32.53
C ASP D 441 -25.98 15.34 31.51
N GLU D 442 -25.58 14.17 31.01
CA GLU D 442 -24.53 14.04 29.99
C GLU D 442 -25.22 13.84 28.65
N ALA D 443 -26.55 13.75 28.73
CA ALA D 443 -27.37 13.48 27.59
C ALA D 443 -27.11 14.50 26.48
N HIS D 444 -27.35 14.07 25.24
CA HIS D 444 -27.17 14.98 24.16
C HIS D 444 -28.32 16.01 24.12
N GLU D 445 -28.04 17.09 23.41
CA GLU D 445 -28.94 18.22 23.24
C GLU D 445 -29.51 18.23 21.81
N MET D 446 -30.74 18.70 21.68
CA MET D 446 -31.42 18.82 20.39
C MET D 446 -30.78 19.96 19.56
N ASP D 447 -30.29 19.63 18.37
CA ASP D 447 -29.64 20.63 17.51
C ASP D 447 -30.38 20.64 16.14
N GLU D 448 -31.38 21.54 16.04
CA GLU D 448 -32.21 21.63 14.84
C GLU D 448 -31.37 21.99 13.65
N ASP D 449 -30.37 22.78 13.93
CA ASP D 449 -29.50 23.18 12.88
C ASP D 449 -28.74 22.07 12.16
N PHE D 450 -28.18 21.18 12.97
CA PHE D 450 -27.44 20.04 12.49
C PHE D 450 -28.47 19.16 11.74
N LEU D 451 -29.64 19.01 12.32
CA LEU D 451 -30.66 18.17 11.71
C LEU D 451 -31.06 18.68 10.33
N GLU D 452 -31.22 19.98 10.20
CA GLU D 452 -31.56 20.61 8.91
C GLU D 452 -30.47 20.23 7.87
N ALA D 453 -29.23 20.33 8.33
CA ALA D 453 -28.09 20.01 7.57
C ALA D 453 -28.22 18.56 7.03
N LEU D 454 -28.48 17.60 7.88
CA LEU D 454 -28.68 16.20 7.43
C LEU D 454 -29.81 16.09 6.41
N GLU D 455 -30.86 16.92 6.55
CA GLU D 455 -31.98 16.84 5.60
C GLU D 455 -31.63 17.18 4.13
N TYR D 456 -30.48 17.78 3.94
CA TYR D 456 -30.05 18.08 2.59
C TYR D 456 -29.33 16.84 2.02
N GLY D 457 -29.02 15.90 2.92
CA GLY D 457 -28.40 14.67 2.49
C GLY D 457 -26.94 14.54 2.77
N MET D 458 -26.61 13.70 3.77
CA MET D 458 -25.21 13.41 4.08
C MET D 458 -24.92 12.02 3.49
N PRO D 459 -23.86 11.87 2.71
CA PRO D 459 -23.62 10.50 2.19
C PRO D 459 -23.19 9.52 3.28
N PRO D 460 -23.23 8.19 2.99
CA PRO D 460 -22.79 7.24 4.01
C PRO D 460 -21.36 7.70 4.33
N THR D 461 -21.01 7.65 5.62
CA THR D 461 -19.75 8.19 6.09
C THR D 461 -19.15 7.48 7.27
N GLY D 462 -17.82 7.42 7.27
CA GLY D 462 -17.07 6.86 8.41
C GLY D 462 -16.37 8.04 9.14
N GLY D 463 -16.53 8.13 10.48
CA GLY D 463 -15.95 9.19 11.29
C GLY D 463 -15.03 8.66 12.38
N LEU D 464 -14.10 9.49 12.85
CA LEU D 464 -13.08 9.10 13.81
C LEU D 464 -12.66 10.27 14.74
N GLY D 465 -12.46 9.98 16.02
CA GLY D 465 -11.97 10.95 17.00
C GLY D 465 -10.76 10.30 17.71
N ILE D 466 -9.61 10.96 17.77
CA ILE D 466 -8.44 10.35 18.45
C ILE D 466 -7.94 11.31 19.51
N GLY D 467 -7.81 10.87 20.76
CA GLY D 467 -7.31 11.79 21.80
C GLY D 467 -5.84 11.97 21.49
N VAL D 468 -5.45 13.09 20.92
CA VAL D 468 -4.06 13.29 20.61
C VAL D 468 -3.14 13.27 21.81
N ASP D 469 -3.53 13.95 22.89
CA ASP D 469 -2.62 13.88 24.05
C ASP D 469 -2.42 12.42 24.51
N ARG D 470 -3.50 11.62 24.43
CA ARG D 470 -3.38 10.23 24.93
C ARG D 470 -2.46 9.49 24.06
N LEU D 471 -2.45 9.79 22.77
CA LEU D 471 -1.56 9.09 21.86
C LEU D 471 -0.13 9.48 22.18
N VAL D 472 0.03 10.77 22.50
CA VAL D 472 1.38 11.24 22.80
C VAL D 472 1.87 10.58 24.10
N MET D 473 0.97 10.36 25.08
CA MET D 473 1.41 9.77 26.31
C MET D 473 1.98 8.40 25.98
N LEU D 474 1.19 7.67 25.24
CA LEU D 474 1.52 6.29 24.83
C LEU D 474 2.88 6.16 24.16
N LEU D 475 3.12 7.02 23.18
CA LEU D 475 4.38 6.95 22.45
C LEU D 475 5.52 7.69 23.18
N THR D 476 5.30 8.26 24.35
CA THR D 476 6.42 8.86 25.06
C THR D 476 6.56 8.22 26.42
N ASN D 477 5.78 7.19 26.70
CA ASN D 477 5.81 6.52 28.00
C ASN D 477 5.60 7.53 29.14
N SER D 478 4.60 8.39 28.98
CA SER D 478 4.23 9.37 29.99
C SER D 478 3.07 8.75 30.70
N PRO D 479 3.09 8.71 32.04
CA PRO D 479 1.99 8.13 32.83
C PRO D 479 0.81 9.08 33.03
N SER D 480 1.03 10.39 32.93
CA SER D 480 -0.09 11.30 33.11
C SER D 480 -0.20 12.22 31.89
N ILE D 481 -1.40 12.67 31.58
CA ILE D 481 -1.59 13.57 30.47
C ILE D 481 -0.80 14.84 30.87
N ARG D 482 -0.70 15.14 32.17
CA ARG D 482 0.03 16.36 32.58
C ARG D 482 1.52 16.32 32.17
N ASP D 483 2.04 15.14 31.88
CA ASP D 483 3.38 15.04 31.41
C ASP D 483 3.47 15.46 29.92
N VAL D 484 2.37 15.46 29.17
CA VAL D 484 2.46 15.85 27.77
C VAL D 484 1.81 17.23 27.38
N LEU D 485 1.28 17.96 28.35
CA LEU D 485 0.73 19.32 28.10
C LEU D 485 1.82 20.26 28.65
N LEU D 486 2.13 21.34 27.96
CA LEU D 486 3.19 22.18 28.46
C LEU D 486 2.68 22.86 29.71
N PHE D 487 1.42 23.29 29.74
CA PHE D 487 0.83 23.97 30.92
C PHE D 487 -0.52 23.34 31.30
N PRO D 488 -0.48 22.18 31.98
CA PRO D 488 -1.73 21.54 32.36
C PRO D 488 -2.53 22.36 33.31
N GLN D 489 -3.85 22.20 33.20
CA GLN D 489 -4.74 22.93 34.08
C GLN D 489 -4.32 22.70 35.57
N MET D 490 -4.10 23.81 36.29
CA MET D 490 -3.72 23.75 37.69
C MET D 490 -4.93 24.01 38.56
N ARG D 491 -4.91 23.42 39.76
CA ARG D 491 -6.00 23.59 40.71
C ARG D 491 -5.72 24.88 41.44
N HIS D 492 -6.62 25.85 41.30
CA HIS D 492 -6.42 27.15 41.91
C HIS D 492 -4.92 27.48 42.11
MG MG E . -16.33 -21.16 -20.74
NZ KAA F . -12.48 -29.53 -22.77
CE KAA F . -13.23 -28.95 -21.64
CD KAA F . -12.95 -27.44 -21.53
CG KAA F . -11.47 -27.17 -21.27
CB KAA F . -11.14 -25.67 -21.19
CA KAA F . -11.35 -24.90 -22.49
N KAA F . -10.30 -25.26 -23.44
C KAA F . -11.22 -23.42 -22.13
O KAA F . -10.29 -22.75 -22.56
N8 KAA F . -12.34 -22.88 -21.65
S1 KAA F . -12.34 -21.36 -21.06
O1S KAA F . -12.30 -20.45 -22.23
O2S KAA F . -13.57 -21.11 -20.23
O5' KAA F . -11.14 -21.07 -20.33
C5' KAA F . -10.92 -21.64 -19.03
C4' KAA F . -10.97 -20.65 -17.87
O4' KAA F . -9.83 -19.78 -17.89
C3' KAA F . -12.19 -19.74 -17.75
O3' KAA F . -13.23 -20.45 -17.07
C2' KAA F . -11.66 -18.65 -16.82
O2' KAA F . -11.77 -19.01 -15.43
C1' KAA F . -10.17 -18.56 -17.19
N9 KAA F . -9.86 -17.45 -18.12
C8 KAA F . -10.21 -17.37 -19.39
N7 KAA F . -9.71 -16.25 -19.92
C5 KAA F . -9.04 -15.61 -18.97
C4 KAA F . -9.13 -16.38 -17.82
N3 KAA F . -8.53 -15.95 -16.69
C2 KAA F . -7.86 -14.81 -16.65
N1 KAA F . -7.76 -14.05 -17.74
C6 KAA F . -8.33 -14.41 -18.90
N6 KAA F . -8.25 -13.62 -19.96
MG MG G . 25.16 -19.51 -21.24
NZ KAA H . 21.27 -14.65 -14.14
CE KAA H . 22.09 -15.86 -14.25
CD KAA H . 21.79 -16.62 -15.55
CG KAA H . 20.33 -17.03 -15.65
CB KAA H . 19.96 -17.67 -16.99
CA KAA H . 19.95 -16.68 -18.15
N KAA H . 18.79 -15.78 -18.00
C KAA H . 19.74 -17.51 -19.42
O KAA H . 18.78 -17.32 -20.17
N8 KAA H . 20.85 -18.16 -19.77
S1 KAA H . 20.88 -19.23 -20.99
O1S KAA H . 20.74 -18.50 -22.28
O2S KAA H . 22.20 -19.95 -20.92
O5' KAA H . 19.76 -20.14 -20.98
C5' KAA H . 19.69 -21.10 -19.92
C4' KAA H . 19.67 -22.56 -20.42
O4' KAA H . 18.54 -22.80 -21.26
C3' KAA H . 20.88 -22.88 -21.30
O3' KAA H . 22.02 -23.17 -20.48
C2' KAA H . 20.38 -24.14 -22.01
O2' KAA H . 20.62 -25.33 -21.25
C1' KAA H . 18.88 -23.87 -22.16
N9 KAA H . 18.51 -23.37 -23.50
C8 KAA H . 18.79 -22.18 -24.04
N7 KAA H . 18.22 -22.12 -25.25
C5 KAA H . 17.59 -23.27 -25.48
C4 KAA H . 17.78 -24.07 -24.36
N3 KAA H . 17.25 -25.30 -24.31
C2 KAA H . 16.53 -25.77 -25.32
N1 KAA H . 16.33 -25.04 -26.40
C6 KAA H . 16.82 -23.79 -26.51
N6 KAA H . 16.53 -23.08 -27.59
MG MG I . -1.27 45.27 16.77
NZ KAA J . 4.87 39.90 21.23
CE KAA J . 4.74 40.37 19.84
CD KAA J . 3.27 40.51 19.47
CG KAA J . 2.57 39.14 19.41
CB KAA J . 1.08 39.27 19.05
CA KAA J . 0.24 39.93 20.14
N KAA J . 0.17 39.07 21.33
C KAA J . -1.15 40.16 19.54
O KAA J . -2.14 39.56 19.96
N8 KAA J . -1.20 41.25 18.80
S1 KAA J . -2.52 41.63 17.93
O1S KAA J . -3.54 42.12 18.92
O2S KAA J . -2.22 42.66 16.90
O5' KAA J . -3.12 40.47 17.33
C5' KAA J . -2.42 39.84 16.25
C4' KAA J . -3.15 39.90 14.91
O4' KAA J . -4.38 39.16 14.97
C3' KAA J . -3.58 41.30 14.44
O3' KAA J . -2.47 41.92 13.78
C2' KAA J . -4.63 40.94 13.39
O2' KAA J . -4.01 40.63 12.14
C1' KAA J . -5.27 39.66 13.95
N9 KAA J . -6.56 39.88 14.64
C8 KAA J . -6.73 40.50 15.81
N7 KAA J . -8.00 40.43 16.17
C5 KAA J . -8.67 39.77 15.22
C4 KAA J . -7.75 39.43 14.24
N3 KAA J . -8.17 38.73 13.17
C2 KAA J . -9.44 38.38 13.03
N1 KAA J . -10.33 38.69 13.97
C6 KAA J . -9.99 39.39 15.05
N6 KAA J . -10.92 39.79 15.92
MG MG K . -15.99 7.06 23.19
NZ KAA L . -18.40 10.58 14.80
CE KAA L . -17.46 9.54 15.25
CD KAA L . -16.85 9.91 16.61
CG KAA L . -16.09 11.23 16.53
CB KAA L . -15.52 11.61 17.90
CA KAA L . -16.60 12.13 18.85
N KAA L . -17.06 13.42 18.34
C KAA L . -15.92 12.33 20.21
O KAA L . -15.92 13.44 20.75
N8 KAA L . -15.75 11.20 20.88
S1 KAA L . -14.88 11.08 22.26
O1S KAA L . -15.67 11.73 23.36
O2S KAA L . -14.65 9.63 22.51
O5' KAA L . -13.66 11.84 22.26
C5' KAA L . -12.56 11.40 21.46
C4' KAA L . -11.27 11.13 22.26
O4' KAA L . -10.80 12.29 22.98
C3' KAA L . -11.46 10.08 23.35
O3' KAA L . -11.41 8.76 22.77
C2' KAA L . -10.22 10.32 24.20
O2' KAA L . -9.09 9.63 23.65
C1' KAA L . -10.02 11.84 24.09
N9 KAA L . -10.55 12.59 25.25
C8 KAA L . -11.84 12.76 25.56
N7 KAA L . -11.93 13.57 26.61
C5 KAA L . -10.69 13.90 26.98
C4 KAA L . -9.81 13.27 26.12
N3 KAA L . -8.49 13.45 26.25
C2 KAA L . -8.00 14.22 27.19
N1 KAA L . -8.81 14.86 28.03
C6 KAA L . -10.14 14.74 27.96
N6 KAA L . -10.93 15.50 28.72
#